data_9G6I
#
_entry.id   9G6I
#
_cell.length_a   95.340
_cell.length_b   124.000
_cell.length_c   127.840
_cell.angle_alpha   90.000
_cell.angle_beta   91.160
_cell.angle_gamma   90.000
#
_symmetry.space_group_name_H-M   'P 1 21 1'
#
loop_
_entity.id
_entity.type
_entity.pdbx_description
1 polymer 'ATP-dependent Clp protease proteolytic subunit'
2 non-polymer 'ACETATE ION'
3 non-polymer N-[(1R)-1-(DIHYDROXYBORYL)-3-METHYLBUTYL]-N-(PYRAZIN-2-YLCARBONYL)-L-PHENYLALANINAMIDE
4 water water
#
_entity_poly.entity_id   1
_entity_poly.type   'polypeptide(L)'
_entity_poly.pdbx_seq_one_letter_code
;MNLIPTVIETTNRGERAYDIYSRLLKDRIIMLGSQIDDNVANSIVSQLLFLQAQDSEKDIYLYINSPGGSVTAGFAIYDT
IQHIKPDVQTICIGMAASMGSFLLAAGAKGKRFALPNAEVMIHQPLGGAQGQATEIEIAANHILKTREKLNRILSERTGQ
SIEKIQQDTDRDNFLTAAEAKEYGLIDEVMEPEHHHHHH
;
_entity_poly.pdbx_strand_id   A,B,C,D,E,F,G,H,I,J,K,L,M,N
#
# COMPACT_ATOMS: atom_id res chain seq x y z
N ILE A 4 29.53 12.64 -10.22
CA ILE A 4 30.21 11.53 -9.55
C ILE A 4 31.70 11.27 -9.81
N PRO A 5 32.31 11.77 -10.88
CA PRO A 5 33.68 11.35 -11.15
C PRO A 5 34.71 12.00 -10.21
N THR A 6 35.86 11.35 -10.19
CA THR A 6 36.96 11.69 -9.30
C THR A 6 38.14 12.20 -10.13
N VAL A 7 38.87 13.18 -9.59
CA VAL A 7 40.02 13.78 -10.29
C VAL A 7 41.28 13.59 -9.44
N ALA A 17 42.81 13.10 -4.12
CA ALA A 17 41.58 12.73 -4.80
C ALA A 17 40.44 13.69 -4.48
N TYR A 18 39.75 14.17 -5.51
CA TYR A 18 38.62 15.09 -5.40
C TYR A 18 37.46 14.50 -6.18
N ASP A 19 36.24 14.69 -5.70
CA ASP A 19 35.17 14.56 -6.68
C ASP A 19 35.15 15.81 -7.58
N ILE A 20 34.40 15.75 -8.68
CA ILE A 20 34.49 16.84 -9.66
C ILE A 20 34.11 18.19 -9.03
N TYR A 21 33.14 18.19 -8.10
CA TYR A 21 32.69 19.43 -7.49
C TYR A 21 33.71 19.99 -6.52
N SER A 22 34.36 19.10 -5.73
CA SER A 22 35.44 19.53 -4.86
C SER A 22 36.59 20.09 -5.68
N ARG A 23 36.85 19.50 -6.85
CA ARG A 23 37.91 20.00 -7.70
C ARG A 23 37.60 21.41 -8.21
N LEU A 24 36.34 21.68 -8.59
CA LEU A 24 35.95 23.02 -9.00
C LEU A 24 35.99 24.01 -7.83
N LEU A 25 35.64 23.56 -6.63
CA LEU A 25 35.68 24.44 -5.47
C LEU A 25 37.10 24.96 -5.21
N LYS A 26 38.11 24.15 -5.53
CA LYS A 26 39.50 24.60 -5.41
C LYS A 26 39.76 25.85 -6.24
N ASP A 27 39.00 26.03 -7.32
CA ASP A 27 39.07 27.21 -8.17
C ASP A 27 37.97 28.24 -7.89
N ARG A 28 37.36 28.17 -6.70
CA ARG A 28 36.37 29.12 -6.20
C ARG A 28 35.05 29.06 -6.99
N ILE A 29 34.72 27.88 -7.50
CA ILE A 29 33.46 27.67 -8.21
C ILE A 29 32.54 26.82 -7.35
N ILE A 30 31.31 27.31 -7.13
CA ILE A 30 30.30 26.59 -6.38
C ILE A 30 29.18 26.27 -7.34
N MET A 31 28.69 25.03 -7.32
CA MET A 31 27.62 24.61 -8.22
C MET A 31 26.35 24.43 -7.39
N LEU A 32 25.34 25.24 -7.68
CA LEU A 32 24.00 25.05 -7.11
C LEU A 32 23.14 24.44 -8.20
N GLY A 33 22.90 23.14 -8.12
CA GLY A 33 22.25 22.45 -9.19
C GLY A 33 21.08 21.58 -8.74
N SER A 34 20.33 22.06 -7.77
CA SER A 34 19.21 21.29 -7.26
C SER A 34 18.21 22.26 -6.64
N GLN A 35 17.11 21.71 -6.17
CA GLN A 35 16.19 22.44 -5.32
C GLN A 35 16.91 22.94 -4.06
N ILE A 36 16.44 24.06 -3.55
CA ILE A 36 17.06 24.74 -2.40
C ILE A 36 16.32 24.34 -1.14
N ASP A 37 16.97 23.57 -0.28
CA ASP A 37 16.40 23.24 1.01
C ASP A 37 17.46 23.53 2.08
N ASP A 38 17.16 23.21 3.33
CA ASP A 38 18.09 23.55 4.41
C ASP A 38 19.44 22.84 4.21
N ASN A 39 19.42 21.59 3.75
CA ASN A 39 20.69 20.86 3.53
C ASN A 39 21.53 21.50 2.44
N VAL A 40 20.90 21.86 1.32
CA VAL A 40 21.61 22.51 0.23
C VAL A 40 22.15 23.86 0.67
N ALA A 41 21.33 24.64 1.38
CA ALA A 41 21.79 25.94 1.85
C ALA A 41 22.95 25.79 2.83
N ASN A 42 22.87 24.81 3.73
CA ASN A 42 23.96 24.56 4.67
C ASN A 42 25.25 24.28 3.92
N SER A 43 25.17 23.51 2.84
CA SER A 43 26.35 23.20 2.05
C SER A 43 26.88 24.45 1.34
N ILE A 44 26.00 25.21 0.67
CA ILE A 44 26.42 26.39 -0.08
C ILE A 44 27.01 27.44 0.86
N VAL A 45 26.33 27.69 1.99
CA VAL A 45 26.83 28.67 2.97
C VAL A 45 28.21 28.26 3.46
N SER A 46 28.39 26.98 3.78
CA SER A 46 29.69 26.51 4.25
C SER A 46 30.77 26.68 3.18
N GLN A 47 30.43 26.44 1.90
CA GLN A 47 31.40 26.65 0.83
C GLN A 47 31.79 28.13 0.69
N LEU A 48 30.80 29.02 0.79
CA LEU A 48 31.07 30.46 0.75
C LEU A 48 31.96 30.89 1.89
N LEU A 49 31.68 30.39 3.11
CA LEU A 49 32.52 30.74 4.25
C LEU A 49 33.92 30.21 4.10
N PHE A 50 34.05 28.99 3.59
CA PHE A 50 35.37 28.41 3.37
C PHE A 50 36.17 29.22 2.35
N LEU A 51 35.52 29.60 1.25
CA LEU A 51 36.22 30.38 0.22
C LEU A 51 36.65 31.75 0.74
N GLN A 52 35.82 32.40 1.54
CA GLN A 52 36.22 33.68 2.11
C GLN A 52 37.45 33.51 3.01
N ALA A 53 37.48 32.44 3.80
CA ALA A 53 38.61 32.19 4.70
C ALA A 53 39.89 31.89 3.92
N GLN A 54 39.77 31.25 2.75
CA GLN A 54 40.94 30.99 1.91
C GLN A 54 41.50 32.27 1.31
N ASP A 55 40.63 33.16 0.85
CA ASP A 55 41.03 34.42 0.21
C ASP A 55 39.82 35.34 0.32
N SER A 56 39.95 36.39 1.13
CA SER A 56 38.80 37.26 1.39
C SER A 56 38.56 38.28 0.29
N GLU A 57 39.42 38.33 -0.72
CA GLU A 57 39.29 39.31 -1.79
C GLU A 57 38.87 38.73 -3.12
N LYS A 58 39.31 37.50 -3.46
CA LYS A 58 39.10 37.00 -4.81
C LYS A 58 37.65 36.65 -5.09
N ASP A 59 37.23 36.88 -6.31
CA ASP A 59 35.84 36.57 -6.67
C ASP A 59 35.50 35.09 -6.44
N ILE A 60 34.21 34.86 -6.22
CA ILE A 60 33.60 33.53 -6.15
C ILE A 60 32.61 33.42 -7.30
N TYR A 61 32.50 32.23 -7.88
CA TYR A 61 31.59 31.96 -9.00
C TYR A 61 30.52 30.98 -8.55
N LEU A 62 29.28 31.40 -8.58
CA LEU A 62 28.15 30.55 -8.17
C LEU A 62 27.33 30.26 -9.41
N TYR A 63 27.42 29.01 -9.90
CA TYR A 63 26.56 28.56 -10.99
C TYR A 63 25.21 28.13 -10.43
N ILE A 64 24.15 28.49 -11.16
CA ILE A 64 22.79 28.26 -10.68
C ILE A 64 22.01 27.55 -11.78
N ASN A 65 21.56 26.34 -11.47
CA ASN A 65 20.57 25.61 -12.27
C ASN A 65 19.64 25.01 -11.23
N SER A 66 18.55 25.73 -10.92
CA SER A 66 17.73 25.37 -9.76
C SER A 66 16.27 25.70 -9.99
N PRO A 67 15.36 24.81 -9.60
CA PRO A 67 13.92 25.12 -9.69
C PRO A 67 13.40 25.97 -8.54
N GLY A 68 14.25 26.31 -7.59
CA GLY A 68 13.80 27.09 -6.43
C GLY A 68 13.76 26.21 -5.20
N GLY A 69 12.94 26.62 -4.24
CA GLY A 69 12.82 25.83 -3.04
C GLY A 69 12.42 26.74 -1.89
N SER A 70 12.91 26.39 -0.71
CA SER A 70 12.53 27.07 0.53
C SER A 70 13.00 28.53 0.57
N VAL A 71 12.10 29.43 0.96
CA VAL A 71 12.46 30.84 1.05
C VAL A 71 13.50 31.08 2.12
N THR A 72 13.33 30.49 3.31
CA THR A 72 14.30 30.75 4.37
C THR A 72 15.65 30.14 4.05
N ALA A 73 15.65 28.95 3.44
CA ALA A 73 16.92 28.36 3.00
C ALA A 73 17.57 29.26 1.95
N GLY A 74 16.78 29.78 1.00
CA GLY A 74 17.35 30.72 0.06
C GLY A 74 17.92 31.96 0.71
N PHE A 75 17.27 32.44 1.78
CA PHE A 75 17.80 33.65 2.44
C PHE A 75 19.05 33.35 3.25
N ALA A 76 19.25 32.11 3.73
CA ALA A 76 20.54 31.77 4.33
C ALA A 76 21.66 32.00 3.33
N ILE A 77 21.44 31.58 2.07
CA ILE A 77 22.43 31.79 1.03
C ILE A 77 22.53 33.27 0.69
N TYR A 78 21.37 33.92 0.47
CA TYR A 78 21.35 35.32 0.10
C TYR A 78 22.13 36.17 1.08
N ASP A 79 21.84 36.03 2.37
CA ASP A 79 22.49 36.87 3.37
C ASP A 79 23.96 36.56 3.48
N THR A 80 24.36 35.30 3.27
CA THR A 80 25.78 34.97 3.29
C THR A 80 26.50 35.60 2.11
N ILE A 81 25.90 35.58 0.92
CA ILE A 81 26.50 36.28 -0.22
C ILE A 81 26.75 37.75 0.12
N GLN A 82 25.75 38.40 0.72
CA GLN A 82 25.90 39.83 0.97
C GLN A 82 26.85 40.12 2.13
N HIS A 83 27.01 39.15 3.04
CA HIS A 83 27.83 39.35 4.21
C HIS A 83 29.31 39.25 3.90
N ILE A 84 29.71 38.28 3.08
CA ILE A 84 31.14 37.98 2.92
C ILE A 84 31.84 39.08 2.12
N LYS A 85 33.16 39.16 2.31
CA LYS A 85 33.93 40.19 1.61
C LYS A 85 34.03 39.96 0.11
N PRO A 86 34.32 38.75 -0.41
CA PRO A 86 34.41 38.57 -1.86
C PRO A 86 33.11 38.87 -2.61
N ASP A 87 33.25 39.39 -3.83
CA ASP A 87 32.14 39.40 -4.78
C ASP A 87 31.77 37.98 -5.16
N VAL A 88 30.48 37.71 -5.28
CA VAL A 88 30.01 36.42 -5.77
C VAL A 88 29.37 36.64 -7.14
N GLN A 89 29.98 36.13 -8.19
CA GLN A 89 29.37 36.17 -9.50
C GLN A 89 28.31 35.08 -9.58
N THR A 90 27.20 35.36 -10.24
CA THR A 90 26.18 34.34 -10.42
C THR A 90 26.04 34.07 -11.92
N ILE A 91 25.93 32.79 -12.27
CA ILE A 91 25.88 32.37 -13.67
C ILE A 91 24.74 31.36 -13.81
N CYS A 92 23.68 31.75 -14.51
CA CYS A 92 22.55 30.87 -14.70
C CYS A 92 22.79 29.98 -15.92
N ILE A 93 22.71 28.67 -15.71
CA ILE A 93 22.73 27.68 -16.78
C ILE A 93 21.45 26.85 -16.65
N GLY A 94 20.82 26.58 -17.78
CA GLY A 94 19.63 25.76 -17.72
C GLY A 94 18.43 26.57 -17.29
N MET A 95 18.21 26.67 -15.98
CA MET A 95 17.03 27.37 -15.49
C MET A 95 17.30 27.90 -14.10
N ALA A 96 16.88 29.13 -13.86
CA ALA A 96 16.86 29.69 -12.51
C ALA A 96 15.41 30.12 -12.26
N ALA A 97 14.67 29.32 -11.48
CA ALA A 97 13.27 29.59 -11.22
C ALA A 97 13.06 29.89 -9.74
N SER A 98 12.12 30.79 -9.48
CA SER A 98 11.62 31.02 -8.11
C SER A 98 12.79 31.46 -7.23
N MET A 99 13.06 30.79 -6.10
CA MET A 99 14.17 31.24 -5.27
C MET A 99 15.49 31.14 -6.02
N GLY A 100 15.57 30.31 -7.05
CA GLY A 100 16.77 30.29 -7.90
C GLY A 100 16.99 31.58 -8.67
N SER A 101 15.92 32.18 -9.19
CA SER A 101 16.08 33.47 -9.87
C SER A 101 16.32 34.59 -8.87
N PHE A 102 15.79 34.46 -7.65
CA PHE A 102 16.10 35.43 -6.63
C PHE A 102 17.61 35.41 -6.31
N LEU A 103 18.19 34.22 -6.17
CA LEU A 103 19.63 34.18 -5.91
C LEU A 103 20.46 34.62 -7.12
N LEU A 104 20.01 34.32 -8.34
CA LEU A 104 20.71 34.82 -9.51
C LEU A 104 20.81 36.36 -9.48
N ALA A 105 19.70 37.02 -9.15
CA ALA A 105 19.68 38.48 -9.08
C ALA A 105 20.49 39.02 -7.94
N ALA A 106 20.83 38.17 -6.97
CA ALA A 106 21.56 38.58 -5.78
C ALA A 106 23.07 38.61 -5.96
N GLY A 107 23.58 38.16 -7.09
CA GLY A 107 25.02 38.21 -7.32
C GLY A 107 25.54 39.64 -7.38
N ALA A 108 26.85 39.77 -7.29
CA ALA A 108 27.49 41.09 -7.32
C ALA A 108 27.06 41.89 -8.56
N LYS A 109 26.69 43.15 -8.35
CA LYS A 109 26.22 43.97 -9.46
C LYS A 109 27.30 44.10 -10.54
N GLY A 110 26.91 43.86 -11.78
CA GLY A 110 27.85 43.77 -12.88
C GLY A 110 28.38 42.37 -13.16
N LYS A 111 28.14 41.41 -12.26
CA LYS A 111 28.70 40.08 -12.39
C LYS A 111 27.59 39.03 -12.31
N ARG A 112 26.41 39.37 -12.81
CA ARG A 112 25.28 38.46 -12.89
C ARG A 112 25.03 38.11 -14.34
N PHE A 113 25.11 36.82 -14.67
CA PHE A 113 25.13 36.34 -16.04
C PHE A 113 24.10 35.23 -16.25
N ALA A 114 23.70 35.07 -17.51
CA ALA A 114 22.97 33.89 -17.95
C ALA A 114 23.54 33.47 -19.30
N LEU A 115 23.61 32.17 -19.52
CA LEU A 115 23.98 31.64 -20.81
C LEU A 115 22.82 31.86 -21.78
N PRO A 116 23.11 31.84 -23.10
CA PRO A 116 22.14 32.38 -24.07
C PRO A 116 20.80 31.68 -24.06
N ASN A 117 20.78 30.37 -23.78
CA ASN A 117 19.54 29.60 -23.79
C ASN A 117 19.05 29.26 -22.40
N ALA A 118 19.65 29.85 -21.38
CA ALA A 118 19.17 29.66 -20.03
C ALA A 118 17.86 30.38 -19.85
N GLU A 119 17.02 29.84 -18.98
CA GLU A 119 15.69 30.38 -18.71
C GLU A 119 15.62 30.90 -17.28
N VAL A 120 14.83 31.94 -17.08
CA VAL A 120 14.62 32.54 -15.76
C VAL A 120 13.11 32.59 -15.53
N MET A 121 12.66 32.21 -14.33
CA MET A 121 11.24 32.30 -14.04
C MET A 121 11.07 32.95 -12.69
N ILE A 122 10.13 33.88 -12.59
CA ILE A 122 9.83 34.55 -11.34
C ILE A 122 8.35 34.35 -11.04
N HIS A 123 8.01 34.22 -9.75
CA HIS A 123 6.62 34.11 -9.31
C HIS A 123 6.57 34.38 -7.80
N GLN A 124 5.37 34.37 -7.26
CA GLN A 124 5.22 34.66 -5.86
C GLN A 124 5.38 33.40 -5.03
N PRO A 125 5.64 33.52 -3.73
CA PRO A 125 5.83 32.33 -2.89
C PRO A 125 4.55 31.51 -2.74
N LEU A 126 4.74 30.23 -2.46
CA LEU A 126 3.68 29.25 -2.24
C LEU A 126 3.82 28.68 -0.83
N GLY A 127 2.71 28.22 -0.29
CA GLY A 127 2.77 27.61 1.02
C GLY A 127 1.46 26.94 1.36
N GLY A 128 1.30 26.67 2.65
CA GLY A 128 0.08 26.02 3.10
C GLY A 128 -0.17 26.47 4.52
N ALA A 129 -1.41 26.26 4.95
CA ALA A 129 -1.81 26.62 6.30
C ALA A 129 -2.94 25.69 6.70
N GLN A 130 -2.93 25.23 7.95
CA GLN A 130 -3.99 24.35 8.41
C GLN A 130 -4.22 24.60 9.89
N GLY A 131 -5.48 24.51 10.32
CA GLY A 131 -5.76 24.63 11.73
C GLY A 131 -6.88 25.61 12.00
N GLN A 132 -6.87 26.20 13.19
CA GLN A 132 -7.88 27.19 13.58
C GLN A 132 -7.77 28.44 12.71
N ALA A 133 -8.89 29.17 12.63
CA ALA A 133 -8.90 30.44 11.90
C ALA A 133 -7.76 31.36 12.36
N THR A 134 -7.49 31.40 13.67
CA THR A 134 -6.42 32.23 14.19
C THR A 134 -5.07 31.79 13.63
N GLU A 135 -4.85 30.48 13.53
CA GLU A 135 -3.60 29.94 13.02
C GLU A 135 -3.46 30.18 11.52
N ILE A 136 -4.57 30.11 10.79
CA ILE A 136 -4.52 30.38 9.36
C ILE A 136 -4.18 31.85 9.12
N GLU A 137 -4.72 32.74 9.94
CA GLU A 137 -4.42 34.16 9.85
C GLU A 137 -2.94 34.42 10.11
N ILE A 138 -2.37 33.77 11.12
CA ILE A 138 -0.94 33.93 11.39
C ILE A 138 -0.09 33.45 10.22
N ALA A 139 -0.45 32.30 9.65
CA ALA A 139 0.30 31.78 8.52
C ALA A 139 0.15 32.66 7.29
N ALA A 140 -1.04 33.19 7.06
CA ALA A 140 -1.25 34.08 5.92
C ALA A 140 -0.45 35.37 6.06
N ASN A 141 -0.49 35.99 7.25
CA ASN A 141 0.27 37.22 7.47
C ASN A 141 1.75 36.97 7.23
N HIS A 142 2.22 35.79 7.65
CA HIS A 142 3.64 35.47 7.52
C HIS A 142 4.04 35.32 6.05
N ILE A 143 3.23 34.61 5.25
CA ILE A 143 3.62 34.44 3.84
C ILE A 143 3.48 35.78 3.08
N LEU A 144 2.52 36.62 3.47
CA LEU A 144 2.41 37.94 2.84
C LEU A 144 3.60 38.83 3.19
N LYS A 145 4.05 38.81 4.45
CA LYS A 145 5.23 39.60 4.82
C LYS A 145 6.47 39.07 4.13
N THR A 146 6.56 37.74 3.97
CA THR A 146 7.65 37.12 3.22
C THR A 146 7.64 37.57 1.75
N ARG A 147 6.46 37.61 1.13
CA ARG A 147 6.38 38.09 -0.25
C ARG A 147 6.80 39.56 -0.36
N GLU A 148 6.35 40.42 0.56
CA GLU A 148 6.76 41.81 0.55
C GLU A 148 8.27 41.96 0.68
N LYS A 149 8.89 41.11 1.51
CA LYS A 149 10.34 41.14 1.70
C LYS A 149 11.08 40.77 0.43
N LEU A 150 10.62 39.71 -0.24
CA LEU A 150 11.20 39.28 -1.50
C LEU A 150 11.05 40.36 -2.57
N ASN A 151 9.87 40.95 -2.66
CA ASN A 151 9.61 41.96 -3.70
C ASN A 151 10.43 43.22 -3.48
N ARG A 152 10.58 43.64 -2.21
CA ARG A 152 11.36 44.83 -1.92
C ARG A 152 12.82 44.65 -2.34
N ILE A 153 13.39 43.48 -2.03
CA ILE A 153 14.76 43.19 -2.40
C ILE A 153 14.89 43.08 -3.92
N LEU A 154 13.94 42.40 -4.58
CA LEU A 154 14.03 42.25 -6.03
C LEU A 154 13.94 43.61 -6.72
N SER A 155 13.11 44.51 -6.19
CA SER A 155 13.05 45.87 -6.71
C SER A 155 14.41 46.57 -6.60
N GLU A 156 15.07 46.46 -5.44
CA GLU A 156 16.38 47.07 -5.25
C GLU A 156 17.41 46.47 -6.19
N ARG A 157 17.34 45.16 -6.41
CA ARG A 157 18.33 44.44 -7.19
C ARG A 157 18.13 44.58 -8.69
N THR A 158 16.92 44.88 -9.15
CA THR A 158 16.65 44.99 -10.57
C THR A 158 16.49 46.42 -11.06
N GLY A 159 16.16 47.36 -10.17
CA GLY A 159 15.77 48.68 -10.57
C GLY A 159 14.31 48.82 -10.94
N GLN A 160 13.52 47.74 -10.91
CA GLN A 160 12.09 47.84 -11.23
C GLN A 160 11.32 48.35 -10.02
N SER A 161 10.17 48.98 -10.28
CA SER A 161 9.33 49.43 -9.18
C SER A 161 8.76 48.22 -8.44
N ILE A 162 8.46 48.42 -7.15
CA ILE A 162 7.83 47.34 -6.39
C ILE A 162 6.49 46.96 -7.02
N GLU A 163 5.75 47.95 -7.54
CA GLU A 163 4.45 47.68 -8.16
C GLU A 163 4.60 46.79 -9.40
N LYS A 164 5.66 47.03 -10.21
CA LYS A 164 5.88 46.18 -11.36
C LYS A 164 6.29 44.76 -10.96
N ILE A 165 7.13 44.62 -9.93
CA ILE A 165 7.51 43.29 -9.45
C ILE A 165 6.28 42.51 -8.99
N GLN A 166 5.39 43.15 -8.22
CA GLN A 166 4.17 42.48 -7.78
C GLN A 166 3.32 42.03 -8.96
N GLN A 167 3.17 42.91 -9.96
CA GLN A 167 2.43 42.57 -11.17
C GLN A 167 3.07 41.39 -11.89
N ASP A 168 4.38 41.41 -12.03
CA ASP A 168 5.09 40.42 -12.81
C ASP A 168 5.30 39.10 -12.06
N THR A 169 4.96 39.03 -10.79
CA THR A 169 5.11 37.76 -10.07
C THR A 169 3.77 37.17 -9.64
N ASP A 170 2.66 37.78 -10.06
CA ASP A 170 1.34 37.27 -9.66
C ASP A 170 1.14 35.83 -10.13
N ARG A 171 1.63 35.50 -11.33
CA ARG A 171 1.62 34.15 -11.88
C ARG A 171 3.02 33.84 -12.39
N ASP A 172 3.23 32.57 -12.78
CA ASP A 172 4.53 32.18 -13.34
C ASP A 172 4.88 33.04 -14.54
N ASN A 173 6.06 33.64 -14.50
CA ASN A 173 6.53 34.54 -15.52
C ASN A 173 7.88 34.05 -16.02
N PHE A 174 7.91 33.47 -17.22
CA PHE A 174 9.13 32.93 -17.84
C PHE A 174 9.83 34.00 -18.67
N LEU A 175 11.15 34.10 -18.52
CA LEU A 175 11.97 35.07 -19.22
C LEU A 175 13.12 34.37 -19.94
N THR A 176 13.40 34.79 -21.18
CA THR A 176 14.64 34.40 -21.80
C THR A 176 15.79 35.12 -21.12
N ALA A 177 17.01 34.68 -21.41
CA ALA A 177 18.19 35.37 -20.87
C ALA A 177 18.24 36.83 -21.32
N ALA A 178 17.91 37.11 -22.60
CA ALA A 178 17.89 38.49 -23.06
C ALA A 178 16.82 39.30 -22.32
N GLU A 179 15.65 38.69 -22.09
CA GLU A 179 14.62 39.38 -21.32
C GLU A 179 15.04 39.57 -19.86
N ALA A 180 15.78 38.62 -19.29
CA ALA A 180 16.24 38.76 -17.91
C ALA A 180 17.22 39.92 -17.79
N LYS A 181 18.03 40.15 -18.81
CA LYS A 181 18.93 41.30 -18.84
C LYS A 181 18.14 42.60 -18.95
N GLU A 182 17.15 42.63 -19.86
CA GLU A 182 16.33 43.83 -19.98
C GLU A 182 15.61 44.14 -18.69
N TYR A 183 15.19 43.10 -17.96
CA TYR A 183 14.46 43.24 -16.71
C TYR A 183 15.36 43.73 -15.59
N GLY A 184 16.65 43.45 -15.66
CA GLY A 184 17.55 43.78 -14.58
C GLY A 184 17.87 42.63 -13.64
N LEU A 185 17.43 41.40 -13.95
CA LEU A 185 17.75 40.25 -13.13
C LEU A 185 19.20 39.82 -13.30
N ILE A 186 19.77 40.04 -14.49
CA ILE A 186 21.17 39.79 -14.77
C ILE A 186 21.73 41.03 -15.44
N ASP A 187 23.07 41.09 -15.54
CA ASP A 187 23.75 42.20 -16.19
C ASP A 187 24.14 41.93 -17.63
N GLU A 188 24.44 40.68 -17.97
CA GLU A 188 24.94 40.32 -19.30
C GLU A 188 24.50 38.91 -19.66
N VAL A 189 24.24 38.71 -20.95
CA VAL A 189 24.14 37.36 -21.50
C VAL A 189 25.55 36.94 -21.90
N MET A 190 26.02 35.85 -21.32
CA MET A 190 27.37 35.34 -21.55
C MET A 190 27.46 34.69 -22.93
N GLU A 191 28.18 35.30 -23.84
CA GLU A 191 28.33 34.79 -25.18
C GLU A 191 29.60 33.95 -25.29
N PRO A 192 29.67 33.03 -26.25
CA PRO A 192 30.77 32.04 -26.33
C PRO A 192 32.19 32.61 -26.41
N ILE B 4 28.49 18.38 0.86
CA ILE B 4 29.10 17.16 0.32
C ILE B 4 30.50 17.22 -0.33
N PRO B 5 31.07 18.39 -0.64
CA PRO B 5 32.40 18.39 -1.28
C PRO B 5 33.56 18.12 -0.32
N THR B 6 34.69 17.74 -0.92
CA THR B 6 35.87 17.32 -0.18
C THR B 6 37.07 18.27 -0.27
N TYR B 18 39.01 16.03 4.30
CA TYR B 18 37.79 16.64 4.82
C TYR B 18 36.61 16.78 3.84
N ASP B 19 35.39 16.54 4.34
CA ASP B 19 34.19 17.15 3.79
C ASP B 19 34.11 18.62 4.26
N ILE B 20 33.20 19.40 3.65
CA ILE B 20 33.23 20.85 3.90
C ILE B 20 32.93 21.17 5.36
N TYR B 21 32.09 20.36 6.02
CA TYR B 21 31.76 20.65 7.43
C TYR B 21 32.95 20.33 8.33
N SER B 22 33.67 19.25 8.02
CA SER B 22 34.87 18.90 8.79
C SER B 22 35.92 19.99 8.65
N ARG B 23 36.01 20.58 7.45
CA ARG B 23 36.95 21.67 7.24
C ARG B 23 36.56 22.89 8.07
N LEU B 24 35.28 23.21 8.15
CA LEU B 24 34.89 24.32 9.02
C LEU B 24 35.10 23.99 10.50
N LEU B 25 34.90 22.73 10.88
CA LEU B 25 35.12 22.36 12.28
C LEU B 25 36.56 22.59 12.71
N LYS B 26 37.52 22.41 11.80
CA LYS B 26 38.91 22.70 12.12
C LYS B 26 39.09 24.15 12.56
N ASP B 27 38.23 25.05 12.08
CA ASP B 27 38.24 26.47 12.43
C ASP B 27 37.20 26.83 13.50
N ARG B 28 36.72 25.83 14.24
CA ARG B 28 35.81 25.97 15.38
C ARG B 28 34.42 26.45 14.98
N ILE B 29 33.98 26.07 13.79
CA ILE B 29 32.66 26.43 13.29
C ILE B 29 31.82 25.16 13.24
N ILE B 30 30.65 25.21 13.87
CA ILE B 30 29.69 24.10 13.88
C ILE B 30 28.45 24.57 13.13
N MET B 31 27.97 23.77 12.19
CA MET B 31 26.85 24.15 11.34
C MET B 31 25.64 23.32 11.73
N LEU B 32 24.60 24.00 12.22
CA LEU B 32 23.31 23.36 12.49
C LEU B 32 22.36 23.77 11.37
N GLY B 33 22.01 22.81 10.51
CA GLY B 33 21.22 23.13 9.35
C GLY B 33 20.11 22.13 9.16
N SER B 34 19.54 21.64 10.26
CA SER B 34 18.50 20.62 10.17
C SER B 34 17.64 20.69 11.42
N GLN B 35 16.61 19.84 11.43
CA GLN B 35 15.83 19.61 12.64
C GLN B 35 16.71 19.06 13.74
N ILE B 36 16.33 19.34 14.99
CA ILE B 36 17.12 18.92 16.16
C ILE B 36 16.52 17.62 16.70
N ASP B 37 17.23 16.51 16.53
CA ASP B 37 16.85 15.24 17.13
C ASP B 37 18.05 14.73 17.90
N ASP B 38 17.91 13.54 18.50
CA ASP B 38 18.99 13.01 19.33
C ASP B 38 20.27 12.80 18.51
N ASN B 39 20.15 12.35 17.26
CA ASN B 39 21.36 12.14 16.45
C ASN B 39 22.11 13.45 16.22
N VAL B 40 21.38 14.51 15.86
CA VAL B 40 21.98 15.82 15.65
C VAL B 40 22.56 16.36 16.95
N ALA B 41 21.82 16.24 18.05
CA ALA B 41 22.32 16.77 19.30
C ALA B 41 23.57 16.01 19.76
N ASN B 42 23.63 14.70 19.56
CA ASN B 42 24.81 13.96 19.98
C ASN B 42 26.03 14.37 19.17
N SER B 43 25.85 14.60 17.87
CA SER B 43 26.95 15.10 17.05
C SER B 43 27.41 16.49 17.50
N ILE B 44 26.45 17.38 17.76
CA ILE B 44 26.78 18.74 18.15
C ILE B 44 27.48 18.74 19.50
N VAL B 45 26.98 17.94 20.45
CA VAL B 45 27.63 17.87 21.76
C VAL B 45 29.06 17.37 21.62
N SER B 46 29.25 16.33 20.81
CA SER B 46 30.58 15.78 20.60
C SER B 46 31.51 16.81 19.97
N GLN B 47 31.00 17.59 19.01
CA GLN B 47 31.83 18.64 18.43
C GLN B 47 32.21 19.72 19.45
N LEU B 48 31.26 20.14 20.29
CA LEU B 48 31.56 21.14 21.33
C LEU B 48 32.61 20.64 22.30
N LEU B 49 32.46 19.39 22.77
CA LEU B 49 33.43 18.82 23.69
C LEU B 49 34.80 18.69 23.05
N PHE B 50 34.83 18.30 21.77
CA PHE B 50 36.10 18.20 21.07
C PHE B 50 36.77 19.57 20.94
N LEU B 51 35.99 20.59 20.57
CA LEU B 51 36.57 21.92 20.42
C LEU B 51 37.06 22.45 21.77
N GLN B 52 36.34 22.17 22.85
CA GLN B 52 36.85 22.59 24.17
C GLN B 52 38.17 21.89 24.50
N ALA B 53 38.28 20.60 24.17
CA ALA B 53 39.51 19.88 24.44
C ALA B 53 40.69 20.41 23.61
N GLN B 54 40.41 20.85 22.39
CA GLN B 54 41.46 21.41 21.54
C GLN B 54 41.98 22.74 22.09
N ASP B 55 41.07 23.60 22.56
CA ASP B 55 41.46 24.93 23.02
C ASP B 55 40.32 25.42 23.90
N SER B 56 40.58 25.61 25.19
CA SER B 56 39.48 25.97 26.09
C SER B 56 39.21 27.45 26.13
N GLU B 57 40.00 28.27 25.42
CA GLU B 57 39.85 29.70 25.46
C GLU B 57 39.22 30.27 24.21
N LYS B 58 39.50 29.71 23.03
CA LYS B 58 39.03 30.31 21.79
C LYS B 58 37.52 30.13 21.62
N ASP B 59 36.89 31.17 21.07
CA ASP B 59 35.46 31.12 20.77
C ASP B 59 35.14 29.99 19.80
N ILE B 60 33.90 29.54 19.89
CA ILE B 60 33.29 28.57 18.99
C ILE B 60 32.15 29.28 18.30
N TYR B 61 31.90 28.94 17.03
CA TYR B 61 30.83 29.57 16.24
C TYR B 61 29.80 28.53 15.86
N LEU B 62 28.55 28.74 16.28
CA LEU B 62 27.44 27.83 16.00
C LEU B 62 26.45 28.54 15.09
N TYR B 63 26.44 28.16 13.81
CA TYR B 63 25.47 28.69 12.88
C TYR B 63 24.18 27.89 13.02
N ILE B 64 23.04 28.57 13.00
CA ILE B 64 21.76 27.91 13.24
C ILE B 64 20.84 28.25 12.09
N ASN B 65 20.39 27.23 11.38
CA ASN B 65 19.30 27.31 10.41
C ASN B 65 18.48 26.07 10.72
N SER B 66 17.46 26.21 11.57
CA SER B 66 16.76 25.01 12.04
C SER B 66 15.30 25.27 12.33
N PRO B 67 14.41 24.35 11.92
CA PRO B 67 12.99 24.45 12.27
C PRO B 67 12.67 24.02 13.69
N GLY B 68 13.67 23.55 14.42
CA GLY B 68 13.46 23.11 15.79
C GLY B 68 13.53 21.61 15.90
N GLY B 69 12.88 21.06 16.90
CA GLY B 69 12.91 19.62 17.09
C GLY B 69 12.67 19.29 18.55
N SER B 70 13.29 18.19 18.97
CA SER B 70 13.06 17.64 20.29
C SER B 70 13.57 18.58 21.39
N VAL B 71 12.75 18.80 22.42
CA VAL B 71 13.16 19.67 23.52
C VAL B 71 14.33 19.05 24.29
N THR B 72 14.28 17.75 24.56
CA THR B 72 15.39 17.16 25.32
C THR B 72 16.67 17.13 24.49
N ALA B 73 16.57 16.87 23.19
CA ALA B 73 17.76 16.96 22.35
C ALA B 73 18.30 18.38 22.35
N GLY B 74 17.41 19.38 22.30
CA GLY B 74 17.85 20.76 22.37
C GLY B 74 18.54 21.07 23.68
N PHE B 75 18.05 20.48 24.78
CA PHE B 75 18.67 20.72 26.09
C PHE B 75 20.01 20.02 26.24
N ALA B 76 20.23 18.89 25.55
CA ALA B 76 21.58 18.34 25.53
C ALA B 76 22.57 19.37 24.96
N ILE B 77 22.19 20.05 23.88
CA ILE B 77 23.06 21.08 23.31
C ILE B 77 23.14 22.28 24.25
N TYR B 78 21.99 22.74 24.72
CA TYR B 78 21.96 23.91 25.59
C TYR B 78 22.86 23.72 26.79
N ASP B 79 22.71 22.60 27.49
CA ASP B 79 23.53 22.43 28.70
C ASP B 79 25.01 22.29 28.38
N THR B 80 25.34 21.69 27.24
CA THR B 80 26.74 21.57 26.87
C THR B 80 27.34 22.95 26.58
N ILE B 81 26.58 23.83 25.90
CA ILE B 81 27.03 25.21 25.68
C ILE B 81 27.32 25.88 27.01
N GLN B 82 26.43 25.74 27.99
CA GLN B 82 26.66 26.43 29.24
C GLN B 82 27.77 25.78 30.07
N HIS B 83 28.03 24.50 29.85
CA HIS B 83 29.01 23.81 30.67
C HIS B 83 30.44 24.12 30.24
N ILE B 84 30.71 24.15 28.95
CA ILE B 84 32.09 24.25 28.49
C ILE B 84 32.65 25.65 28.72
N LYS B 85 34.00 25.73 28.72
CA LYS B 85 34.71 26.99 28.97
C LYS B 85 34.61 27.99 27.81
N PRO B 86 34.82 27.60 26.55
CA PRO B 86 34.75 28.60 25.47
C PRO B 86 33.37 29.26 25.34
N ASP B 87 33.39 30.54 24.97
CA ASP B 87 32.18 31.20 24.51
C ASP B 87 31.69 30.56 23.22
N VAL B 88 30.37 30.33 23.12
CA VAL B 88 29.75 29.83 21.89
C VAL B 88 28.94 30.97 21.28
N GLN B 89 29.43 31.49 20.16
CA GLN B 89 28.69 32.50 19.42
C GLN B 89 27.60 31.80 18.63
N THR B 90 26.41 32.37 18.61
CA THR B 90 25.34 31.79 17.80
C THR B 90 24.98 32.76 16.68
N ILE B 91 24.79 32.23 15.48
CA ILE B 91 24.54 33.06 14.31
C ILE B 91 23.37 32.44 13.57
N CYS B 92 22.24 33.15 13.55
CA CYS B 92 21.05 32.68 12.84
C CYS B 92 21.11 33.10 11.38
N ILE B 93 21.02 32.12 10.48
CA ILE B 93 20.89 32.31 9.05
C ILE B 93 19.64 31.57 8.59
N GLY B 94 18.86 32.22 7.74
CA GLY B 94 17.64 31.59 7.26
C GLY B 94 16.53 31.66 8.29
N MET B 95 16.45 30.66 9.18
CA MET B 95 15.38 30.61 10.18
C MET B 95 15.89 29.86 11.40
N ALA B 96 15.59 30.39 12.58
CA ALA B 96 15.74 29.68 13.85
C ALA B 96 14.35 29.66 14.46
N ALA B 97 13.69 28.52 14.40
CA ALA B 97 12.33 28.37 14.89
C ALA B 97 12.30 27.38 16.04
N SER B 98 11.41 27.63 16.99
CA SER B 98 11.09 26.67 18.06
C SER B 98 12.39 26.39 18.83
N MET B 99 12.83 25.13 18.97
CA MET B 99 14.07 24.87 19.69
C MET B 99 15.28 25.52 19.02
N GLY B 100 15.19 25.83 17.73
CA GLY B 100 16.25 26.58 17.08
C GLY B 100 16.42 27.98 17.64
N SER B 101 15.30 28.68 17.90
CA SER B 101 15.43 30.01 18.47
C SER B 101 15.82 29.96 19.94
N PHE B 102 15.45 28.89 20.65
CA PHE B 102 15.92 28.70 22.02
C PHE B 102 17.43 28.57 22.08
N LEU B 103 18.00 27.78 21.18
CA LEU B 103 19.46 27.66 21.14
C LEU B 103 20.14 28.94 20.66
N LEU B 104 19.52 29.67 19.73
CA LEU B 104 20.07 30.97 19.32
C LEU B 104 20.22 31.89 20.52
N ALA B 105 19.19 31.94 21.36
CA ALA B 105 19.18 32.77 22.56
C ALA B 105 20.15 32.28 23.63
N ALA B 106 20.63 31.06 23.50
CA ALA B 106 21.52 30.41 24.46
C ALA B 106 22.99 30.71 24.23
N GLY B 107 23.33 31.44 23.15
CA GLY B 107 24.69 31.80 22.87
C GLY B 107 25.28 32.75 23.89
N ALA B 108 26.59 32.88 23.85
CA ALA B 108 27.30 33.76 24.77
C ALA B 108 26.74 35.18 24.71
N LYS B 109 26.45 35.77 25.87
CA LYS B 109 25.83 37.09 25.86
C LYS B 109 26.77 38.12 25.22
N GLY B 110 26.21 38.91 24.31
CA GLY B 110 26.97 39.79 23.46
C GLY B 110 27.38 39.15 22.15
N LYS B 111 27.21 37.85 22.00
CA LYS B 111 27.68 37.13 20.83
C LYS B 111 26.58 36.32 20.20
N ARG B 112 25.33 36.80 20.28
CA ARG B 112 24.20 36.18 19.61
C ARG B 112 23.79 37.08 18.46
N PHE B 113 23.79 36.52 17.24
CA PHE B 113 23.61 37.31 16.04
C PHE B 113 22.55 36.69 15.15
N ALA B 114 21.97 37.53 14.30
CA ALA B 114 21.20 37.06 13.16
C ALA B 114 21.56 37.91 11.94
N LEU B 115 21.57 37.29 10.78
CA LEU B 115 21.75 38.02 9.54
C LEU B 115 20.47 38.80 9.22
N PRO B 116 20.58 39.86 8.40
CA PRO B 116 19.47 40.83 8.31
C PRO B 116 18.16 40.24 7.84
N ASN B 117 18.16 39.23 6.97
CA ASN B 117 16.91 38.68 6.48
C ASN B 117 16.56 37.33 7.12
N ALA B 118 17.30 36.94 8.15
CA ALA B 118 16.99 35.73 8.90
C ALA B 118 15.71 35.93 9.70
N GLU B 119 14.99 34.84 9.90
CA GLU B 119 13.76 34.89 10.66
C GLU B 119 13.89 34.07 11.93
N VAL B 120 13.18 34.51 12.96
CA VAL B 120 13.17 33.84 14.26
C VAL B 120 11.72 33.59 14.60
N MET B 121 11.40 32.39 15.06
CA MET B 121 10.03 32.11 15.44
C MET B 121 10.02 31.45 16.80
N ILE B 122 9.15 31.92 17.70
CA ILE B 122 9.03 31.30 19.01
C ILE B 122 7.59 30.84 19.17
N HIS B 123 7.41 29.73 19.89
CA HIS B 123 6.07 29.23 20.20
C HIS B 123 6.16 28.22 21.33
N GLN B 124 5.03 27.73 21.77
CA GLN B 124 5.02 26.80 22.88
C GLN B 124 5.28 25.37 22.40
N PRO B 125 5.68 24.48 23.31
CA PRO B 125 5.96 23.11 22.90
C PRO B 125 4.72 22.37 22.42
N LEU B 126 4.97 21.37 21.58
CA LEU B 126 3.94 20.52 21.00
C LEU B 126 4.19 19.10 21.42
N GLY B 127 3.14 18.31 21.48
CA GLY B 127 3.32 16.94 21.85
C GLY B 127 2.06 16.15 21.66
N GLY B 128 2.05 15.00 22.29
CA GLY B 128 0.92 14.10 22.16
C GLY B 128 0.82 13.23 23.38
N ALA B 129 -0.37 12.66 23.54
CA ALA B 129 -0.65 11.76 24.65
C ALA B 129 -1.76 10.84 24.19
N GLN B 130 -1.64 9.55 24.52
CA GLN B 130 -2.64 8.57 24.16
C GLN B 130 -2.69 7.55 25.28
N GLY B 131 -3.89 7.05 25.58
CA GLY B 131 -4.00 6.02 26.58
C GLY B 131 -5.06 6.34 27.62
N GLN B 132 -4.87 5.81 28.82
CA GLN B 132 -5.84 6.03 29.90
C GLN B 132 -5.83 7.49 30.36
N ALA B 133 -6.95 7.91 30.99
CA ALA B 133 -7.01 9.26 31.54
C ALA B 133 -5.81 9.58 32.43
N THR B 134 -5.41 8.63 33.28
CA THR B 134 -4.27 8.80 34.17
C THR B 134 -2.97 9.04 33.40
N GLU B 135 -2.80 8.34 32.27
CA GLU B 135 -1.61 8.53 31.44
C GLU B 135 -1.64 9.87 30.72
N ILE B 136 -2.81 10.29 30.25
CA ILE B 136 -2.92 11.57 29.59
C ILE B 136 -2.59 12.68 30.57
N GLU B 137 -3.04 12.53 31.81
CA GLU B 137 -2.72 13.51 32.86
C GLU B 137 -1.22 13.59 33.10
N ILE B 138 -0.54 12.44 33.17
CA ILE B 138 0.90 12.43 33.36
C ILE B 138 1.60 13.15 32.19
N ALA B 139 1.15 12.88 30.96
CA ALA B 139 1.77 13.50 29.79
C ALA B 139 1.51 15.00 29.76
N ALA B 140 0.29 15.43 30.12
CA ALA B 140 -0.03 16.84 30.15
C ALA B 140 0.79 17.57 31.21
N ASN B 141 0.91 16.96 32.41
CA ASN B 141 1.73 17.60 33.45
C ASN B 141 3.16 17.73 33.01
N HIS B 142 3.69 16.72 32.30
CA HIS B 142 5.07 16.77 31.85
C HIS B 142 5.30 17.87 30.81
N ILE B 143 4.42 17.99 29.81
CA ILE B 143 4.66 19.02 28.80
C ILE B 143 4.43 20.41 29.38
N LEU B 144 3.52 20.55 30.35
CA LEU B 144 3.33 21.85 30.98
C LEU B 144 4.56 22.25 31.82
N LYS B 145 5.13 21.29 32.53
CA LYS B 145 6.35 21.58 33.29
C LYS B 145 7.51 21.90 32.35
N THR B 146 7.56 21.19 31.22
CA THR B 146 8.59 21.50 30.22
C THR B 146 8.42 22.91 29.69
N ARG B 147 7.18 23.33 29.44
CA ARG B 147 6.97 24.71 28.99
C ARG B 147 7.41 25.70 30.06
N GLU B 148 7.10 25.44 31.34
CA GLU B 148 7.56 26.34 32.40
C GLU B 148 9.09 26.44 32.45
N LYS B 149 9.77 25.32 32.22
CA LYS B 149 11.23 25.30 32.24
C LYS B 149 11.80 26.14 31.10
N LEU B 150 11.26 25.95 29.90
CA LEU B 150 11.68 26.73 28.74
C LEU B 150 11.43 28.23 28.96
N ASN B 151 10.25 28.60 29.48
CA ASN B 151 9.94 30.02 29.65
C ASN B 151 10.85 30.67 30.69
N ARG B 152 11.15 29.94 31.76
CA ARG B 152 12.02 30.47 32.80
C ARG B 152 13.40 30.77 32.23
N ILE B 153 13.95 29.85 31.44
CA ILE B 153 15.26 30.06 30.85
C ILE B 153 15.19 31.17 29.80
N LEU B 154 14.15 31.17 28.94
CA LEU B 154 14.04 32.24 27.96
C LEU B 154 13.90 33.60 28.63
N SER B 155 13.19 33.67 29.75
CA SER B 155 13.12 34.90 30.53
C SER B 155 14.51 35.35 30.98
N GLU B 156 15.32 34.43 31.51
CA GLU B 156 16.67 34.77 31.93
C GLU B 156 17.55 35.22 30.75
N ARG B 157 17.40 34.57 29.59
CA ARG B 157 18.31 34.87 28.50
C ARG B 157 17.91 36.13 27.74
N THR B 158 16.63 36.54 27.79
CA THR B 158 16.17 37.71 27.04
C THR B 158 15.93 38.95 27.88
N GLY B 159 15.74 38.81 29.20
CA GLY B 159 15.28 39.92 30.02
C GLY B 159 13.78 40.16 30.04
N GLN B 160 13.01 39.38 29.29
CA GLN B 160 11.55 39.52 29.31
C GLN B 160 10.97 38.74 30.49
N SER B 161 9.82 39.20 31.00
CA SER B 161 9.17 38.46 32.07
C SER B 161 8.64 37.13 31.58
N ILE B 162 8.50 36.19 32.52
CA ILE B 162 7.91 34.90 32.21
C ILE B 162 6.50 35.07 31.69
N GLU B 163 5.76 36.04 32.26
CA GLU B 163 4.40 36.29 31.81
C GLU B 163 4.35 36.77 30.36
N LYS B 164 5.29 37.65 29.97
CA LYS B 164 5.31 38.11 28.59
C LYS B 164 5.72 36.98 27.64
N ILE B 165 6.69 36.17 28.06
CA ILE B 165 7.09 35.02 27.25
C ILE B 165 5.91 34.07 27.04
N GLN B 166 5.16 33.80 28.11
CA GLN B 166 3.98 32.92 28.01
C GLN B 166 2.98 33.46 26.99
N GLN B 167 2.66 34.75 27.06
CA GLN B 167 1.72 35.34 26.11
C GLN B 167 2.23 35.29 24.69
N ASP B 168 3.51 35.60 24.51
CA ASP B 168 4.11 35.73 23.19
C ASP B 168 4.41 34.40 22.52
N THR B 169 4.27 33.28 23.22
CA THR B 169 4.49 31.97 22.63
C THR B 169 3.21 31.16 22.56
N ASP B 170 2.07 31.76 22.91
CA ASP B 170 0.81 31.02 22.88
C ASP B 170 0.52 30.48 21.48
N ARG B 171 0.84 31.27 20.45
CA ARG B 171 0.73 30.88 19.05
C ARG B 171 2.08 31.13 18.38
N ASP B 172 2.22 30.65 17.15
CA ASP B 172 3.45 30.92 16.39
C ASP B 172 3.68 32.42 16.30
N ASN B 173 4.88 32.86 16.67
CA ASN B 173 5.23 34.27 16.72
C ASN B 173 6.47 34.48 15.85
N PHE B 174 6.30 35.07 14.67
CA PHE B 174 7.42 35.27 13.75
C PHE B 174 8.05 36.64 14.00
N LEU B 175 9.36 36.68 14.06
CA LEU B 175 10.09 37.91 14.31
C LEU B 175 11.12 38.12 13.21
N THR B 176 11.26 39.37 12.76
CA THR B 176 12.40 39.74 11.96
C THR B 176 13.67 39.72 12.82
N ALA B 177 14.83 39.84 12.18
CA ALA B 177 16.09 39.94 12.94
C ALA B 177 16.07 41.16 13.85
N ALA B 178 15.57 42.31 13.36
CA ALA B 178 15.52 43.50 14.20
C ALA B 178 14.57 43.31 15.39
N GLU B 179 13.42 42.67 15.15
CA GLU B 179 12.51 42.38 16.27
C GLU B 179 13.14 41.40 17.25
N ALA B 180 13.93 40.43 16.75
CA ALA B 180 14.57 39.47 17.65
C ALA B 180 15.58 40.16 18.55
N LYS B 181 16.28 41.17 18.01
CA LYS B 181 17.20 41.97 18.81
C LYS B 181 16.44 42.77 19.85
N GLU B 182 15.35 43.43 19.44
CA GLU B 182 14.58 44.20 20.40
C GLU B 182 14.04 43.30 21.50
N TYR B 183 13.69 42.07 21.15
CA TYR B 183 13.14 41.13 22.12
C TYR B 183 14.19 40.63 23.11
N GLY B 184 15.46 40.66 22.76
CA GLY B 184 16.48 40.09 23.61
C GLY B 184 16.90 38.68 23.23
N LEU B 185 16.41 38.15 22.11
CA LEU B 185 16.83 36.83 21.67
C LEU B 185 18.23 36.83 21.05
N ILE B 186 18.63 37.95 20.43
CA ILE B 186 19.97 38.13 19.89
C ILE B 186 20.49 39.46 20.41
N ASP B 187 21.80 39.67 20.24
CA ASP B 187 22.41 40.92 20.64
C ASP B 187 22.60 41.89 19.50
N GLU B 188 22.83 41.39 18.29
CA GLU B 188 23.13 42.28 17.18
C GLU B 188 22.61 41.67 15.89
N VAL B 189 22.14 42.52 14.99
CA VAL B 189 21.93 42.09 13.61
C VAL B 189 23.27 42.25 12.90
N MET B 190 23.75 41.15 12.34
CA MET B 190 25.08 41.11 11.72
C MET B 190 25.00 41.81 10.37
N GLU B 191 25.67 42.93 10.25
CA GLU B 191 25.67 43.67 9.00
C GLU B 191 26.88 43.29 8.16
N PRO B 192 26.82 43.50 6.84
CA PRO B 192 27.85 43.05 5.90
C PRO B 192 29.26 43.58 6.22
N ILE C 4 28.83 13.01 12.65
CA ILE C 4 29.15 12.83 11.25
C ILE C 4 30.44 13.51 10.71
N PRO C 5 30.95 14.59 11.31
CA PRO C 5 32.16 15.21 10.75
C PRO C 5 33.43 14.41 11.07
N THR C 6 34.47 14.72 10.32
CA THR C 6 35.74 14.02 10.39
C THR C 6 36.79 14.95 11.02
N VAL C 7 37.66 14.35 11.82
CA VAL C 7 38.77 15.05 12.48
C VAL C 7 40.09 14.54 11.91
N ALA C 17 42.63 10.10 10.25
CA ALA C 17 41.26 10.54 9.98
C ALA C 17 40.22 9.79 10.83
N TYR C 18 39.58 10.51 11.74
CA TYR C 18 38.56 9.98 12.63
C TYR C 18 37.20 10.63 12.36
N ASP C 19 36.12 9.86 12.50
CA ASP C 19 34.85 10.54 12.71
C ASP C 19 34.82 11.08 14.15
N ILE C 20 33.87 11.98 14.46
CA ILE C 20 33.94 12.67 15.75
C ILE C 20 33.82 11.70 16.93
N TYR C 21 33.03 10.65 16.81
CA TYR C 21 32.87 9.71 17.92
C TYR C 21 34.13 8.88 18.12
N SER C 22 34.76 8.47 17.03
CA SER C 22 36.03 7.76 17.12
C SER C 22 37.11 8.64 17.76
N ARG C 23 37.08 9.95 17.47
CA ARG C 23 38.04 10.86 18.10
C ARG C 23 37.79 10.98 19.60
N LEU C 24 36.51 11.02 20.03
CA LEU C 24 36.22 11.05 21.46
C LEU C 24 36.59 9.73 22.12
N LEU C 25 36.39 8.60 21.43
CA LEU C 25 36.75 7.30 22.00
C LEU C 25 38.26 7.22 22.30
N LYS C 26 39.08 7.90 21.51
CA LYS C 26 40.51 7.97 21.81
C LYS C 26 40.77 8.56 23.20
N ASP C 27 39.87 9.43 23.69
CA ASP C 27 39.96 10.03 25.02
C ASP C 27 39.06 9.32 26.03
N ARG C 28 38.70 8.07 25.75
CA ARG C 28 37.93 7.21 26.63
C ARG C 28 36.51 7.71 26.88
N ILE C 29 35.90 8.36 25.88
CA ILE C 29 34.52 8.86 25.96
C ILE C 29 33.66 8.04 25.03
N ILE C 30 32.57 7.47 25.57
CA ILE C 30 31.60 6.71 24.79
C ILE C 30 30.28 7.49 24.78
N MET C 31 29.68 7.62 23.61
CA MET C 31 28.43 8.37 23.50
C MET C 31 27.32 7.36 23.25
N LEU C 32 26.40 7.25 24.20
CA LEU C 32 25.18 6.44 24.04
C LEU C 32 24.08 7.46 23.74
N GLY C 33 23.70 7.53 22.47
CA GLY C 33 22.81 8.60 22.06
C GLY C 33 21.67 8.12 21.19
N SER C 34 21.18 6.93 21.48
CA SER C 34 20.13 6.35 20.67
C SER C 34 19.33 5.37 21.53
N GLN C 35 18.29 4.83 20.91
CA GLN C 35 17.58 3.69 21.49
C GLN C 35 18.55 2.53 21.68
N ILE C 36 18.32 1.75 22.73
CA ILE C 36 19.22 0.65 23.09
C ILE C 36 18.66 -0.63 22.49
N ASP C 37 19.34 -1.16 21.48
CA ASP C 37 19.01 -2.47 20.93
C ASP C 37 20.29 -3.30 20.89
N ASP C 38 20.18 -4.54 20.37
CA ASP C 38 21.34 -5.44 20.42
C ASP C 38 22.53 -4.86 19.67
N ASN C 39 22.28 -4.17 18.54
CA ASN C 39 23.39 -3.60 17.78
C ASN C 39 24.12 -2.52 18.58
N VAL C 40 23.36 -1.63 19.22
CA VAL C 40 23.95 -0.57 20.05
C VAL C 40 24.69 -1.18 21.21
N ALA C 41 24.09 -2.16 21.87
CA ALA C 41 24.75 -2.77 23.01
C ALA C 41 26.04 -3.47 22.59
N ASN C 42 26.01 -4.16 21.44
N ASN C 42 26.04 -4.15 21.44
CA ASN C 42 27.22 -4.83 20.93
CA ASN C 42 27.27 -4.81 21.03
C ASN C 42 28.36 -3.82 20.75
C ASN C 42 28.39 -3.81 20.78
N SER C 43 28.06 -2.66 20.18
CA SER C 43 29.07 -1.62 19.95
C SER C 43 29.58 -1.05 21.27
N ILE C 44 28.67 -0.71 22.18
CA ILE C 44 29.09 -0.12 23.45
C ILE C 44 29.90 -1.11 24.27
N VAL C 45 29.47 -2.37 24.31
CA VAL C 45 30.23 -3.39 25.01
C VAL C 45 31.63 -3.52 24.42
N SER C 46 31.72 -3.51 23.08
CA SER C 46 33.03 -3.64 22.42
C SER C 46 33.93 -2.46 22.74
N GLN C 47 33.34 -1.28 22.83
CA GLN C 47 34.11 -0.09 23.21
C GLN C 47 34.63 -0.16 24.64
N LEU C 48 33.77 -0.62 25.56
CA LEU C 48 34.18 -0.80 26.96
C LEU C 48 35.31 -1.80 27.09
N LEU C 49 35.18 -2.96 26.41
CA LEU C 49 36.24 -3.96 26.45
C LEU C 49 37.52 -3.43 25.84
N PHE C 50 37.42 -2.71 24.72
CA PHE C 50 38.61 -2.15 24.11
C PHE C 50 39.28 -1.14 25.03
N LEU C 51 38.49 -0.27 25.66
CA LEU C 51 39.09 0.72 26.55
C LEU C 51 39.76 0.05 27.75
N GLN C 52 39.15 -1.00 28.30
CA GLN C 52 39.80 -1.73 29.40
C GLN C 52 41.12 -2.33 28.96
N ALA C 53 41.16 -2.86 27.72
CA ALA C 53 42.40 -3.46 27.22
C ALA C 53 43.48 -2.41 27.03
N GLN C 54 43.10 -1.19 26.65
CA GLN C 54 44.10 -0.14 26.51
C GLN C 54 44.68 0.28 27.85
N ASP C 55 43.83 0.39 28.88
CA ASP C 55 44.27 0.88 30.18
C ASP C 55 43.22 0.45 31.20
N SER C 56 43.60 -0.44 32.10
CA SER C 56 42.62 -0.97 33.03
C SER C 56 42.40 -0.06 34.24
N GLU C 57 43.14 1.04 34.36
CA GLU C 57 43.08 1.93 35.51
C GLU C 57 42.33 3.22 35.26
N LYS C 58 42.43 3.78 34.06
CA LYS C 58 41.87 5.10 33.81
C LYS C 58 40.35 5.03 33.69
N ASP C 59 39.69 6.07 34.18
CA ASP C 59 38.23 6.14 34.06
C ASP C 59 37.79 6.16 32.59
N ILE C 60 36.55 5.72 32.40
CA ILE C 60 35.80 5.79 31.16
C ILE C 60 34.62 6.72 31.40
N TYR C 61 34.23 7.48 30.39
CA TYR C 61 33.10 8.41 30.49
C TYR C 61 32.02 7.96 29.52
N LEU C 62 30.83 7.65 30.05
CA LEU C 62 29.69 7.23 29.23
C LEU C 62 28.64 8.32 29.28
N TYR C 63 28.49 9.05 28.16
CA TYR C 63 27.43 10.02 28.01
C TYR C 63 26.16 9.31 27.57
N ILE C 64 25.04 9.69 28.17
CA ILE C 64 23.77 9.00 27.94
C ILE C 64 22.72 10.02 27.55
N ASN C 65 22.20 9.89 26.33
CA ASN C 65 21.01 10.62 25.89
C ASN C 65 20.19 9.56 25.14
N SER C 66 19.28 8.92 25.86
CA SER C 66 18.63 7.73 25.31
C SER C 66 17.21 7.59 25.81
N PRO C 67 16.28 7.23 24.93
CA PRO C 67 14.90 6.95 25.35
C PRO C 67 14.72 5.56 25.95
N GLY C 68 15.75 4.74 25.99
CA GLY C 68 15.65 3.39 26.52
C GLY C 68 15.76 2.36 25.41
N GLY C 69 15.20 1.20 25.68
CA GLY C 69 15.24 0.15 24.68
C GLY C 69 15.11 -1.22 25.34
N SER C 70 15.75 -2.20 24.71
CA SER C 70 15.64 -3.60 25.11
C SER C 70 16.25 -3.84 26.50
N VAL C 71 15.54 -4.58 27.36
CA VAL C 71 16.09 -4.85 28.70
C VAL C 71 17.34 -5.72 28.61
N THR C 72 17.29 -6.77 27.77
CA THR C 72 18.47 -7.64 27.70
C THR C 72 19.64 -6.92 27.06
N ALA C 73 19.39 -6.08 26.03
CA ALA C 73 20.47 -5.29 25.46
C ALA C 73 21.07 -4.36 26.52
N GLY C 74 20.22 -3.73 27.32
CA GLY C 74 20.72 -2.89 28.39
C GLY C 74 21.53 -3.67 29.42
N PHE C 75 21.13 -4.92 29.70
CA PHE C 75 21.89 -5.71 30.67
C PHE C 75 23.22 -6.16 30.11
N ALA C 76 23.34 -6.32 28.80
CA ALA C 76 24.67 -6.56 28.24
C ALA C 76 25.61 -5.40 28.60
N ILE C 77 25.13 -4.16 28.48
CA ILE C 77 25.95 -2.99 28.83
C ILE C 77 26.16 -2.92 30.34
N TYR C 78 25.07 -3.10 31.11
CA TYR C 78 25.15 -3.03 32.57
C TYR C 78 26.20 -4.00 33.11
N ASP C 79 26.11 -5.28 32.70
CA ASP C 79 27.02 -6.27 33.26
C ASP C 79 28.45 -6.02 32.80
N THR C 80 28.63 -5.49 31.60
CA THR C 80 29.99 -5.17 31.17
C THR C 80 30.56 -4.03 31.99
N ILE C 81 29.74 -3.00 32.27
CA ILE C 81 30.20 -1.94 33.15
C ILE C 81 30.66 -2.50 34.49
N GLN C 82 29.86 -3.39 35.08
CA GLN C 82 30.23 -3.87 36.41
C GLN C 82 31.39 -4.82 36.36
N HIS C 83 31.60 -5.48 35.22
CA HIS C 83 32.65 -6.48 35.11
C HIS C 83 34.04 -5.87 34.99
N ILE C 84 34.19 -4.81 34.18
CA ILE C 84 35.53 -4.32 33.83
C ILE C 84 36.15 -3.57 35.01
N LYS C 85 37.49 -3.47 34.96
CA LYS C 85 38.23 -2.81 36.04
C LYS C 85 38.04 -1.31 36.10
N PRO C 86 38.08 -0.54 35.00
CA PRO C 86 37.92 0.91 35.09
C PRO C 86 36.56 1.32 35.67
N ASP C 87 36.57 2.41 36.44
CA ASP C 87 35.32 3.08 36.79
C ASP C 87 34.69 3.68 35.54
N VAL C 88 33.38 3.50 35.39
CA VAL C 88 32.64 4.10 34.28
C VAL C 88 31.79 5.23 34.85
N GLN C 89 32.15 6.47 34.54
CA GLN C 89 31.34 7.62 34.92
C GLN C 89 30.19 7.68 33.96
N THR C 90 29.00 8.01 34.47
CA THR C 90 27.83 8.19 33.60
C THR C 90 27.38 9.64 33.68
N ILE C 91 27.04 10.21 32.52
CA ILE C 91 26.70 11.61 32.42
C ILE C 91 25.46 11.72 31.58
N CYS C 92 24.35 12.14 32.19
CA CYS C 92 23.11 12.30 31.45
C CYS C 92 23.03 13.69 30.85
N ILE C 93 22.83 13.76 29.52
CA ILE C 93 22.55 15.00 28.81
C ILE C 93 21.24 14.78 28.07
N GLY C 94 20.35 15.76 28.12
CA GLY C 94 19.07 15.65 27.43
C GLY C 94 18.05 14.83 28.21
N MET C 95 18.06 13.51 28.02
CA MET C 95 17.07 12.64 28.67
C MET C 95 17.67 11.26 28.82
N ALA C 96 17.56 10.67 30.01
CA ALA C 96 17.84 9.24 30.19
C ALA C 96 16.53 8.61 30.64
N ALA C 97 15.86 7.90 29.74
CA ALA C 97 14.56 7.33 30.04
C ALA C 97 14.63 5.81 30.02
N SER C 98 13.84 5.17 30.89
CA SER C 98 13.64 3.73 30.86
C SER C 98 14.99 3.04 31.04
N MET C 99 15.42 2.16 30.13
CA MET C 99 16.72 1.52 30.28
C MET C 99 17.88 2.52 30.26
N GLY C 100 17.70 3.70 29.65
CA GLY C 100 18.72 4.74 29.75
C GLY C 100 18.93 5.26 31.17
N SER C 101 17.84 5.42 31.93
CA SER C 101 18.01 5.83 33.33
C SER C 101 18.56 4.70 34.19
N PHE C 102 18.26 3.45 33.84
CA PHE C 102 18.87 2.31 34.53
C PHE C 102 20.38 2.30 34.33
N LEU C 103 20.84 2.54 33.09
CA LEU C 103 22.29 2.58 32.87
C LEU C 103 22.91 3.81 33.53
N LEU C 104 22.18 4.93 33.57
CA LEU C 104 22.70 6.11 34.27
C LEU C 104 23.00 5.78 35.74
N ALA C 105 22.05 5.09 36.40
CA ALA C 105 22.21 4.70 37.81
C ALA C 105 23.29 3.64 38.00
N ALA C 106 23.72 3.00 36.93
CA ALA C 106 24.70 1.92 36.96
C ALA C 106 26.15 2.42 36.93
N GLY C 107 26.40 3.71 36.76
CA GLY C 107 27.75 4.22 36.77
C GLY C 107 28.43 4.07 38.12
N ALA C 108 29.74 4.28 38.09
CA ALA C 108 30.55 4.16 39.31
C ALA C 108 30.00 5.05 40.42
N LYS C 109 29.87 4.50 41.62
CA LYS C 109 29.27 5.25 42.71
C LYS C 109 30.15 6.48 43.00
N GLY C 110 29.50 7.64 43.12
CA GLY C 110 30.19 8.90 43.19
C GLY C 110 30.44 9.58 41.85
N LYS C 111 30.24 8.89 40.72
CA LYS C 111 30.58 9.41 39.41
C LYS C 111 29.41 9.31 38.45
N ARG C 112 28.19 9.49 38.96
CA ARG C 112 26.98 9.50 38.14
C ARG C 112 26.45 10.92 38.15
N PHE C 113 26.29 11.49 36.97
CA PHE C 113 26.01 12.91 36.83
C PHE C 113 24.85 13.14 35.88
N ALA C 114 24.22 14.30 36.03
CA ALA C 114 23.31 14.83 35.02
C ALA C 114 23.56 16.32 34.89
N LEU C 115 23.39 16.83 33.67
CA LEU C 115 23.45 18.26 33.47
C LEU C 115 22.16 18.89 33.98
N PRO C 116 22.17 20.19 34.28
CA PRO C 116 21.08 20.78 35.09
C PRO C 116 19.72 20.65 34.45
N ASN C 117 19.64 20.69 33.13
CA ASN C 117 18.34 20.61 32.50
C ASN C 117 18.08 19.24 31.88
N ALA C 118 18.93 18.26 32.17
CA ALA C 118 18.71 16.90 31.72
C ALA C 118 17.52 16.32 32.46
N GLU C 119 16.78 15.43 31.80
CA GLU C 119 15.62 14.80 32.40
C GLU C 119 15.85 13.29 32.55
N VAL C 120 15.25 12.74 33.58
CA VAL C 120 15.35 11.33 33.86
C VAL C 120 13.94 10.81 33.97
N MET C 121 13.67 9.68 33.33
CA MET C 121 12.34 9.10 33.46
C MET C 121 12.47 7.63 33.82
N ILE C 122 11.66 7.18 34.78
CA ILE C 122 11.66 5.77 35.17
C ILE C 122 10.26 5.20 35.04
N HIS C 123 10.16 3.93 34.64
CA HIS C 123 8.85 3.26 34.57
C HIS C 123 9.07 1.75 34.47
N GLN C 124 7.96 1.00 34.45
CA GLN C 124 8.06 -0.43 34.43
C GLN C 124 8.24 -0.94 32.99
N PRO C 125 8.71 -2.18 32.83
CA PRO C 125 8.93 -2.72 31.49
C PRO C 125 7.63 -2.90 30.72
N LEU C 126 7.77 -2.90 29.39
CA LEU C 126 6.66 -3.09 28.45
C LEU C 126 6.97 -4.31 27.58
N GLY C 127 5.92 -4.96 27.11
CA GLY C 127 6.16 -6.09 26.26
C GLY C 127 4.88 -6.52 25.62
N GLY C 128 4.89 -7.73 25.11
CA GLY C 128 3.73 -8.28 24.44
C GLY C 128 3.73 -9.79 24.63
N ALA C 129 2.57 -10.37 24.36
CA ALA C 129 2.40 -11.80 24.47
C ALA C 129 1.24 -12.17 23.56
N GLN C 130 1.38 -13.25 22.81
CA GLN C 130 0.33 -13.67 21.92
C GLN C 130 0.30 -15.19 21.87
N GLY C 131 -0.89 -15.75 21.79
CA GLY C 131 -0.93 -17.19 21.62
C GLY C 131 -1.85 -17.89 22.59
N GLN C 132 -1.53 -19.14 22.88
CA GLN C 132 -2.35 -19.90 23.82
C GLN C 132 -2.25 -19.30 25.22
N ALA C 133 -3.28 -19.57 26.02
CA ALA C 133 -3.26 -19.13 27.42
C ALA C 133 -1.97 -19.53 28.13
N THR C 134 -1.53 -20.77 27.91
CA THR C 134 -0.28 -21.21 28.57
C THR C 134 0.92 -20.40 28.10
N GLU C 135 0.95 -20.01 26.82
CA GLU C 135 2.05 -19.18 26.32
C GLU C 135 1.98 -17.77 26.90
N ILE C 136 0.77 -17.24 27.06
CA ILE C 136 0.61 -15.91 27.64
C ILE C 136 1.07 -15.92 29.09
N GLU C 137 0.76 -17.00 29.82
CA GLU C 137 1.22 -17.14 31.20
C GLU C 137 2.75 -17.16 31.26
N ILE C 138 3.40 -17.91 30.38
CA ILE C 138 4.87 -17.95 30.39
C ILE C 138 5.45 -16.56 30.12
N ALA C 139 4.87 -15.83 29.16
CA ALA C 139 5.35 -14.49 28.83
C ALA C 139 5.11 -13.53 29.97
N ALA C 140 3.94 -13.62 30.62
CA ALA C 140 3.67 -12.73 31.75
C ALA C 140 4.62 -13.01 32.92
N ASN C 141 4.83 -14.29 33.24
CA ASN C 141 5.76 -14.59 34.33
C ASN C 141 7.16 -14.06 34.01
N HIS C 142 7.57 -14.18 32.74
CA HIS C 142 8.91 -13.73 32.36
C HIS C 142 9.04 -12.22 32.52
N ILE C 143 8.06 -11.43 32.07
CA ILE C 143 8.20 -9.99 32.19
C ILE C 143 8.07 -9.55 33.65
N LEU C 144 7.26 -10.26 34.45
CA LEU C 144 7.15 -9.95 35.88
C LEU C 144 8.47 -10.24 36.59
N LYS C 145 9.13 -11.36 36.26
CA LYS C 145 10.43 -11.64 36.86
C LYS C 145 11.49 -10.65 36.42
N THR C 146 11.43 -10.22 35.15
CA THR C 146 12.34 -9.19 34.66
C THR C 146 12.14 -7.91 35.45
N ARG C 147 10.89 -7.55 35.73
CA ARG C 147 10.64 -6.35 36.53
C ARG C 147 11.19 -6.50 37.94
N GLU C 148 11.02 -7.67 38.57
CA GLU C 148 11.59 -7.87 39.90
C GLU C 148 13.10 -7.73 39.89
N LYS C 149 13.76 -8.24 38.84
CA LYS C 149 15.22 -8.14 38.73
C LYS C 149 15.68 -6.69 38.58
N LEU C 150 15.01 -5.93 37.71
CA LEU C 150 15.33 -4.51 37.56
C LEU C 150 15.13 -3.76 38.88
N ASN C 151 14.03 -4.05 39.58
CA ASN C 151 13.75 -3.32 40.83
C ASN C 151 14.78 -3.62 41.91
N ARG C 152 15.19 -4.89 42.02
CA ARG C 152 16.20 -5.24 43.01
C ARG C 152 17.49 -4.46 42.77
N ILE C 153 17.91 -4.41 41.51
CA ILE C 153 19.15 -3.69 41.19
C ILE C 153 18.97 -2.20 41.42
N LEU C 154 17.84 -1.64 40.99
CA LEU C 154 17.62 -0.22 41.19
C LEU C 154 17.57 0.13 42.68
N SER C 155 16.99 -0.76 43.49
CA SER C 155 17.01 -0.59 44.95
C SER C 155 18.43 -0.51 45.47
N GLU C 156 19.31 -1.44 45.04
CA GLU C 156 20.71 -1.43 45.50
C GLU C 156 21.42 -0.17 45.05
N ARG C 157 21.17 0.28 43.82
CA ARG C 157 21.94 1.39 43.26
C ARG C 157 21.44 2.73 43.76
N THR C 158 20.19 2.83 44.22
CA THR C 158 19.64 4.11 44.66
C THR C 158 19.55 4.28 46.15
N GLY C 159 19.54 3.19 46.91
CA GLY C 159 19.24 3.23 48.33
C GLY C 159 17.76 3.23 48.65
N GLN C 160 16.88 3.26 47.64
CA GLN C 160 15.44 3.19 47.88
C GLN C 160 14.99 1.75 48.10
N SER C 161 13.90 1.59 48.87
CA SER C 161 13.33 0.25 49.07
C SER C 161 12.77 -0.28 47.75
N ILE C 162 12.69 -1.60 47.65
CA ILE C 162 12.10 -2.22 46.47
C ILE C 162 10.64 -1.79 46.32
N GLU C 163 9.93 -1.69 47.44
CA GLU C 163 8.53 -1.28 47.39
C GLU C 163 8.39 0.12 46.83
N LYS C 164 9.30 1.02 47.20
CA LYS C 164 9.25 2.38 46.66
C LYS C 164 9.55 2.39 45.17
N ILE C 165 10.52 1.59 44.73
CA ILE C 165 10.83 1.50 43.30
C ILE C 165 9.61 1.00 42.53
N GLN C 166 8.99 -0.07 43.05
CA GLN C 166 7.79 -0.62 42.40
C GLN C 166 6.69 0.42 42.30
N GLN C 167 6.41 1.12 43.39
CA GLN C 167 5.38 2.16 43.39
C GLN C 167 5.70 3.26 42.38
N ASP C 168 6.96 3.71 42.35
CA ASP C 168 7.39 4.86 41.56
C ASP C 168 7.57 4.54 40.09
N THR C 169 7.46 3.28 39.68
CA THR C 169 7.59 2.91 38.28
C THR C 169 6.29 2.38 37.73
N ASP C 170 5.20 2.42 38.50
CA ASP C 170 3.94 1.88 38.01
C ASP C 170 3.49 2.61 36.75
N ARG C 171 3.74 3.91 36.69
CA ARG C 171 3.46 4.75 35.53
C ARG C 171 4.73 5.53 35.21
N ASP C 172 4.74 6.19 34.04
CA ASP C 172 5.89 7.06 33.69
C ASP C 172 6.11 8.07 34.81
N ASN C 173 7.35 8.17 35.28
CA ASN C 173 7.72 9.06 36.38
C ASN C 173 8.88 9.93 35.90
N PHE C 174 8.61 11.20 35.59
CA PHE C 174 9.63 12.13 35.08
C PHE C 174 10.29 12.83 36.25
N LEU C 175 11.62 12.87 36.25
CA LEU C 175 12.40 13.50 37.30
C LEU C 175 13.30 14.58 36.67
N THR C 176 13.41 15.70 37.36
CA THR C 176 14.47 16.67 37.05
C THR C 176 15.82 16.12 37.52
N ALA C 177 16.88 16.79 37.08
CA ALA C 177 18.23 16.40 37.53
C ALA C 177 18.33 16.48 39.05
N ALA C 178 17.79 17.54 39.65
CA ALA C 178 17.81 17.67 41.09
C ALA C 178 17.03 16.54 41.77
N GLU C 179 15.85 16.20 41.20
CA GLU C 179 15.08 15.11 41.76
C GLU C 179 15.78 13.76 41.58
N ALA C 180 16.49 13.57 40.47
CA ALA C 180 17.20 12.31 40.28
C ALA C 180 18.31 12.17 41.29
N LYS C 181 18.96 13.28 41.65
CA LYS C 181 19.96 13.24 42.70
C LYS C 181 19.33 12.89 44.04
N GLU C 182 18.19 13.54 44.37
CA GLU C 182 17.52 13.22 45.63
C GLU C 182 17.09 11.75 45.67
N TYR C 183 16.67 11.22 44.51
CA TYR C 183 16.20 9.85 44.43
C TYR C 183 17.34 8.85 44.60
N GLY C 184 18.57 9.24 44.29
CA GLY C 184 19.69 8.32 44.31
C GLY C 184 20.07 7.74 42.97
N LEU C 185 19.45 8.20 41.87
CA LEU C 185 19.83 7.75 40.53
C LEU C 185 21.15 8.34 40.06
N ILE C 186 21.47 9.54 40.49
CA ILE C 186 22.76 10.15 40.22
C ILE C 186 23.33 10.64 41.54
N ASP C 187 24.60 11.01 41.50
CA ASP C 187 25.32 11.54 42.66
C ASP C 187 25.42 13.06 42.67
N GLU C 188 25.51 13.70 41.50
CA GLU C 188 25.71 15.14 41.45
C GLU C 188 25.06 15.71 40.20
N VAL C 189 24.50 16.90 40.32
CA VAL C 189 24.12 17.71 39.16
C VAL C 189 25.35 18.49 38.74
N MET C 190 25.82 18.28 37.51
CA MET C 190 27.05 18.87 37.01
C MET C 190 26.78 20.35 36.73
N GLU C 191 27.36 21.21 37.51
CA GLU C 191 27.11 22.63 37.36
C GLU C 191 28.13 23.25 36.42
N PRO C 192 27.77 24.39 35.80
CA PRO C 192 28.63 24.93 34.74
C PRO C 192 30.06 25.16 35.17
N GLU C 193 30.96 24.34 34.63
CA GLU C 193 32.37 24.65 34.60
C GLU C 193 32.51 26.01 33.91
N ILE D 4 30.22 0.66 15.34
CA ILE D 4 30.57 1.59 14.28
C ILE D 4 31.83 2.49 14.41
N PRO D 5 32.43 2.68 15.60
CA PRO D 5 33.60 3.57 15.67
C PRO D 5 34.88 2.91 15.15
N THR D 6 35.85 3.76 14.85
CA THR D 6 37.11 3.37 14.24
C THR D 6 38.24 3.56 15.24
N VAL D 7 39.19 2.63 15.24
CA VAL D 7 40.41 2.72 16.03
C VAL D 7 41.62 2.79 15.10
N TYR D 18 40.99 0.29 11.84
CA TYR D 18 40.06 -0.78 12.14
C TYR D 18 38.72 -0.21 12.63
N ASP D 19 37.61 -0.83 12.26
CA ASP D 19 36.41 -0.62 13.06
C ASP D 19 36.54 -1.39 14.38
N ILE D 20 35.66 -1.11 15.34
CA ILE D 20 35.86 -1.64 16.69
C ILE D 20 35.86 -3.17 16.70
N TYR D 21 35.04 -3.80 15.86
CA TYR D 21 34.96 -5.25 15.85
C TYR D 21 36.20 -5.87 15.24
N SER D 22 36.73 -5.25 14.16
CA SER D 22 37.98 -5.73 13.58
C SER D 22 39.12 -5.62 14.58
N ARG D 23 39.09 -4.57 15.39
CA ARG D 23 40.12 -4.41 16.41
C ARG D 23 40.03 -5.51 17.46
N LEU D 24 38.81 -5.89 17.84
CA LEU D 24 38.66 -6.98 18.80
C LEU D 24 39.09 -8.31 18.18
N LEU D 25 38.82 -8.51 16.88
CA LEU D 25 39.22 -9.76 16.24
C LEU D 25 40.73 -9.95 16.26
N LYS D 26 41.49 -8.85 16.21
CA LYS D 26 42.95 -8.91 16.33
C LYS D 26 43.37 -9.59 17.63
N ASP D 27 42.56 -9.47 18.69
CA ASP D 27 42.78 -10.11 19.97
C ASP D 27 41.98 -11.39 20.13
N ARG D 28 41.51 -11.98 19.01
CA ARG D 28 40.83 -13.27 18.99
C ARG D 28 39.46 -13.24 19.66
N ILE D 29 38.77 -12.10 19.56
CA ILE D 29 37.42 -11.92 20.11
C ILE D 29 36.46 -11.82 18.93
N ILE D 30 35.44 -12.66 18.93
CA ILE D 30 34.39 -12.64 17.91
C ILE D 30 33.10 -12.24 18.61
N MET D 31 32.37 -11.28 18.04
CA MET D 31 31.15 -10.81 18.68
C MET D 31 29.95 -11.30 17.85
N LEU D 32 29.14 -12.17 18.44
CA LEU D 32 27.86 -12.59 17.83
C LEU D 32 26.76 -11.79 18.54
N GLY D 33 26.22 -10.78 17.84
CA GLY D 33 25.31 -9.87 18.50
C GLY D 33 24.04 -9.60 17.71
N SER D 34 23.58 -10.63 17.02
CA SER D 34 22.44 -10.49 16.13
C SER D 34 21.76 -11.85 16.00
N GLN D 35 20.63 -11.85 15.29
CA GLN D 35 20.02 -13.09 14.87
C GLN D 35 21.01 -13.89 14.03
N ILE D 36 20.87 -15.20 14.05
CA ILE D 36 21.77 -16.10 13.35
C ILE D 36 21.11 -16.47 12.03
N ASP D 37 21.67 -15.98 10.93
CA ASP D 37 21.24 -16.38 9.60
C ASP D 37 22.47 -16.82 8.80
N ASP D 38 22.26 -17.18 7.53
CA ASP D 38 23.38 -17.72 6.74
C ASP D 38 24.49 -16.69 6.59
N ASN D 39 24.15 -15.41 6.47
CA ASN D 39 25.17 -14.35 6.35
C ASN D 39 26.00 -14.22 7.61
N VAL D 40 25.34 -14.19 8.78
CA VAL D 40 26.05 -14.13 10.06
C VAL D 40 26.93 -15.36 10.25
N ALA D 41 26.39 -16.53 9.94
CA ALA D 41 27.17 -17.76 10.12
C ALA D 41 28.39 -17.76 9.19
N ASN D 42 28.21 -17.29 7.96
N ASN D 42 28.24 -17.30 7.95
CA ASN D 42 29.32 -17.21 7.01
CA ASN D 42 29.40 -17.28 7.07
C ASN D 42 30.44 -16.35 7.58
C ASN D 42 30.48 -16.38 7.64
N SER D 43 30.08 -15.24 8.22
CA SER D 43 31.07 -14.34 8.80
C SER D 43 31.72 -14.97 10.01
N ILE D 44 30.92 -15.57 10.89
CA ILE D 44 31.50 -16.17 12.12
C ILE D 44 32.42 -17.32 11.76
N VAL D 45 31.97 -18.19 10.87
CA VAL D 45 32.80 -19.32 10.43
C VAL D 45 34.11 -18.81 9.83
N SER D 46 34.03 -17.79 8.96
CA SER D 46 35.25 -17.26 8.34
C SER D 46 36.19 -16.68 9.39
N GLN D 47 35.64 -16.01 10.40
CA GLN D 47 36.50 -15.52 11.48
C GLN D 47 37.14 -16.67 12.26
N LEU D 48 36.40 -17.74 12.54
CA LEU D 48 36.97 -18.88 13.26
C LEU D 48 38.10 -19.53 12.47
N LEU D 49 37.88 -19.71 11.16
CA LEU D 49 38.91 -20.32 10.32
C LEU D 49 40.13 -19.41 10.25
N PHE D 50 39.91 -18.10 10.14
CA PHE D 50 41.03 -17.17 10.08
C PHE D 50 41.86 -17.21 11.35
N LEU D 51 41.19 -17.20 12.51
CA LEU D 51 41.92 -17.23 13.79
C LEU D 51 42.68 -18.51 13.97
N GLN D 52 42.11 -19.65 13.57
CA GLN D 52 42.88 -20.91 13.65
C GLN D 52 44.11 -20.86 12.76
N ALA D 53 43.96 -20.29 11.54
CA ALA D 53 45.09 -20.19 10.62
C ALA D 53 46.19 -19.29 11.17
N GLN D 54 45.81 -18.24 11.91
CA GLN D 54 46.85 -17.39 12.52
C GLN D 54 47.60 -18.12 13.62
N ASP D 55 46.87 -18.87 14.44
CA ASP D 55 47.47 -19.53 15.62
C ASP D 55 46.52 -20.65 16.05
N SER D 56 46.96 -21.90 15.91
CA SER D 56 46.04 -23.00 16.19
C SER D 56 46.00 -23.42 17.65
N GLU D 57 46.79 -22.80 18.52
CA GLU D 57 46.86 -23.16 19.94
C GLU D 57 46.12 -22.18 20.85
N LYS D 58 46.07 -20.90 20.53
CA LYS D 58 45.52 -19.88 21.42
C LYS D 58 44.00 -19.93 21.44
N ASP D 59 43.42 -19.65 22.61
CA ASP D 59 41.97 -19.63 22.74
C ASP D 59 41.34 -18.53 21.89
N ILE D 60 40.06 -18.77 21.56
CA ILE D 60 39.21 -17.80 20.89
C ILE D 60 38.07 -17.46 21.85
N TYR D 61 37.62 -16.21 21.81
CA TYR D 61 36.52 -15.77 22.68
C TYR D 61 35.32 -15.38 21.83
N LEU D 62 34.19 -16.07 22.02
CA LEU D 62 32.97 -15.81 21.27
C LEU D 62 31.95 -15.23 22.24
N TYR D 63 31.70 -13.94 22.13
CA TYR D 63 30.62 -13.29 22.89
C TYR D 63 29.32 -13.51 22.17
N ILE D 64 28.27 -13.84 22.94
CA ILE D 64 26.98 -14.20 22.38
C ILE D 64 25.91 -13.32 23.02
N ASN D 65 25.24 -12.52 22.20
CA ASN D 65 24.01 -11.81 22.58
C ASN D 65 23.11 -12.01 21.36
N SER D 66 22.28 -13.04 21.40
CA SER D 66 21.54 -13.41 20.19
C SER D 66 20.16 -13.96 20.51
N PRO D 67 19.13 -13.57 19.75
CA PRO D 67 17.81 -14.17 19.94
C PRO D 67 17.64 -15.53 19.27
N GLY D 68 18.65 -16.04 18.60
CA GLY D 68 18.55 -17.30 17.89
C GLY D 68 18.52 -17.08 16.39
N GLY D 69 17.97 -18.05 15.69
CA GLY D 69 17.86 -17.94 14.24
C GLY D 69 17.83 -19.31 13.61
N SER D 70 18.37 -19.38 12.40
CA SER D 70 18.30 -20.59 11.60
C SER D 70 19.10 -21.73 12.22
N VAL D 71 18.47 -22.91 12.30
CA VAL D 71 19.17 -24.06 12.89
C VAL D 71 20.36 -24.48 12.02
N THR D 72 20.19 -24.52 10.69
CA THR D 72 21.33 -24.94 9.87
C THR D 72 22.46 -23.91 9.93
N ALA D 73 22.13 -22.62 9.94
CA ALA D 73 23.17 -21.60 10.10
C ALA D 73 23.86 -21.76 11.44
N GLY D 74 23.11 -22.02 12.51
CA GLY D 74 23.72 -22.29 13.81
C GLY D 74 24.62 -23.51 13.79
N PHE D 75 24.24 -24.54 13.04
CA PHE D 75 25.09 -25.73 12.97
C PHE D 75 26.34 -25.49 12.13
N ALA D 76 26.30 -24.58 11.15
CA ALA D 76 27.54 -24.21 10.47
C ALA D 76 28.55 -23.70 11.48
N ILE D 77 28.10 -22.85 12.41
CA ILE D 77 28.97 -22.33 13.46
C ILE D 77 29.36 -23.43 14.43
N TYR D 78 28.37 -24.21 14.89
CA TYR D 78 28.62 -25.27 15.86
C TYR D 78 29.69 -26.23 15.38
N ASP D 79 29.54 -26.74 14.16
CA ASP D 79 30.50 -27.73 13.67
C ASP D 79 31.88 -27.12 13.44
N THR D 80 31.93 -25.83 13.07
CA THR D 80 33.25 -25.20 12.92
C THR D 80 33.94 -25.06 14.27
N ILE D 81 33.20 -24.66 15.31
CA ILE D 81 33.80 -24.62 16.64
C ILE D 81 34.39 -25.98 17.01
N GLN D 82 33.64 -27.06 16.76
CA GLN D 82 34.15 -28.37 17.18
C GLN D 82 35.28 -28.84 16.29
N HIS D 83 35.32 -28.38 15.05
CA HIS D 83 36.33 -28.87 14.12
C HIS D 83 37.70 -28.28 14.38
N ILE D 84 37.75 -26.98 14.66
CA ILE D 84 39.06 -26.31 14.73
C ILE D 84 39.78 -26.70 16.01
N LYS D 85 41.10 -26.49 15.98
CA LYS D 85 41.96 -26.86 17.12
C LYS D 85 41.78 -25.96 18.33
N PRO D 86 41.75 -24.62 18.20
CA PRO D 86 41.64 -23.78 19.40
C PRO D 86 40.37 -24.05 20.20
N ASP D 87 40.49 -23.93 21.52
CA ASP D 87 39.33 -23.83 22.38
C ASP D 87 38.58 -22.55 22.08
N VAL D 88 37.25 -22.64 21.97
CA VAL D 88 36.41 -21.47 21.79
C VAL D 88 35.65 -21.23 23.09
N GLN D 89 35.99 -20.17 23.80
CA GLN D 89 35.26 -19.82 25.01
C GLN D 89 33.99 -19.12 24.58
N THR D 90 32.89 -19.39 25.26
CA THR D 90 31.63 -18.72 24.95
C THR D 90 31.23 -17.89 26.15
N ILE D 91 30.73 -16.68 25.90
CA ILE D 91 30.41 -15.73 26.96
C ILE D 91 29.09 -15.09 26.62
N CYS D 92 28.07 -15.39 27.40
CA CYS D 92 26.74 -14.84 27.15
C CYS D 92 26.61 -13.49 27.86
N ILE D 93 26.26 -12.46 27.09
CA ILE D 93 25.93 -11.14 27.61
C ILE D 93 24.52 -10.80 27.11
N GLY D 94 23.69 -10.23 27.98
CA GLY D 94 22.37 -9.88 27.54
C GLY D 94 21.44 -11.07 27.50
N MET D 95 21.38 -11.78 26.36
CA MET D 95 20.47 -12.92 26.21
C MET D 95 21.09 -13.91 25.21
N ALA D 96 20.94 -15.21 25.48
CA ALA D 96 21.30 -16.24 24.51
C ALA D 96 20.04 -17.08 24.41
N ALA D 97 19.27 -16.90 23.34
CA ALA D 97 18.01 -17.58 23.21
C ALA D 97 18.03 -18.52 22.02
N SER D 98 17.35 -19.66 22.17
CA SER D 98 17.10 -20.56 21.05
C SER D 98 18.43 -21.02 20.50
N MET D 99 18.73 -20.84 19.20
CA MET D 99 20.00 -21.33 18.69
C MET D 99 21.18 -20.59 19.34
N GLY D 100 20.95 -19.41 19.91
CA GLY D 100 21.99 -18.72 20.66
C GLY D 100 22.39 -19.46 21.93
N SER D 101 21.41 -20.05 22.66
CA SER D 101 21.79 -20.81 23.85
C SER D 101 22.43 -22.16 23.49
N PHE D 102 22.03 -22.73 22.34
CA PHE D 102 22.70 -23.92 21.83
C PHE D 102 24.17 -23.64 21.53
N LEU D 103 24.47 -22.48 20.90
CA LEU D 103 25.87 -22.16 20.65
C LEU D 103 26.61 -21.83 21.97
N LEU D 104 25.95 -21.20 22.93
CA LEU D 104 26.59 -20.96 24.23
C LEU D 104 27.06 -22.28 24.85
N ALA D 105 26.20 -23.30 24.80
CA ALA D 105 26.50 -24.60 25.38
C ALA D 105 27.58 -25.35 24.59
N ALA D 106 27.87 -24.90 23.37
CA ALA D 106 28.83 -25.53 22.47
C ALA D 106 30.26 -25.06 22.69
N GLY D 107 30.47 -24.08 23.56
CA GLY D 107 31.82 -23.64 23.88
C GLY D 107 32.65 -24.73 24.55
N ALA D 108 33.95 -24.49 24.60
CA ALA D 108 34.85 -25.46 25.21
C ALA D 108 34.44 -25.78 26.64
N LYS D 109 34.36 -27.05 26.98
CA LYS D 109 33.91 -27.43 28.32
C LYS D 109 34.85 -26.84 29.37
N GLY D 110 34.28 -26.19 30.39
CA GLY D 110 35.05 -25.41 31.33
C GLY D 110 35.21 -23.95 30.94
N LYS D 111 34.89 -23.58 29.70
CA LYS D 111 35.10 -22.21 29.24
C LYS D 111 33.82 -21.61 28.67
N ARG D 112 32.66 -22.00 29.23
CA ARG D 112 31.36 -21.44 28.88
C ARG D 112 30.87 -20.59 30.04
N PHE D 113 30.56 -19.32 29.75
CA PHE D 113 30.29 -18.35 30.78
C PHE D 113 29.03 -17.56 30.49
N ALA D 114 28.46 -16.99 31.54
CA ALA D 114 27.43 -15.97 31.39
C ALA D 114 27.68 -14.92 32.45
N LEU D 115 27.41 -13.65 32.10
CA LEU D 115 27.46 -12.55 33.07
C LEU D 115 26.24 -12.64 33.99
N PRO D 116 26.29 -12.01 35.16
CA PRO D 116 25.31 -12.33 36.23
C PRO D 116 23.88 -12.06 35.86
N ASN D 117 23.62 -11.04 35.05
CA ASN D 117 22.25 -10.69 34.68
C ASN D 117 21.90 -11.11 33.27
N ALA D 118 22.75 -11.92 32.63
CA ALA D 118 22.44 -12.45 31.32
C ALA D 118 21.30 -13.47 31.41
N GLU D 119 20.51 -13.54 30.35
CA GLU D 119 19.38 -14.45 30.30
C GLU D 119 19.64 -15.54 29.27
N VAL D 120 19.11 -16.74 29.53
CA VAL D 120 19.25 -17.86 28.62
C VAL D 120 17.85 -18.41 28.41
N MET D 121 17.50 -18.73 27.17
CA MET D 121 16.19 -19.31 26.92
C MET D 121 16.36 -20.51 26.00
N ILE D 122 15.66 -21.61 26.32
CA ILE D 122 15.68 -22.79 25.46
C ILE D 122 14.25 -23.13 25.06
N HIS D 123 14.08 -23.65 23.85
CA HIS D 123 12.75 -24.08 23.42
C HIS D 123 12.91 -24.95 22.19
N GLN D 124 11.81 -25.49 21.70
CA GLN D 124 11.90 -26.39 20.56
C GLN D 124 11.89 -25.61 19.25
N PRO D 125 12.32 -26.24 18.17
CA PRO D 125 12.37 -25.54 16.88
C PRO D 125 10.99 -25.14 16.38
N LEU D 126 10.99 -24.10 15.56
CA LEU D 126 9.79 -23.56 14.91
C LEU D 126 9.99 -23.60 13.39
N GLY D 127 8.89 -23.72 12.66
CA GLY D 127 9.01 -23.75 11.22
C GLY D 127 7.63 -23.63 10.58
N GLY D 128 7.57 -23.98 9.32
CA GLY D 128 6.32 -23.89 8.60
C GLY D 128 6.34 -24.92 7.50
N ALA D 129 5.16 -25.20 6.99
CA ALA D 129 4.98 -26.17 5.92
C ALA D 129 3.71 -25.78 5.19
N GLN D 130 3.75 -25.87 3.86
CA GLN D 130 2.60 -25.53 3.06
C GLN D 130 2.60 -26.45 1.85
N GLY D 131 1.42 -26.87 1.42
CA GLY D 131 1.36 -27.66 0.21
C GLY D 131 0.52 -28.91 0.37
N GLN D 132 0.82 -29.93 -0.43
CA GLN D 132 0.06 -31.17 -0.39
C GLN D 132 0.32 -31.91 0.92
N ALA D 133 -0.61 -32.78 1.29
CA ALA D 133 -0.44 -33.58 2.51
C ALA D 133 0.92 -34.28 2.54
N THR D 134 1.34 -34.83 1.42
CA THR D 134 2.64 -35.50 1.34
C THR D 134 3.79 -34.55 1.66
N GLU D 135 3.71 -33.29 1.18
CA GLU D 135 4.75 -32.30 1.43
C GLU D 135 4.76 -31.88 2.88
N ILE D 136 3.57 -31.71 3.47
CA ILE D 136 3.49 -31.34 4.88
C ILE D 136 4.09 -32.43 5.74
N GLU D 137 3.84 -33.69 5.38
CA GLU D 137 4.42 -34.82 6.09
C GLU D 137 5.94 -34.81 6.01
N ILE D 138 6.49 -34.54 4.81
CA ILE D 138 7.95 -34.45 4.67
C ILE D 138 8.50 -33.35 5.56
N ALA D 139 7.83 -32.19 5.58
CA ALA D 139 8.30 -31.06 6.37
C ALA D 139 8.21 -31.36 7.87
N ALA D 140 7.12 -32.02 8.30
CA ALA D 140 6.97 -32.38 9.71
C ALA D 140 8.06 -33.37 10.12
N ASN D 141 8.32 -34.39 9.28
CA ASN D 141 9.36 -35.36 9.62
C ASN D 141 10.73 -34.69 9.71
N HIS D 142 11.00 -33.72 8.84
CA HIS D 142 12.28 -33.03 8.86
C HIS D 142 12.44 -32.22 10.14
N ILE D 143 11.41 -31.46 10.55
CA ILE D 143 11.61 -30.63 11.74
C ILE D 143 11.64 -31.49 13.01
N LEU D 144 10.92 -32.61 13.01
CA LEU D 144 11.02 -33.51 14.16
C LEU D 144 12.39 -34.15 14.27
N LYS D 145 12.96 -34.56 13.13
CA LYS D 145 14.31 -35.13 13.12
C LYS D 145 15.35 -34.08 13.52
N THR D 146 15.13 -32.82 13.10
CA THR D 146 16.01 -31.74 13.51
C THR D 146 15.91 -31.51 15.02
N ARG D 147 14.70 -31.57 15.58
CA ARG D 147 14.57 -31.46 17.03
C ARG D 147 15.29 -32.60 17.77
N GLU D 148 15.17 -33.84 17.28
CA GLU D 148 15.89 -34.96 17.91
C GLU D 148 17.39 -34.74 17.87
N LYS D 149 17.90 -34.21 16.77
CA LYS D 149 19.33 -33.94 16.66
C LYS D 149 19.78 -32.88 17.66
N LEU D 150 19.03 -31.78 17.74
CA LEU D 150 19.36 -30.74 18.71
C LEU D 150 19.32 -31.29 20.13
N ASN D 151 18.30 -32.07 20.46
CA ASN D 151 18.18 -32.59 21.82
C ASN D 151 19.32 -33.54 22.15
N ARG D 152 19.71 -34.38 21.20
CA ARG D 152 20.81 -35.31 21.46
C ARG D 152 22.10 -34.55 21.76
N ILE D 153 22.40 -33.53 20.95
CA ILE D 153 23.62 -32.78 21.20
C ILE D 153 23.52 -31.98 22.49
N LEU D 154 22.36 -31.32 22.74
CA LEU D 154 22.27 -30.57 23.99
C LEU D 154 22.41 -31.48 25.20
N SER D 155 21.85 -32.68 25.11
CA SER D 155 22.04 -33.66 26.18
C SER D 155 23.51 -33.94 26.42
N GLU D 156 24.29 -34.15 25.35
CA GLU D 156 25.72 -34.41 25.51
C GLU D 156 26.44 -33.21 26.13
N ARG D 157 26.03 -32.01 25.73
CA ARG D 157 26.70 -30.78 26.15
C ARG D 157 26.34 -30.35 27.56
N THR D 158 25.15 -30.71 28.04
CA THR D 158 24.68 -30.28 29.36
C THR D 158 24.73 -31.37 30.43
N GLY D 159 24.75 -32.65 30.05
CA GLY D 159 24.62 -33.72 31.01
C GLY D 159 23.20 -34.09 31.37
N GLN D 160 22.20 -33.39 30.84
CA GLN D 160 20.80 -33.74 31.08
C GLN D 160 20.35 -34.82 30.11
N SER D 161 19.38 -35.65 30.54
CA SER D 161 18.84 -36.68 29.67
C SER D 161 18.08 -36.07 28.49
N ILE D 162 18.00 -36.83 27.39
CA ILE D 162 17.23 -36.37 26.24
C ILE D 162 15.78 -36.17 26.63
N GLU D 163 15.25 -37.05 27.48
CA GLU D 163 13.86 -36.94 27.92
C GLU D 163 13.63 -35.65 28.68
N LYS D 164 14.58 -35.26 29.54
CA LYS D 164 14.45 -34.01 30.28
C LYS D 164 14.53 -32.80 29.34
N ILE D 165 15.47 -32.83 28.39
CA ILE D 165 15.59 -31.75 27.41
C ILE D 165 14.30 -31.57 26.64
N GLN D 166 13.70 -32.69 26.22
CA GLN D 166 12.43 -32.64 25.48
C GLN D 166 11.33 -31.98 26.32
N GLN D 167 11.19 -32.38 27.58
CA GLN D 167 10.18 -31.77 28.43
C GLN D 167 10.46 -30.29 28.66
N ASP D 168 11.73 -29.94 28.88
CA ASP D 168 12.08 -28.58 29.24
C ASP D 168 12.08 -27.64 28.05
N THR D 169 11.92 -28.16 26.84
CA THR D 169 11.88 -27.29 25.67
C THR D 169 10.52 -27.30 25.01
N ASP D 170 9.52 -27.95 25.63
CA ASP D 170 8.18 -28.01 25.00
C ASP D 170 7.61 -26.61 24.79
N ARG D 171 7.84 -25.72 25.74
CA ARG D 171 7.47 -24.31 25.65
C ARG D 171 8.72 -23.48 25.97
N ASP D 172 8.62 -22.16 25.76
CA ASP D 172 9.74 -21.25 26.10
C ASP D 172 10.14 -21.42 27.55
N ASN D 173 11.42 -21.63 27.78
CA ASN D 173 11.92 -21.88 29.13
C ASN D 173 13.04 -20.88 29.40
N PHE D 174 12.77 -19.90 30.25
CA PHE D 174 13.72 -18.85 30.57
C PHE D 174 14.53 -19.25 31.80
N LEU D 175 15.84 -19.05 31.73
CA LEU D 175 16.76 -19.38 32.81
C LEU D 175 17.61 -18.17 33.17
N THR D 176 17.82 -17.97 34.48
CA THR D 176 18.86 -17.04 34.89
C THR D 176 20.23 -17.64 34.59
N ALA D 177 21.27 -16.79 34.71
CA ALA D 177 22.63 -17.32 34.55
C ALA D 177 22.91 -18.42 35.56
N ALA D 178 22.51 -18.21 36.81
CA ALA D 178 22.76 -19.23 37.83
C ALA D 178 22.02 -20.52 37.48
N GLU D 179 20.79 -20.40 36.96
CA GLU D 179 20.05 -21.60 36.57
C GLU D 179 20.69 -22.28 35.36
N ALA D 180 21.28 -21.50 34.45
CA ALA D 180 21.93 -22.08 33.29
C ALA D 180 23.15 -22.88 33.71
N LYS D 181 23.86 -22.41 34.75
CA LYS D 181 24.97 -23.17 35.29
C LYS D 181 24.49 -24.47 35.94
N GLU D 182 23.44 -24.39 36.75
CA GLU D 182 22.87 -25.62 37.31
C GLU D 182 22.42 -26.59 36.23
N TYR D 183 21.90 -26.06 35.09
CA TYR D 183 21.40 -26.90 34.01
C TYR D 183 22.52 -27.58 33.23
N GLY D 184 23.70 -26.99 33.23
CA GLY D 184 24.81 -27.48 32.43
C GLY D 184 25.04 -26.74 31.14
N LEU D 185 24.32 -25.65 30.89
CA LEU D 185 24.49 -24.88 29.65
C LEU D 185 25.77 -24.05 29.69
N ILE D 186 26.19 -23.61 30.88
CA ILE D 186 27.44 -22.90 31.08
C ILE D 186 28.17 -23.56 32.25
N ASP D 187 29.43 -23.20 32.38
CA ASP D 187 30.29 -23.71 33.46
C ASP D 187 30.40 -22.75 34.63
N GLU D 188 30.32 -21.44 34.39
CA GLU D 188 30.53 -20.49 35.47
C GLU D 188 29.74 -19.22 35.18
N VAL D 189 29.22 -18.60 36.24
CA VAL D 189 28.74 -17.24 36.16
C VAL D 189 29.94 -16.33 36.40
N MET D 190 30.22 -15.47 35.42
CA MET D 190 31.39 -14.59 35.46
C MET D 190 31.11 -13.43 36.41
N GLU D 191 31.86 -13.37 37.51
CA GLU D 191 31.76 -12.32 38.51
C GLU D 191 32.78 -11.21 38.27
N PRO D 192 32.54 -9.99 38.78
CA PRO D 192 33.39 -8.85 38.45
C PRO D 192 34.87 -9.01 38.82
N ILE E 4 31.95 -9.02 7.27
CA ILE E 4 32.12 -7.58 7.43
C ILE E 4 33.36 -7.07 8.22
N PRO E 5 34.08 -7.89 8.98
CA PRO E 5 35.27 -7.35 9.66
C PRO E 5 36.44 -7.17 8.69
N THR E 6 37.38 -6.34 9.11
CA THR E 6 38.55 -5.97 8.33
C THR E 6 39.79 -6.55 9.00
N VAL E 7 40.73 -7.02 8.17
CA VAL E 7 41.99 -7.59 8.64
C VAL E 7 43.15 -6.87 7.96
N TYR E 18 41.90 -5.86 4.09
CA TYR E 18 41.05 -6.91 3.56
C TYR E 18 39.75 -6.99 4.40
N ASP E 19 38.61 -7.29 3.79
CA ASP E 19 37.53 -7.86 4.59
C ASP E 19 37.81 -9.34 4.84
N ILE E 20 37.03 -9.98 5.74
CA ILE E 20 37.40 -11.34 6.15
C ILE E 20 37.37 -12.30 4.96
N TYR E 21 36.44 -12.11 4.01
CA TYR E 21 36.38 -13.02 2.86
C TYR E 21 37.56 -12.82 1.93
N SER E 22 37.95 -11.56 1.69
CA SER E 22 39.13 -11.29 0.88
C SER E 22 40.37 -11.92 1.50
N ARG E 23 40.43 -11.91 2.82
CA ARG E 23 41.55 -12.53 3.52
C ARG E 23 41.59 -14.05 3.32
N LEU E 24 40.43 -14.71 3.36
CA LEU E 24 40.41 -16.14 3.11
C LEU E 24 40.72 -16.44 1.66
N LEU E 25 40.28 -15.56 0.73
CA LEU E 25 40.58 -15.77 -0.69
C LEU E 25 42.07 -15.77 -0.94
N LYS E 26 42.81 -14.99 -0.16
CA LYS E 26 44.27 -15.01 -0.23
C LYS E 26 44.83 -16.41 0.01
N ASP E 27 44.13 -17.24 0.81
CA ASP E 27 44.52 -18.62 1.08
C ASP E 27 43.75 -19.64 0.25
N ARG E 28 43.16 -19.19 -0.85
CA ARG E 28 42.46 -20.02 -1.85
C ARG E 28 41.16 -20.61 -1.31
N ILE E 29 40.48 -19.90 -0.41
CA ILE E 29 39.22 -20.35 0.15
C ILE E 29 38.13 -19.44 -0.37
N ILE E 30 37.07 -20.04 -0.92
CA ILE E 30 35.90 -19.31 -1.40
C ILE E 30 34.73 -19.72 -0.52
N MET E 31 33.98 -18.72 -0.04
CA MET E 31 32.86 -18.98 0.87
C MET E 31 31.56 -18.74 0.10
N LEU E 32 30.77 -19.80 -0.08
CA LEU E 32 29.44 -19.68 -0.68
C LEU E 32 28.44 -19.76 0.46
N GLY E 33 27.84 -18.63 0.79
CA GLY E 33 27.01 -18.61 1.97
C GLY E 33 25.67 -17.95 1.75
N SER E 34 25.11 -18.15 0.58
CA SER E 34 23.85 -17.48 0.24
C SER E 34 23.18 -18.28 -0.86
N GLN E 35 22.00 -17.79 -1.26
CA GLN E 35 21.33 -18.27 -2.45
C GLN E 35 22.21 -18.03 -3.67
N ILE E 36 22.05 -18.89 -4.67
CA ILE E 36 22.84 -18.84 -5.89
C ILE E 36 22.03 -18.09 -6.94
N ASP E 37 22.45 -16.89 -7.28
CA ASP E 37 21.87 -16.15 -8.38
C ASP E 37 23.00 -15.71 -9.30
N ASP E 38 22.67 -14.96 -10.34
CA ASP E 38 23.68 -14.57 -11.31
C ASP E 38 24.79 -13.74 -10.68
N ASN E 39 24.45 -12.85 -9.74
CA ASN E 39 25.47 -12.04 -9.09
C ASN E 39 26.43 -12.90 -8.27
N VAL E 40 25.89 -13.86 -7.51
CA VAL E 40 26.75 -14.75 -6.73
C VAL E 40 27.61 -15.61 -7.65
N ALA E 41 27.01 -16.16 -8.70
CA ALA E 41 27.79 -17.00 -9.62
C ALA E 41 28.88 -16.21 -10.30
N ASN E 42 28.59 -14.99 -10.72
CA ASN E 42 29.61 -14.19 -11.37
C ASN E 42 30.80 -13.96 -10.45
N SER E 43 30.51 -13.64 -9.19
CA SER E 43 31.57 -13.45 -8.21
C SER E 43 32.39 -14.73 -8.00
N ILE E 44 31.72 -15.87 -7.80
CA ILE E 44 32.43 -17.14 -7.55
C ILE E 44 33.26 -17.54 -8.77
N VAL E 45 32.67 -17.42 -9.96
CA VAL E 45 33.42 -17.75 -11.18
C VAL E 45 34.66 -16.88 -11.28
N SER E 46 34.50 -15.58 -10.98
CA SER E 46 35.65 -14.66 -11.05
C SER E 46 36.71 -15.01 -10.02
N GLN E 47 36.30 -15.44 -8.81
CA GLN E 47 37.28 -15.87 -7.82
C GLN E 47 37.99 -17.15 -8.26
N LEU E 48 37.25 -18.09 -8.85
CA LEU E 48 37.88 -19.31 -9.35
C LEU E 48 38.91 -19.01 -10.44
N LEU E 49 38.54 -18.15 -11.41
CA LEU E 49 39.45 -17.80 -12.49
C LEU E 49 40.69 -17.09 -11.96
N PHE E 50 40.48 -16.19 -11.00
CA PHE E 50 41.61 -15.51 -10.37
C PHE E 50 42.53 -16.52 -9.67
N LEU E 51 41.95 -17.47 -8.92
CA LEU E 51 42.82 -18.42 -8.18
C LEU E 51 43.59 -19.32 -9.14
N GLN E 52 42.96 -19.73 -10.25
CA GLN E 52 43.72 -20.50 -11.23
C GLN E 52 44.86 -19.69 -11.82
N ALA E 53 44.63 -18.40 -12.09
CA ALA E 53 45.68 -17.57 -12.67
C ALA E 53 46.84 -17.36 -11.70
N GLN E 54 46.55 -17.30 -10.40
CA GLN E 54 47.61 -17.18 -9.40
C GLN E 54 48.45 -18.45 -9.32
N ASP E 55 47.81 -19.61 -9.39
CA ASP E 55 48.52 -20.89 -9.25
C ASP E 55 47.61 -21.95 -9.85
N SER E 56 48.06 -22.58 -10.94
CA SER E 56 47.15 -23.54 -11.55
C SER E 56 47.25 -24.94 -10.93
N GLU E 57 48.15 -25.15 -9.97
CA GLU E 57 48.34 -26.47 -9.38
C GLU E 57 47.72 -26.63 -8.01
N LYS E 58 47.70 -25.59 -7.19
CA LYS E 58 47.25 -25.73 -5.80
C LYS E 58 45.73 -25.87 -5.68
N ASP E 59 45.30 -26.67 -4.70
CA ASP E 59 43.87 -26.85 -4.46
C ASP E 59 43.20 -25.52 -4.10
N ILE E 60 41.91 -25.47 -4.41
CA ILE E 60 40.98 -24.42 -4.02
C ILE E 60 39.98 -25.06 -3.08
N TYR E 61 39.51 -24.30 -2.10
CA TYR E 61 38.52 -24.82 -1.14
C TYR E 61 37.25 -23.99 -1.24
N LEU E 62 36.13 -24.65 -1.58
CA LEU E 62 34.82 -24.01 -1.73
C LEU E 62 33.91 -24.46 -0.59
N TYR E 63 33.68 -23.57 0.37
CA TYR E 63 32.74 -23.85 1.44
C TYR E 63 31.32 -23.52 0.96
N ILE E 64 30.38 -24.41 1.28
CA ILE E 64 29.03 -24.29 0.77
C ILE E 64 28.04 -24.32 1.93
N ASN E 65 27.32 -23.23 2.12
CA ASN E 65 26.16 -23.15 2.99
C ASN E 65 25.12 -22.42 2.14
N SER E 66 24.25 -23.16 1.44
CA SER E 66 23.41 -22.49 0.45
C SER E 66 22.06 -23.20 0.34
N PRO E 67 20.97 -22.44 0.29
CA PRO E 67 19.64 -23.03 0.03
C PRO E 67 19.40 -23.35 -1.43
N GLY E 68 20.34 -23.02 -2.30
CA GLY E 68 20.20 -23.29 -3.71
C GLY E 68 19.98 -22.03 -4.51
N GLY E 69 19.34 -22.14 -5.65
CA GLY E 69 19.08 -20.94 -6.43
C GLY E 69 18.95 -21.30 -7.91
N SER E 70 19.36 -20.36 -8.75
CA SER E 70 19.14 -20.47 -10.17
C SER E 70 19.95 -21.63 -10.75
N VAL E 71 19.32 -22.45 -11.59
CA VAL E 71 20.05 -23.57 -12.19
C VAL E 71 21.15 -23.06 -13.13
N THR E 72 20.83 -22.06 -13.98
CA THR E 72 21.88 -21.61 -14.92
C THR E 72 23.02 -20.92 -14.18
N ALA E 73 22.71 -20.17 -13.13
CA ALA E 73 23.76 -19.59 -12.29
C ALA E 73 24.60 -20.68 -11.64
N GLY E 74 23.96 -21.75 -11.15
CA GLY E 74 24.72 -22.86 -10.61
C GLY E 74 25.59 -23.53 -11.65
N PHE E 75 25.10 -23.62 -12.91
CA PHE E 75 25.93 -24.26 -13.94
C PHE E 75 27.10 -23.38 -14.36
N ALA E 76 26.96 -22.05 -14.26
CA ALA E 76 28.13 -21.21 -14.49
C ALA E 76 29.25 -21.59 -13.54
N ILE E 77 28.90 -21.83 -12.27
CA ILE E 77 29.90 -22.25 -11.27
C ILE E 77 30.38 -23.66 -11.57
N TYR E 78 29.43 -24.58 -11.80
CA TYR E 78 29.76 -25.97 -12.07
C TYR E 78 30.76 -26.11 -13.21
N ASP E 79 30.45 -25.48 -14.35
CA ASP E 79 31.31 -25.63 -15.52
C ASP E 79 32.68 -25.01 -15.29
N THR E 80 32.73 -23.91 -14.53
CA THR E 80 34.03 -23.30 -14.22
C THR E 80 34.87 -24.20 -13.32
N ILE E 81 34.25 -24.85 -12.32
CA ILE E 81 34.97 -25.83 -11.48
C ILE E 81 35.57 -26.94 -12.35
N GLN E 82 34.77 -27.48 -13.29
CA GLN E 82 35.31 -28.55 -14.11
C GLN E 82 36.33 -28.05 -15.13
N HIS E 83 36.26 -26.77 -15.50
CA HIS E 83 37.12 -26.25 -16.56
C HIS E 83 38.53 -25.99 -16.07
N ILE E 84 38.65 -25.40 -14.87
CA ILE E 84 39.96 -24.95 -14.41
C ILE E 84 40.83 -26.14 -14.02
N LYS E 85 42.13 -25.87 -14.00
CA LYS E 85 43.14 -26.89 -13.69
C LYS E 85 43.13 -27.32 -12.23
N PRO E 86 43.08 -26.41 -11.24
CA PRO E 86 43.13 -26.83 -9.83
C PRO E 86 41.98 -27.74 -9.45
N ASP E 87 42.27 -28.67 -8.54
CA ASP E 87 41.19 -29.36 -7.83
C ASP E 87 40.41 -28.37 -6.96
N VAL E 88 39.09 -28.47 -6.99
CA VAL E 88 38.22 -27.66 -6.13
C VAL E 88 37.62 -28.62 -5.10
N GLN E 89 38.05 -28.50 -3.83
CA GLN E 89 37.46 -29.26 -2.74
C GLN E 89 36.16 -28.58 -2.35
N THR E 90 35.12 -29.36 -2.05
CA THR E 90 33.88 -28.77 -1.58
C THR E 90 33.61 -29.26 -0.16
N ILE E 91 33.12 -28.33 0.67
CA ILE E 91 32.92 -28.60 2.09
C ILE E 91 31.57 -28.04 2.47
N CYS E 92 30.65 -28.93 2.84
CA CYS E 92 29.32 -28.51 3.25
C CYS E 92 29.30 -28.21 4.74
N ILE E 93 28.90 -26.98 5.07
CA ILE E 93 28.66 -26.56 6.44
C ILE E 93 27.23 -26.03 6.51
N GLY E 94 26.50 -26.40 7.56
CA GLY E 94 25.12 -25.95 7.63
C GLY E 94 24.21 -26.77 6.76
N MET E 95 23.99 -26.33 5.51
CA MET E 95 23.03 -26.97 4.62
C MET E 95 23.47 -26.74 3.19
N ALA E 96 23.45 -27.79 2.35
CA ALA E 96 23.61 -27.62 0.91
C ALA E 96 22.33 -28.18 0.33
N ALA E 97 21.43 -27.30 -0.11
CA ALA E 97 20.15 -27.75 -0.63
C ALA E 97 20.05 -27.40 -2.10
N SER E 98 19.38 -28.27 -2.85
CA SER E 98 19.00 -27.93 -4.23
C SER E 98 20.27 -27.65 -5.04
N MET E 99 20.40 -26.51 -5.70
CA MET E 99 21.61 -26.27 -6.47
C MET E 99 22.86 -26.26 -5.61
N GLY E 100 22.71 -26.00 -4.31
CA GLY E 100 23.86 -26.12 -3.42
C GLY E 100 24.37 -27.54 -3.29
N SER E 101 23.46 -28.54 -3.20
CA SER E 101 23.96 -29.91 -3.09
C SER E 101 24.50 -30.41 -4.42
N PHE E 102 23.96 -29.89 -5.53
CA PHE E 102 24.54 -30.22 -6.82
C PHE E 102 25.98 -29.74 -6.90
N LEU E 103 26.25 -28.51 -6.45
CA LEU E 103 27.64 -28.00 -6.44
C LEU E 103 28.51 -28.74 -5.43
N LEU E 104 27.95 -29.15 -4.30
CA LEU E 104 28.72 -29.96 -3.35
C LEU E 104 29.21 -31.24 -4.02
N ALA E 105 28.33 -31.91 -4.76
CA ALA E 105 28.72 -33.14 -5.45
C ALA E 105 29.67 -32.89 -6.61
N ALA E 106 29.83 -31.64 -7.03
CA ALA E 106 30.64 -31.27 -8.18
C ALA E 106 32.11 -31.09 -7.82
N GLY E 107 32.46 -31.19 -6.54
CA GLY E 107 33.84 -31.06 -6.13
C GLY E 107 34.72 -32.18 -6.65
N ALA E 108 36.01 -31.97 -6.54
CA ALA E 108 36.97 -32.98 -6.97
C ALA E 108 36.68 -34.32 -6.27
N LYS E 109 36.62 -35.40 -7.05
CA LYS E 109 36.29 -36.70 -6.46
C LYS E 109 37.37 -37.09 -5.45
N GLY E 110 36.91 -37.53 -4.28
CA GLY E 110 37.79 -37.74 -3.13
C GLY E 110 37.94 -36.52 -2.24
N LYS E 111 37.49 -35.33 -2.68
CA LYS E 111 37.69 -34.10 -1.94
C LYS E 111 36.38 -33.38 -1.72
N ARG E 112 35.29 -34.13 -1.55
CA ARG E 112 33.97 -33.59 -1.26
C ARG E 112 33.61 -33.99 0.17
N PHE E 113 33.33 -33.00 1.02
CA PHE E 113 33.19 -33.19 2.45
C PHE E 113 31.92 -32.53 2.95
N ALA E 114 31.45 -33.04 4.09
CA ALA E 114 30.42 -32.35 4.86
C ALA E 114 30.83 -32.47 6.33
N LEU E 115 30.54 -31.43 7.12
CA LEU E 115 30.76 -31.51 8.56
C LEU E 115 29.67 -32.38 9.19
N PRO E 116 29.91 -32.90 10.40
CA PRO E 116 29.04 -33.99 10.89
C PRO E 116 27.56 -33.65 11.01
N ASN E 117 27.23 -32.42 11.37
CA ASN E 117 25.84 -32.03 11.52
C ASN E 117 25.33 -31.20 10.35
N ALA E 118 26.10 -31.13 9.26
CA ALA E 118 25.63 -30.46 8.05
C ALA E 118 24.54 -31.29 7.40
N GLU E 119 23.61 -30.60 6.72
CA GLU E 119 22.48 -31.25 6.06
C GLU E 119 22.58 -31.07 4.55
N VAL E 120 22.05 -32.04 3.82
CA VAL E 120 22.01 -32.01 2.36
C VAL E 120 20.57 -32.27 1.96
N MET E 121 20.06 -31.51 0.99
CA MET E 121 18.72 -31.78 0.51
C MET E 121 18.77 -31.79 -1.01
N ILE E 122 18.11 -32.77 -1.62
CA ILE E 122 18.01 -32.87 -3.07
C ILE E 122 16.54 -32.86 -3.45
N HIS E 123 16.24 -32.22 -4.58
CA HIS E 123 14.88 -32.25 -5.10
C HIS E 123 14.92 -31.83 -6.56
N GLN E 124 13.76 -31.87 -7.21
CA GLN E 124 13.71 -31.51 -8.61
C GLN E 124 13.57 -29.99 -8.81
N PRO E 125 13.90 -29.50 -10.00
CA PRO E 125 13.79 -28.06 -10.25
C PRO E 125 12.36 -27.54 -10.15
N LEU E 126 12.26 -26.26 -9.85
CA LEU E 126 11.00 -25.52 -9.73
C LEU E 126 11.00 -24.38 -10.74
N GLY E 127 9.81 -24.01 -11.21
CA GLY E 127 9.77 -22.91 -12.15
C GLY E 127 8.35 -22.46 -12.35
N GLY E 128 8.15 -21.73 -13.43
CA GLY E 128 6.82 -21.24 -13.73
C GLY E 128 6.69 -21.03 -15.22
N ALA E 129 5.45 -20.90 -15.65
CA ALA E 129 5.15 -20.66 -17.06
C ALA E 129 3.81 -19.94 -17.11
N GLN E 130 3.69 -18.96 -18.01
CA GLN E 130 2.42 -18.27 -18.14
C GLN E 130 2.28 -17.82 -19.59
N GLY E 131 1.08 -17.90 -20.11
CA GLY E 131 0.84 -17.42 -21.47
C GLY E 131 0.06 -18.42 -22.31
N GLN E 132 0.28 -18.39 -23.62
CA GLN E 132 -0.44 -19.31 -24.51
C GLN E 132 -0.04 -20.77 -24.25
N ALA E 133 -0.93 -21.69 -24.62
CA ALA E 133 -0.62 -23.11 -24.50
C ALA E 133 0.71 -23.45 -25.15
N THR E 134 0.98 -22.85 -26.33
CA THR E 134 2.27 -23.11 -27.00
C THR E 134 3.43 -22.66 -26.14
N GLU E 135 3.28 -21.53 -25.45
CA GLU E 135 4.35 -21.02 -24.60
C GLU E 135 4.52 -21.87 -23.36
N ILE E 136 3.42 -22.35 -22.79
CA ILE E 136 3.52 -23.22 -21.61
C ILE E 136 4.22 -24.52 -21.98
N GLU E 137 3.92 -25.05 -23.16
CA GLU E 137 4.59 -26.26 -23.62
C GLU E 137 6.10 -26.05 -23.77
N ILE E 138 6.50 -24.91 -24.35
CA ILE E 138 7.92 -24.61 -24.50
C ILE E 138 8.59 -24.54 -23.14
N ALA E 139 7.93 -23.88 -22.19
CA ALA E 139 8.52 -23.78 -20.87
C ALA E 139 8.56 -25.14 -20.17
N ALA E 140 7.52 -25.96 -20.34
CA ALA E 140 7.53 -27.29 -19.72
C ALA E 140 8.63 -28.15 -20.32
N ASN E 141 8.77 -28.13 -21.64
CA ASN E 141 9.83 -28.94 -22.25
C ASN E 141 11.20 -28.51 -21.74
N HIS E 142 11.39 -27.20 -21.57
CA HIS E 142 12.68 -26.68 -21.13
C HIS E 142 13.00 -27.11 -19.69
N ILE E 143 12.03 -27.01 -18.77
CA ILE E 143 12.38 -27.40 -17.39
C ILE E 143 12.53 -28.92 -17.29
N LEU E 144 11.81 -29.69 -18.10
CA LEU E 144 12.00 -31.13 -18.11
C LEU E 144 13.36 -31.53 -18.66
N LYS E 145 13.82 -30.87 -19.73
CA LYS E 145 15.16 -31.14 -20.25
C LYS E 145 16.21 -30.73 -19.25
N THR E 146 15.94 -29.64 -18.53
CA THR E 146 16.88 -29.20 -17.50
C THR E 146 16.98 -30.25 -16.39
N ARG E 147 15.84 -30.81 -15.98
CA ARG E 147 15.89 -31.86 -14.96
C ARG E 147 16.65 -33.08 -15.46
N GLU E 148 16.44 -33.48 -16.72
CA GLU E 148 17.20 -34.59 -17.28
C GLU E 148 18.69 -34.31 -17.27
N LYS E 149 19.09 -33.08 -17.60
CA LYS E 149 20.50 -32.72 -17.59
C LYS E 149 21.08 -32.79 -16.18
N LEU E 150 20.38 -32.21 -15.21
CA LEU E 150 20.85 -32.28 -13.83
C LEU E 150 20.95 -33.72 -13.34
N ASN E 151 19.94 -34.55 -13.66
CA ASN E 151 19.93 -35.92 -13.14
C ASN E 151 21.06 -36.73 -13.75
N ARG E 152 21.33 -36.49 -15.04
CA ARG E 152 22.42 -37.20 -15.72
C ARG E 152 23.76 -36.90 -15.09
N ILE E 153 24.02 -35.61 -14.80
CA ILE E 153 25.28 -35.24 -14.19
C ILE E 153 25.36 -35.78 -12.76
N LEU E 154 24.28 -35.64 -11.99
CA LEU E 154 24.28 -36.15 -10.63
C LEU E 154 24.47 -37.67 -10.60
N SER E 155 23.88 -38.40 -11.56
CA SER E 155 24.15 -39.83 -11.68
C SER E 155 25.63 -40.09 -11.91
N GLU E 156 26.25 -39.31 -12.80
CA GLU E 156 27.68 -39.48 -13.03
C GLU E 156 28.51 -39.17 -11.78
N ARG E 157 28.12 -38.16 -11.01
CA ARG E 157 28.95 -37.74 -9.87
C ARG E 157 28.75 -38.61 -8.63
N THR E 158 27.60 -39.28 -8.51
CA THR E 158 27.28 -40.08 -7.34
C THR E 158 27.42 -41.58 -7.57
N GLY E 159 27.37 -42.02 -8.83
CA GLY E 159 27.30 -43.44 -9.11
C GLY E 159 25.91 -44.04 -9.03
N GLN E 160 24.90 -43.24 -8.68
CA GLN E 160 23.53 -43.73 -8.66
C GLN E 160 22.95 -43.70 -10.07
N SER E 161 22.00 -44.60 -10.33
CA SER E 161 21.34 -44.58 -11.63
C SER E 161 20.45 -43.35 -11.75
N ILE E 162 20.20 -42.95 -13.01
CA ILE E 162 19.29 -41.84 -13.27
C ILE E 162 17.90 -42.15 -12.73
N GLU E 163 17.46 -43.41 -12.86
CA GLU E 163 16.15 -43.78 -12.36
C GLU E 163 16.04 -43.57 -10.85
N LYS E 164 17.09 -43.92 -10.09
CA LYS E 164 17.06 -43.68 -8.66
C LYS E 164 17.12 -42.19 -8.34
N ILE E 165 17.95 -41.43 -9.06
CA ILE E 165 18.00 -39.99 -8.86
C ILE E 165 16.62 -39.38 -9.08
N GLN E 166 15.95 -39.80 -10.15
CA GLN E 166 14.61 -39.28 -10.45
C GLN E 166 13.65 -39.59 -9.31
N GLN E 167 13.66 -40.83 -8.82
CA GLN E 167 12.77 -41.21 -7.72
C GLN E 167 13.09 -40.41 -6.46
N ASP E 168 14.37 -40.26 -6.15
CA ASP E 168 14.80 -39.65 -4.90
C ASP E 168 14.69 -38.14 -4.89
N THR E 169 14.36 -37.50 -6.02
CA THR E 169 14.22 -36.05 -6.05
C THR E 169 12.81 -35.64 -6.38
N ASP E 170 11.88 -36.60 -6.47
CA ASP E 170 10.50 -36.27 -6.81
C ASP E 170 9.91 -35.30 -5.79
N ARG E 171 10.29 -35.43 -4.53
CA ARG E 171 9.91 -34.54 -3.44
C ARG E 171 11.18 -34.13 -2.71
N ASP E 172 11.07 -33.15 -1.81
CA ASP E 172 12.23 -32.76 -0.99
C ASP E 172 12.78 -33.97 -0.27
N ASN E 173 14.09 -34.19 -0.35
CA ASN E 173 14.72 -35.36 0.24
C ASN E 173 15.89 -34.90 1.10
N PHE E 174 15.73 -34.97 2.43
CA PHE E 174 16.75 -34.48 3.35
C PHE E 174 17.68 -35.63 3.73
N LEU E 175 18.99 -35.36 3.69
CA LEU E 175 20.00 -36.35 4.04
C LEU E 175 20.91 -35.81 5.12
N THR E 176 21.25 -36.68 6.06
CA THR E 176 22.34 -36.35 6.97
C THR E 176 23.65 -36.43 6.22
N ALA E 177 24.72 -35.94 6.87
CA ALA E 177 26.04 -36.06 6.26
C ALA E 177 26.41 -37.52 6.01
N ALA E 178 26.12 -38.40 6.97
CA ALA E 178 26.43 -39.82 6.75
C ALA E 178 25.62 -40.38 5.60
N GLU E 179 24.36 -39.99 5.49
CA GLU E 179 23.55 -40.43 4.37
C GLU E 179 24.05 -39.86 3.05
N ALA E 180 24.58 -38.63 3.06
CA ALA E 180 25.09 -38.06 1.83
C ALA E 180 26.32 -38.80 1.35
N LYS E 181 27.15 -39.26 2.29
CA LYS E 181 28.30 -40.09 1.92
C LYS E 181 27.84 -41.43 1.37
N GLU E 182 26.86 -42.08 2.01
CA GLU E 182 26.34 -43.35 1.48
C GLU E 182 25.79 -43.15 0.07
N TYR E 183 25.17 -42.00 -0.18
CA TYR E 183 24.56 -41.69 -1.48
C TYR E 183 25.59 -41.42 -2.57
N GLY E 184 26.79 -41.00 -2.21
CA GLY E 184 27.78 -40.61 -3.19
C GLY E 184 27.86 -39.13 -3.47
N LEU E 185 27.11 -38.31 -2.74
CA LEU E 185 27.17 -36.87 -2.94
C LEU E 185 28.44 -36.28 -2.36
N ILE E 186 28.99 -36.89 -1.31
CA ILE E 186 30.27 -36.50 -0.73
C ILE E 186 31.12 -37.75 -0.58
N ASP E 187 32.39 -37.53 -0.28
CA ASP E 187 33.31 -38.64 -0.08
C ASP E 187 33.56 -38.98 1.38
N GLU E 188 33.55 -37.97 2.25
CA GLU E 188 33.91 -38.16 3.65
C GLU E 188 33.15 -37.16 4.51
N VAL E 189 32.77 -37.60 5.70
CA VAL E 189 32.33 -36.68 6.74
C VAL E 189 33.58 -36.23 7.49
N MET E 190 33.83 -34.93 7.51
CA MET E 190 35.02 -34.36 8.16
C MET E 190 34.82 -34.35 9.67
N GLU E 191 35.59 -35.15 10.36
CA GLU E 191 35.51 -35.26 11.82
C GLU E 191 36.51 -34.31 12.47
N PRO E 192 36.25 -33.94 13.73
CA PRO E 192 37.04 -32.87 14.36
C PRO E 192 38.54 -33.15 14.35
N GLU E 193 39.30 -32.16 13.88
CA GLU E 193 40.75 -32.20 13.92
C GLU E 193 41.23 -31.95 15.35
N ILE F 4 32.50 -8.94 -5.25
CA ILE F 4 32.42 -8.45 -3.88
C ILE F 4 33.81 -8.45 -3.13
N PRO F 5 34.67 -9.47 -3.28
CA PRO F 5 35.93 -9.48 -2.52
C PRO F 5 36.99 -8.54 -3.08
N THR F 6 37.97 -8.27 -2.23
CA THR F 6 39.05 -7.33 -2.53
C THR F 6 40.38 -8.09 -2.67
N VAL F 7 41.24 -7.60 -3.55
CA VAL F 7 42.53 -8.23 -3.76
C VAL F 7 43.64 -7.21 -3.53
N TYR F 18 41.93 -3.63 -5.26
CA TYR F 18 41.02 -3.99 -6.34
C TYR F 18 39.78 -4.74 -5.79
N ASP F 19 38.59 -4.52 -6.34
CA ASP F 19 37.60 -5.59 -6.21
C ASP F 19 37.92 -6.69 -7.24
N ILE F 20 37.25 -7.85 -7.12
CA ILE F 20 37.65 -8.99 -7.96
C ILE F 20 37.47 -8.67 -9.44
N TYR F 21 36.45 -7.90 -9.80
CA TYR F 21 36.23 -7.57 -11.20
C TYR F 21 37.28 -6.59 -11.71
N SER F 22 37.69 -5.64 -10.87
CA SER F 22 38.78 -4.75 -11.25
C SER F 22 40.08 -5.52 -11.44
N ARG F 23 40.31 -6.54 -10.60
CA ARG F 23 41.50 -7.36 -10.76
C ARG F 23 41.48 -8.13 -12.08
N LEU F 24 40.31 -8.66 -12.47
CA LEU F 24 40.22 -9.37 -13.75
C LEU F 24 40.39 -8.41 -14.92
N LEU F 25 39.87 -7.18 -14.79
CA LEU F 25 40.02 -6.20 -15.87
C LEU F 25 41.49 -5.90 -16.17
N LYS F 26 42.33 -5.96 -15.16
CA LYS F 26 43.77 -5.80 -15.36
C LYS F 26 44.32 -6.83 -16.33
N ASP F 27 43.68 -8.02 -16.38
CA ASP F 27 44.06 -9.08 -17.30
C ASP F 27 43.16 -9.12 -18.54
N ARG F 28 42.48 -8.01 -18.82
CA ARG F 28 41.66 -7.81 -20.02
C ARG F 28 40.42 -8.71 -20.05
N ILE F 29 39.86 -9.00 -18.89
CA ILE F 29 38.65 -9.81 -18.76
C ILE F 29 37.54 -8.89 -18.31
N ILE F 30 36.41 -8.91 -19.04
CA ILE F 30 35.20 -8.16 -18.73
C ILE F 30 34.11 -9.17 -18.42
N MET F 31 33.38 -8.97 -17.33
CA MET F 31 32.34 -9.89 -16.94
C MET F 31 31.01 -9.17 -17.20
N LEU F 32 30.21 -9.70 -18.13
CA LEU F 32 28.86 -9.21 -18.35
C LEU F 32 27.95 -10.24 -17.69
N GLY F 33 27.48 -9.93 -16.47
CA GLY F 33 26.81 -10.90 -15.64
C GLY F 33 25.47 -10.45 -15.07
N SER F 34 24.74 -9.68 -15.86
CA SER F 34 23.48 -9.12 -15.40
C SER F 34 22.63 -8.83 -16.61
N GLN F 35 21.41 -8.36 -16.35
CA GLN F 35 20.58 -7.80 -17.40
C GLN F 35 21.31 -6.65 -18.07
N ILE F 36 21.03 -6.45 -19.36
CA ILE F 36 21.70 -5.40 -20.15
C ILE F 36 20.80 -4.17 -20.16
N ASP F 37 21.21 -3.11 -19.47
CA ASP F 37 20.52 -1.83 -19.51
C ASP F 37 21.55 -0.74 -19.86
N ASP F 38 21.11 0.51 -19.90
CA ASP F 38 22.03 1.56 -20.30
C ASP F 38 23.22 1.66 -19.34
N ASN F 39 22.98 1.46 -18.04
CA ASN F 39 24.07 1.54 -17.07
C ASN F 39 25.09 0.46 -17.31
N VAL F 40 24.63 -0.77 -17.53
CA VAL F 40 25.53 -1.88 -17.81
C VAL F 40 26.27 -1.65 -19.11
N ALA F 41 25.57 -1.19 -20.15
CA ALA F 41 26.24 -0.97 -21.43
C ALA F 41 27.27 0.14 -21.32
N ASN F 42 26.96 1.20 -20.58
N ASN F 42 26.98 1.21 -20.59
CA ASN F 42 27.90 2.31 -20.39
CA ASN F 42 27.96 2.27 -20.45
C ASN F 42 29.18 1.80 -19.75
C ASN F 42 29.22 1.74 -19.78
N SER F 43 29.06 0.88 -18.78
CA SER F 43 30.23 0.37 -18.06
C SER F 43 31.05 -0.50 -18.99
N ILE F 44 30.38 -1.41 -19.71
CA ILE F 44 31.08 -2.34 -20.61
C ILE F 44 31.77 -1.57 -21.73
N VAL F 45 31.07 -0.63 -22.33
CA VAL F 45 31.69 0.16 -23.40
C VAL F 45 32.91 0.88 -22.88
N SER F 46 32.80 1.47 -21.67
CA SER F 46 33.95 2.18 -21.11
C SER F 46 35.12 1.24 -20.87
N GLN F 47 34.85 0.02 -20.40
CA GLN F 47 35.93 -0.95 -20.19
C GLN F 47 36.58 -1.35 -21.51
N LEU F 48 35.77 -1.58 -22.55
CA LEU F 48 36.32 -1.93 -23.86
C LEU F 48 37.22 -0.83 -24.40
N LEU F 49 36.75 0.42 -24.32
CA LEU F 49 37.54 1.57 -24.79
C LEU F 49 38.82 1.72 -23.99
N PHE F 50 38.74 1.51 -22.67
CA PHE F 50 39.93 1.58 -21.84
C PHE F 50 40.93 0.51 -22.24
N LEU F 51 40.46 -0.72 -22.45
CA LEU F 51 41.38 -1.78 -22.81
C LEU F 51 42.03 -1.53 -24.16
N GLN F 52 41.25 -1.03 -25.14
CA GLN F 52 41.87 -0.73 -26.42
C GLN F 52 42.95 0.35 -26.28
N ALA F 53 42.69 1.36 -25.45
CA ALA F 53 43.69 2.40 -25.22
C ALA F 53 44.93 1.86 -24.53
N GLN F 54 44.77 0.86 -23.65
CA GLN F 54 45.95 0.27 -23.02
C GLN F 54 46.76 -0.53 -24.02
N ASP F 55 46.09 -1.28 -24.88
CA ASP F 55 46.80 -2.14 -25.83
C ASP F 55 45.84 -2.46 -26.96
N SER F 56 46.13 -1.96 -28.14
CA SER F 56 45.17 -2.14 -29.22
C SER F 56 45.32 -3.47 -29.93
N GLU F 57 46.32 -4.30 -29.57
CA GLU F 57 46.57 -5.57 -30.26
C GLU F 57 46.11 -6.81 -29.49
N LYS F 58 46.18 -6.80 -28.15
CA LYS F 58 45.91 -8.00 -27.37
C LYS F 58 44.41 -8.30 -27.31
N ASP F 59 44.06 -9.59 -27.31
CA ASP F 59 42.65 -9.97 -27.20
C ASP F 59 42.04 -9.46 -25.89
N ILE F 60 40.72 -9.29 -25.93
CA ILE F 60 39.87 -9.01 -24.76
C ILE F 60 38.95 -10.23 -24.60
N TYR F 61 38.65 -10.56 -23.35
CA TYR F 61 37.78 -11.70 -23.03
C TYR F 61 36.52 -11.19 -22.36
N LEU F 62 35.37 -11.41 -23.00
CA LEU F 62 34.08 -10.98 -22.48
C LEU F 62 33.30 -12.22 -22.04
N TYR F 63 33.17 -12.43 -20.74
CA TYR F 63 32.33 -13.51 -20.26
C TYR F 63 30.88 -13.03 -20.21
N ILE F 64 29.96 -13.91 -20.62
CA ILE F 64 28.55 -13.54 -20.71
C ILE F 64 27.70 -14.54 -19.95
N ASN F 65 27.02 -14.05 -18.92
CA ASN F 65 25.95 -14.80 -18.23
C ASN F 65 24.84 -13.76 -18.07
N SER F 66 23.90 -13.73 -19.02
CA SER F 66 22.96 -12.65 -19.03
C SER F 66 21.61 -13.10 -19.57
N PRO F 67 20.51 -12.65 -18.97
CA PRO F 67 19.18 -12.94 -19.50
C PRO F 67 18.78 -12.05 -20.66
N GLY F 68 19.64 -11.09 -21.01
CA GLY F 68 19.35 -10.17 -22.10
C GLY F 68 19.00 -8.79 -21.58
N GLY F 69 18.24 -8.02 -22.33
CA GLY F 69 17.86 -6.69 -21.87
C GLY F 69 17.56 -5.79 -23.06
N SER F 70 17.87 -4.51 -22.86
CA SER F 70 17.54 -3.47 -23.85
C SER F 70 18.28 -3.68 -25.18
N VAL F 71 17.54 -3.59 -26.30
CA VAL F 71 18.20 -3.80 -27.60
C VAL F 71 19.18 -2.66 -27.88
N THR F 72 18.80 -1.42 -27.58
CA THR F 72 19.73 -0.30 -27.88
C THR F 72 20.96 -0.36 -26.98
N ALA F 73 20.77 -0.74 -25.71
CA ALA F 73 21.91 -0.91 -24.81
C ALA F 73 22.82 -2.01 -25.33
N GLY F 74 22.23 -3.10 -25.81
CA GLY F 74 23.04 -4.15 -26.41
C GLY F 74 23.80 -3.69 -27.64
N PHE F 75 23.18 -2.82 -28.46
CA PHE F 75 23.88 -2.35 -29.65
C PHE F 75 24.98 -1.36 -29.33
N ALA F 76 24.88 -0.62 -28.24
CA ALA F 76 26.03 0.16 -27.80
C ALA F 76 27.23 -0.76 -27.57
N ILE F 77 27.02 -1.92 -26.93
CA ILE F 77 28.11 -2.88 -26.72
C ILE F 77 28.52 -3.52 -28.03
N TYR F 78 27.55 -3.96 -28.82
CA TYR F 78 27.84 -4.60 -30.09
C TYR F 78 28.71 -3.72 -30.98
N ASP F 79 28.31 -2.47 -31.19
CA ASP F 79 29.04 -1.61 -32.11
C ASP F 79 30.43 -1.27 -31.58
N THR F 80 30.58 -1.16 -30.26
CA THR F 80 31.89 -0.92 -29.68
C THR F 80 32.79 -2.14 -29.89
N ILE F 81 32.27 -3.35 -29.69
CA ILE F 81 33.06 -4.55 -30.01
C ILE F 81 33.54 -4.48 -31.46
N GLN F 82 32.65 -4.15 -32.40
CA GLN F 82 33.09 -4.18 -33.80
C GLN F 82 34.00 -3.01 -34.11
N HIS F 83 33.88 -1.91 -33.36
CA HIS F 83 34.68 -0.72 -33.70
C HIS F 83 36.14 -0.86 -33.28
N ILE F 84 36.41 -1.43 -32.09
CA ILE F 84 37.77 -1.40 -31.56
C ILE F 84 38.66 -2.39 -32.31
N LYS F 85 39.97 -2.16 -32.24
CA LYS F 85 40.92 -3.00 -32.95
C LYS F 85 41.11 -4.40 -32.37
N PRO F 86 41.23 -4.57 -31.04
CA PRO F 86 41.42 -5.92 -30.48
C PRO F 86 40.26 -6.87 -30.82
N ASP F 87 40.61 -8.14 -31.02
CA ASP F 87 39.58 -9.18 -31.01
C ASP F 87 38.93 -9.27 -29.63
N VAL F 88 37.60 -9.37 -29.59
CA VAL F 88 36.88 -9.60 -28.34
C VAL F 88 36.39 -11.05 -28.38
N GLN F 89 36.98 -11.91 -27.56
CA GLN F 89 36.48 -13.26 -27.41
C GLN F 89 35.22 -13.21 -26.54
N THR F 90 34.22 -14.01 -26.86
CA THR F 90 33.02 -14.12 -26.02
C THR F 90 32.94 -15.52 -25.45
N ILE F 91 32.59 -15.63 -24.18
CA ILE F 91 32.57 -16.92 -23.48
C ILE F 91 31.27 -16.96 -22.70
N CYS F 92 30.36 -17.85 -23.09
CA CYS F 92 29.10 -18.00 -22.39
C CYS F 92 29.25 -18.99 -21.24
N ILE F 93 28.90 -18.54 -20.04
CA ILE F 93 28.80 -19.40 -18.87
C ILE F 93 27.39 -19.24 -18.33
N GLY F 94 26.75 -20.35 -17.95
CA GLY F 94 25.41 -20.27 -17.41
C GLY F 94 24.36 -20.13 -18.49
N MET F 95 24.09 -18.91 -18.93
CA MET F 95 23.04 -18.67 -19.90
C MET F 95 23.33 -17.37 -20.64
N ALA F 96 23.10 -17.37 -21.94
CA ALA F 96 23.14 -16.16 -22.75
C ALA F 96 21.77 -16.19 -23.45
N ALA F 97 20.83 -15.37 -22.97
CA ALA F 97 19.50 -15.32 -23.55
C ALA F 97 19.25 -13.97 -24.20
N SER F 98 18.48 -13.96 -25.28
CA SER F 98 17.95 -12.73 -25.88
C SER F 98 19.13 -11.86 -26.30
N MET F 99 19.22 -10.60 -25.85
CA MET F 99 20.34 -9.77 -26.30
C MET F 99 21.68 -10.34 -25.81
N GLY F 100 21.66 -11.19 -24.77
CA GLY F 100 22.89 -11.87 -24.36
C GLY F 100 23.41 -12.84 -25.41
N SER F 101 22.51 -13.60 -26.05
CA SER F 101 23.00 -14.50 -27.08
C SER F 101 23.39 -13.74 -28.33
N PHE F 102 22.74 -12.60 -28.61
CA PHE F 102 23.18 -11.75 -29.71
C PHE F 102 24.61 -11.25 -29.49
N LEU F 103 24.95 -10.82 -28.27
CA LEU F 103 26.33 -10.38 -28.01
C LEU F 103 27.30 -11.56 -28.02
N LEU F 104 26.87 -12.73 -27.59
CA LEU F 104 27.72 -13.91 -27.69
C LEU F 104 28.12 -14.16 -29.14
N ALA F 105 27.14 -14.08 -30.04
CA ALA F 105 27.41 -14.31 -31.45
C ALA F 105 28.26 -13.20 -32.07
N ALA F 106 28.39 -12.08 -31.41
CA ALA F 106 29.12 -10.92 -31.92
C ALA F 106 30.61 -10.96 -31.64
N GLY F 107 31.09 -11.96 -30.90
CA GLY F 107 32.53 -12.06 -30.66
C GLY F 107 33.33 -12.31 -31.94
N ALA F 108 34.64 -12.12 -31.82
CA ALA F 108 35.55 -12.31 -32.94
C ALA F 108 35.38 -13.69 -33.54
N LYS F 109 35.27 -13.76 -34.86
CA LYS F 109 35.02 -15.03 -35.52
C LYS F 109 36.16 -16.01 -35.21
N GLY F 110 35.78 -17.25 -34.81
CA GLY F 110 36.73 -18.22 -34.31
C GLY F 110 36.94 -18.18 -32.81
N LYS F 111 36.44 -17.15 -32.15
CA LYS F 111 36.73 -16.94 -30.73
C LYS F 111 35.46 -16.77 -29.92
N ARG F 112 34.37 -17.43 -30.32
CA ARG F 112 33.11 -17.45 -29.61
C ARG F 112 32.91 -18.83 -28.99
N PHE F 113 32.76 -18.87 -27.67
CA PHE F 113 32.77 -20.11 -26.91
C PHE F 113 31.58 -20.18 -25.98
N ALA F 114 31.21 -21.41 -25.62
CA ALA F 114 30.31 -21.66 -24.51
C ALA F 114 30.85 -22.87 -23.76
N LEU F 115 30.69 -22.84 -22.44
CA LEU F 115 31.02 -23.98 -21.62
C LEU F 115 29.95 -25.06 -21.82
N PRO F 116 30.29 -26.32 -21.50
CA PRO F 116 29.48 -27.45 -21.98
C PRO F 116 28.05 -27.45 -21.52
N ASN F 117 27.76 -26.96 -20.30
CA ASN F 117 26.40 -26.96 -19.78
C ASN F 117 25.77 -25.57 -19.81
N ALA F 118 26.41 -24.63 -20.49
CA ALA F 118 25.84 -23.32 -20.63
C ALA F 118 24.63 -23.40 -21.57
N GLU F 119 23.66 -22.55 -21.35
CA GLU F 119 22.48 -22.54 -22.22
C GLU F 119 22.43 -21.26 -23.04
N VAL F 120 21.87 -21.36 -24.24
CA VAL F 120 21.71 -20.22 -25.13
C VAL F 120 20.24 -20.16 -25.51
N MET F 121 19.64 -18.97 -25.44
CA MET F 121 18.24 -18.85 -25.84
C MET F 121 18.09 -17.68 -26.82
N ILE F 122 17.35 -17.90 -27.89
CA ILE F 122 17.08 -16.84 -28.88
C ILE F 122 15.57 -16.67 -29.00
N HIS F 123 15.15 -15.43 -29.22
CA HIS F 123 13.74 -15.13 -29.49
C HIS F 123 13.60 -13.74 -30.08
N GLN F 124 12.37 -13.37 -30.44
CA GLN F 124 12.17 -12.08 -31.08
C GLN F 124 12.03 -10.99 -30.00
N PRO F 125 12.22 -9.73 -30.38
CA PRO F 125 12.16 -8.65 -29.40
C PRO F 125 10.76 -8.50 -28.84
N LEU F 126 10.71 -7.92 -27.65
CA LEU F 126 9.49 -7.65 -26.92
C LEU F 126 9.38 -6.17 -26.59
N GLY F 127 8.16 -5.68 -26.47
CA GLY F 127 8.00 -4.29 -26.15
C GLY F 127 6.56 -3.96 -25.83
N GLY F 128 6.27 -2.67 -25.90
CA GLY F 128 4.93 -2.22 -25.58
C GLY F 128 4.61 -0.95 -26.31
N ALA F 129 3.32 -0.67 -26.39
CA ALA F 129 2.84 0.52 -27.08
C ALA F 129 1.52 0.88 -26.42
N GLN F 130 1.33 2.17 -26.18
CA GLN F 130 0.14 2.66 -25.51
C GLN F 130 -0.20 4.01 -26.12
N GLY F 131 -1.48 4.25 -26.39
CA GLY F 131 -1.86 5.56 -26.87
C GLY F 131 -2.75 5.54 -28.09
N GLN F 132 -2.66 6.57 -28.90
CA GLN F 132 -3.51 6.64 -30.09
C GLN F 132 -3.13 5.57 -31.12
N ALA F 133 -4.09 5.22 -31.97
CA ALA F 133 -3.77 4.28 -33.05
C ALA F 133 -2.52 4.69 -33.82
N THR F 134 -2.38 6.00 -34.10
CA THR F 134 -1.19 6.49 -34.81
C THR F 134 0.08 6.20 -34.04
N GLU F 135 0.04 6.37 -32.73
CA GLU F 135 1.22 6.10 -31.91
C GLU F 135 1.51 4.61 -31.82
N ILE F 136 0.47 3.78 -31.76
CA ILE F 136 0.70 2.34 -31.71
C ILE F 136 1.33 1.87 -33.02
N GLU F 137 0.89 2.45 -34.13
CA GLU F 137 1.45 2.11 -35.44
C GLU F 137 2.94 2.46 -35.50
N ILE F 138 3.31 3.64 -35.01
CA ILE F 138 4.71 4.05 -34.98
C ILE F 138 5.53 3.09 -34.13
N ALA F 139 4.99 2.68 -32.99
CA ALA F 139 5.75 1.79 -32.11
C ALA F 139 5.91 0.41 -32.75
N ALA F 140 4.85 -0.06 -33.42
CA ALA F 140 4.90 -1.36 -34.09
C ALA F 140 5.90 -1.34 -35.23
N ASN F 141 5.88 -0.28 -36.05
CA ASN F 141 6.83 -0.20 -37.16
C ASN F 141 8.26 -0.18 -36.61
N HIS F 142 8.47 0.51 -35.50
CA HIS F 142 9.81 0.56 -34.93
C HIS F 142 10.26 -0.80 -34.43
N ILE F 143 9.40 -1.53 -33.70
CA ILE F 143 9.88 -2.79 -33.17
C ILE F 143 10.06 -3.79 -34.31
N LEU F 144 9.24 -3.69 -35.36
CA LEU F 144 9.41 -4.59 -36.50
C LEU F 144 10.71 -4.31 -37.25
N LYS F 145 11.07 -3.01 -37.42
CA LYS F 145 12.34 -2.67 -38.08
C LYS F 145 13.53 -3.12 -37.24
N THR F 146 13.38 -3.00 -35.93
CA THR F 146 14.42 -3.47 -35.01
C THR F 146 14.62 -4.98 -35.13
N ARG F 147 13.53 -5.73 -35.25
CA ARG F 147 13.67 -7.16 -35.44
C ARG F 147 14.36 -7.48 -36.76
N GLU F 148 14.01 -6.78 -37.84
CA GLU F 148 14.69 -7.02 -39.11
C GLU F 148 16.19 -6.73 -38.98
N LYS F 149 16.54 -5.68 -38.24
CA LYS F 149 17.94 -5.33 -38.06
C LYS F 149 18.69 -6.42 -37.29
N LEU F 150 18.10 -6.91 -36.20
CA LEU F 150 18.72 -8.00 -35.42
C LEU F 150 18.87 -9.23 -36.29
N ASN F 151 17.83 -9.58 -37.05
CA ASN F 151 17.87 -10.80 -37.85
C ASN F 151 18.93 -10.73 -38.94
N ARG F 152 19.06 -9.58 -39.59
CA ARG F 152 20.07 -9.48 -40.65
C ARG F 152 21.46 -9.68 -40.07
N ILE F 153 21.74 -9.05 -38.93
CA ILE F 153 23.05 -9.21 -38.33
C ILE F 153 23.27 -10.64 -37.85
N LEU F 154 22.26 -11.24 -37.20
CA LEU F 154 22.44 -12.61 -36.72
C LEU F 154 22.66 -13.55 -37.89
N SER F 155 21.99 -13.30 -39.02
CA SER F 155 22.24 -14.09 -40.23
C SER F 155 23.68 -13.99 -40.66
N GLU F 156 24.23 -12.76 -40.66
CA GLU F 156 25.63 -12.56 -41.06
C GLU F 156 26.58 -13.27 -40.10
N ARG F 157 26.29 -13.24 -38.79
CA ARG F 157 27.22 -13.81 -37.82
C ARG F 157 27.11 -15.32 -37.65
N THR F 158 25.99 -15.94 -38.01
CA THR F 158 25.77 -17.38 -37.86
C THR F 158 25.87 -18.16 -39.18
N GLY F 159 25.66 -17.50 -40.32
CA GLY F 159 25.56 -18.24 -41.57
C GLY F 159 24.18 -18.79 -41.87
N GLN F 160 23.22 -18.63 -40.96
CA GLN F 160 21.85 -19.06 -41.21
C GLN F 160 21.15 -17.98 -42.03
N SER F 161 20.17 -18.39 -42.82
CA SER F 161 19.41 -17.42 -43.59
C SER F 161 18.56 -16.56 -42.67
N ILE F 162 18.23 -15.35 -43.13
CA ILE F 162 17.32 -14.47 -42.40
C ILE F 162 15.97 -15.15 -42.18
N GLU F 163 15.51 -15.89 -43.19
CA GLU F 163 14.24 -16.60 -43.10
C GLU F 163 14.26 -17.66 -42.00
N LYS F 164 15.38 -18.38 -41.84
CA LYS F 164 15.47 -19.38 -40.78
C LYS F 164 15.51 -18.73 -39.41
N ILE F 165 16.26 -17.64 -39.29
CA ILE F 165 16.34 -16.89 -38.03
C ILE F 165 14.97 -16.39 -37.63
N GLN F 166 14.20 -15.86 -38.59
CA GLN F 166 12.85 -15.39 -38.28
C GLN F 166 11.99 -16.52 -37.73
N GLN F 167 12.02 -17.69 -38.38
CA GLN F 167 11.22 -18.83 -37.92
C GLN F 167 11.68 -19.30 -36.55
N ASP F 168 12.98 -19.35 -36.34
CA ASP F 168 13.55 -19.92 -35.13
C ASP F 168 13.47 -18.98 -33.93
N THR F 169 13.04 -17.74 -34.13
CA THR F 169 12.90 -16.79 -33.02
C THR F 169 11.46 -16.41 -32.79
N ASP F 170 10.53 -17.04 -33.49
CA ASP F 170 9.12 -16.68 -33.31
C ASP F 170 8.69 -16.86 -31.86
N ARG F 171 9.20 -17.92 -31.23
CA ARG F 171 8.95 -18.23 -29.82
C ARG F 171 10.30 -18.48 -29.16
N ASP F 172 10.29 -18.61 -27.83
CA ASP F 172 11.54 -18.92 -27.11
C ASP F 172 12.15 -20.20 -27.66
N ASN F 173 13.44 -20.15 -27.99
CA ASN F 173 14.11 -21.29 -28.58
C ASN F 173 15.37 -21.55 -27.76
N PHE F 174 15.37 -22.60 -26.94
CA PHE F 174 16.48 -22.91 -26.05
C PHE F 174 17.44 -23.84 -26.79
N LEU F 175 18.74 -23.54 -26.72
CA LEU F 175 19.76 -24.35 -27.37
C LEU F 175 20.79 -24.78 -26.33
N THR F 176 21.24 -26.04 -26.42
CA THR F 176 22.41 -26.45 -25.68
C THR F 176 23.65 -25.81 -26.31
N ALA F 177 24.78 -25.89 -25.59
CA ALA F 177 26.03 -25.37 -26.16
C ALA F 177 26.38 -26.06 -27.47
N ALA F 178 26.21 -27.39 -27.53
CA ALA F 178 26.52 -28.09 -28.78
C ALA F 178 25.59 -27.65 -29.90
N GLU F 179 24.30 -27.42 -29.58
CA GLU F 179 23.36 -26.94 -30.60
C GLU F 179 23.69 -25.51 -31.02
N ALA F 180 24.17 -24.69 -30.09
CA ALA F 180 24.57 -23.32 -30.44
C ALA F 180 25.76 -23.32 -31.38
N LYS F 181 26.68 -24.28 -31.22
CA LYS F 181 27.78 -24.40 -32.17
C LYS F 181 27.27 -24.85 -33.54
N GLU F 182 26.39 -25.86 -33.57
CA GLU F 182 25.80 -26.29 -34.83
C GLU F 182 25.06 -25.14 -35.51
N TYR F 183 24.43 -24.27 -34.73
CA TYR F 183 23.67 -23.16 -35.26
C TYR F 183 24.56 -22.06 -35.82
N GLY F 184 25.80 -21.94 -35.33
CA GLY F 184 26.67 -20.85 -35.74
C GLY F 184 26.72 -19.68 -34.77
N LEU F 185 26.09 -19.80 -33.59
CA LEU F 185 26.17 -18.74 -32.60
C LEU F 185 27.53 -18.71 -31.89
N ILE F 186 28.20 -19.86 -31.77
CA ILE F 186 29.53 -19.94 -31.19
C ILE F 186 30.36 -20.78 -32.15
N ASP F 187 31.66 -20.75 -31.94
CA ASP F 187 32.57 -21.54 -32.77
C ASP F 187 32.98 -22.85 -32.11
N GLU F 188 33.07 -22.88 -30.77
CA GLU F 188 33.56 -24.05 -30.06
C GLU F 188 32.89 -24.18 -28.71
N VAL F 189 32.65 -25.43 -28.31
CA VAL F 189 32.30 -25.74 -26.92
C VAL F 189 33.60 -25.94 -26.16
N MET F 190 33.81 -25.13 -25.12
CA MET F 190 35.07 -25.18 -24.39
C MET F 190 35.10 -26.40 -23.49
N GLU F 191 35.98 -27.34 -23.77
CA GLU F 191 36.11 -28.53 -22.95
C GLU F 191 37.20 -28.33 -21.90
N PRO F 192 37.14 -29.08 -20.80
CA PRO F 192 38.03 -28.83 -19.63
C PRO F 192 39.55 -28.86 -19.87
N ILE G 4 31.40 0.59 -12.93
CA ILE G 4 31.74 0.14 -11.59
C ILE G 4 33.22 -0.22 -11.28
N PRO G 5 33.98 -0.80 -12.22
CA PRO G 5 35.33 -1.26 -11.86
C PRO G 5 36.32 -0.12 -11.69
N THR G 6 37.42 -0.45 -11.02
CA THR G 6 38.48 0.47 -10.65
C THR G 6 39.75 0.14 -11.43
N VAL G 7 40.50 1.18 -11.79
CA VAL G 7 41.75 1.08 -12.54
C VAL G 7 42.90 1.62 -11.70
N ILE G 8 44.05 0.95 -11.78
CA ILE G 8 45.28 1.30 -11.04
C ILE G 8 45.97 2.56 -11.56
N ALA G 17 43.94 5.33 -7.69
CA ALA G 17 42.77 4.52 -8.03
C ALA G 17 41.64 5.37 -8.60
N TYR G 18 41.15 4.98 -9.77
CA TYR G 18 40.06 5.63 -10.47
C TYR G 18 38.92 4.64 -10.66
N ASP G 19 37.67 5.10 -10.58
CA ASP G 19 36.63 4.31 -11.24
C ASP G 19 36.75 4.48 -12.75
N ILE G 20 36.09 3.61 -13.51
CA ILE G 20 36.38 3.56 -14.95
C ILE G 20 36.04 4.89 -15.63
N TYR G 21 34.97 5.56 -15.19
CA TYR G 21 34.60 6.83 -15.83
C TYR G 21 35.58 7.93 -15.47
N SER G 22 36.06 7.94 -14.22
CA SER G 22 37.10 8.90 -13.87
C SER G 22 38.35 8.65 -14.69
N ARG G 23 38.64 7.37 -14.99
CA ARG G 23 39.81 7.06 -15.80
C ARG G 23 39.67 7.59 -17.22
N LEU G 24 38.48 7.45 -17.81
CA LEU G 24 38.23 8.00 -19.15
C LEU G 24 38.26 9.52 -19.13
N LEU G 25 37.77 10.14 -18.05
CA LEU G 25 37.80 11.59 -17.98
C LEU G 25 39.23 12.12 -18.03
N LYS G 26 40.18 11.37 -17.46
CA LYS G 26 41.58 11.76 -17.57
C LYS G 26 42.01 11.89 -19.02
N ASP G 27 41.37 11.15 -19.93
CA ASP G 27 41.66 11.24 -21.37
C ASP G 27 40.66 12.10 -22.13
N ARG G 28 39.93 12.98 -21.43
CA ARG G 28 39.00 13.95 -22.01
C ARG G 28 37.78 13.31 -22.64
N ILE G 29 37.36 12.18 -22.07
CA ILE G 29 36.16 11.47 -22.51
C ILE G 29 35.11 11.58 -21.42
N ILE G 30 33.92 12.03 -21.81
CA ILE G 30 32.78 12.15 -20.91
C ILE G 30 31.71 11.19 -21.41
N MET G 31 31.14 10.40 -20.51
CA MET G 31 30.12 9.43 -20.91
C MET G 31 28.76 9.94 -20.43
N LEU G 32 27.87 10.20 -21.36
CA LEU G 32 26.47 10.50 -21.04
C LEU G 32 25.67 9.24 -21.31
N GLY G 33 25.30 8.51 -20.25
CA GLY G 33 24.66 7.23 -20.45
C GLY G 33 23.40 7.00 -19.62
N SER G 34 22.63 8.07 -19.44
CA SER G 34 21.43 8.03 -18.63
C SER G 34 20.47 9.10 -19.13
N GLN G 35 19.29 9.13 -18.52
CA GLN G 35 18.37 10.23 -18.69
C GLN G 35 19.06 11.52 -18.26
N ILE G 36 18.66 12.63 -18.86
CA ILE G 36 19.26 13.94 -18.59
C ILE G 36 18.38 14.64 -17.56
N ASP G 37 18.86 14.81 -16.34
CA ASP G 37 18.17 15.60 -15.33
C ASP G 37 19.17 16.63 -14.80
N ASP G 38 18.75 17.43 -13.81
CA ASP G 38 19.63 18.49 -13.32
C ASP G 38 20.92 17.92 -12.73
N ASN G 39 20.83 16.77 -12.06
CA ASN G 39 22.00 16.16 -11.46
C ASN G 39 23.01 15.73 -12.51
N VAL G 40 22.52 15.09 -13.55
CA VAL G 40 23.39 14.67 -14.65
C VAL G 40 23.98 15.89 -15.34
N ALA G 41 23.16 16.91 -15.60
CA ALA G 41 23.66 18.09 -16.28
C ALA G 41 24.72 18.81 -15.44
N ASN G 42 24.47 18.93 -14.13
N ASN G 42 24.51 18.94 -14.13
CA ASN G 42 25.45 19.55 -13.23
CA ASN G 42 25.52 19.60 -13.32
C ASN G 42 26.80 18.85 -13.31
C ASN G 42 26.84 18.85 -13.39
N SER G 43 26.79 17.52 -13.40
CA SER G 43 28.01 16.74 -13.46
C SER G 43 28.69 16.93 -14.82
N ILE G 44 27.93 16.86 -15.91
CA ILE G 44 28.51 17.02 -17.24
C ILE G 44 29.09 18.42 -17.42
N VAL G 45 28.35 19.45 -16.98
CA VAL G 45 28.84 20.81 -17.08
C VAL G 45 30.14 20.95 -16.30
N SER G 46 30.19 20.37 -15.09
CA SER G 46 31.39 20.47 -14.28
C SER G 46 32.57 19.79 -14.94
N GLN G 47 32.32 18.63 -15.58
CA GLN G 47 33.38 17.93 -16.31
C GLN G 47 33.87 18.75 -17.50
N LEU G 48 32.93 19.37 -18.24
CA LEU G 48 33.32 20.21 -19.36
C LEU G 48 34.17 21.40 -18.92
N LEU G 49 33.75 22.09 -17.84
CA LEU G 49 34.52 23.24 -17.34
C LEU G 49 35.89 22.79 -16.85
N PHE G 50 35.95 21.63 -16.18
CA PHE G 50 37.22 21.12 -15.70
C PHE G 50 38.17 20.80 -16.85
N LEU G 51 37.66 20.15 -17.89
CA LEU G 51 38.52 19.78 -19.02
C LEU G 51 39.05 21.02 -19.75
N GLN G 52 38.21 22.05 -19.89
CA GLN G 52 38.68 23.30 -20.49
C GLN G 52 39.77 23.95 -19.63
N ALA G 53 39.61 23.90 -18.31
CA ALA G 53 40.63 24.49 -17.45
C ALA G 53 41.95 23.73 -17.55
N GLN G 54 41.90 22.41 -17.77
CA GLN G 54 43.13 21.65 -17.95
C GLN G 54 43.84 21.97 -19.26
N ASP G 55 43.06 22.11 -20.34
CA ASP G 55 43.65 22.38 -21.66
C ASP G 55 42.55 22.96 -22.53
N SER G 56 42.70 24.22 -22.91
CA SER G 56 41.64 24.87 -23.64
C SER G 56 41.66 24.58 -25.13
N GLU G 57 42.65 23.83 -25.63
CA GLU G 57 42.81 23.54 -27.05
C GLU G 57 42.42 22.12 -27.44
N LYS G 58 42.64 21.14 -26.57
CA LYS G 58 42.43 19.76 -26.96
C LYS G 58 40.94 19.44 -27.06
N ASP G 59 40.60 18.60 -28.01
CA ASP G 59 39.21 18.17 -28.15
C ASP G 59 38.73 17.41 -26.91
N ILE G 60 37.42 17.44 -26.72
CA ILE G 60 36.70 16.65 -25.74
C ILE G 60 35.81 15.69 -26.50
N TYR G 61 35.59 14.50 -25.94
CA TYR G 61 34.76 13.48 -26.56
C TYR G 61 33.58 13.20 -25.65
N LEU G 62 32.37 13.44 -26.13
CA LEU G 62 31.16 13.21 -25.36
C LEU G 62 30.40 12.04 -25.99
N TYR G 63 30.43 10.89 -25.32
CA TYR G 63 29.63 9.77 -25.77
C TYR G 63 28.21 9.92 -25.26
N ILE G 64 27.25 9.60 -26.11
CA ILE G 64 25.83 9.82 -25.79
C ILE G 64 25.09 8.51 -26.00
N ASN G 65 24.52 7.98 -24.92
CA ASN G 65 23.56 6.87 -25.00
C ASN G 65 22.47 7.30 -24.02
N SER G 66 21.43 7.97 -24.53
CA SER G 66 20.49 8.63 -23.61
C SER G 66 19.08 8.64 -24.17
N PRO G 67 18.08 8.36 -23.34
CA PRO G 67 16.68 8.49 -23.76
C PRO G 67 16.17 9.92 -23.72
N GLY G 68 17.00 10.86 -23.26
CA GLY G 68 16.59 12.25 -23.20
C GLY G 68 16.32 12.70 -21.79
N GLY G 69 15.48 13.69 -21.63
CA GLY G 69 15.16 14.18 -20.30
C GLY G 69 14.77 15.65 -20.35
N SER G 70 15.12 16.35 -19.27
CA SER G 70 14.70 17.72 -19.05
C SER G 70 15.28 18.65 -20.11
N VAL G 71 14.43 19.52 -20.68
CA VAL G 71 14.91 20.46 -21.68
C VAL G 71 15.88 21.46 -21.07
N THR G 72 15.55 22.02 -19.90
CA THR G 72 16.47 23.02 -19.34
C THR G 72 17.77 22.38 -18.91
N ALA G 73 17.72 21.15 -18.38
CA ALA G 73 18.97 20.45 -18.05
C ALA G 73 19.78 20.20 -19.30
N GLY G 74 19.13 19.83 -20.39
CA GLY G 74 19.84 19.68 -21.65
C GLY G 74 20.44 20.99 -22.13
N PHE G 75 19.76 22.11 -21.88
CA PHE G 75 20.32 23.38 -22.33
C PHE G 75 21.49 23.84 -21.46
N ALA G 76 21.52 23.42 -20.20
CA ALA G 76 22.72 23.68 -19.40
C ALA G 76 23.94 23.05 -20.05
N ILE G 77 23.80 21.82 -20.55
CA ILE G 77 24.90 21.15 -21.26
C ILE G 77 25.14 21.80 -22.60
N TYR G 78 24.08 22.02 -23.38
CA TYR G 78 24.22 22.61 -24.69
C TYR G 78 24.99 23.93 -24.62
N ASP G 79 24.57 24.84 -23.76
CA ASP G 79 25.22 26.14 -23.69
C ASP G 79 26.66 26.02 -23.22
N THR G 80 26.94 25.08 -22.33
CA THR G 80 28.33 24.90 -21.89
C THR G 80 29.20 24.40 -23.03
N ILE G 81 28.66 23.47 -23.83
CA ILE G 81 29.39 23.01 -25.01
C ILE G 81 29.75 24.19 -25.91
N GLN G 82 28.79 25.08 -26.17
CA GLN G 82 29.07 26.18 -27.10
C GLN G 82 29.95 27.26 -26.48
N HIS G 83 29.97 27.37 -25.14
CA HIS G 83 30.72 28.44 -24.49
C HIS G 83 32.21 28.15 -24.46
N ILE G 84 32.58 26.91 -24.17
CA ILE G 84 33.98 26.59 -23.93
C ILE G 84 34.73 26.59 -25.25
N LYS G 85 36.03 26.74 -25.16
CA LYS G 85 36.93 26.79 -26.31
C LYS G 85 37.16 25.44 -26.99
N PRO G 86 37.38 24.34 -26.26
CA PRO G 86 37.62 23.08 -26.95
C PRO G 86 36.45 22.67 -27.82
N ASP G 87 36.78 22.03 -28.95
CA ASP G 87 35.76 21.30 -29.69
C ASP G 87 35.28 20.13 -28.85
N VAL G 88 33.96 19.93 -28.82
CA VAL G 88 33.33 18.78 -28.19
C VAL G 88 32.81 17.88 -29.29
N GLN G 89 33.47 16.75 -29.50
CA GLN G 89 32.95 15.76 -30.45
C GLN G 89 31.82 15.00 -29.77
N THR G 90 30.79 14.68 -30.53
CA THR G 90 29.70 13.87 -29.98
C THR G 90 29.63 12.54 -30.69
N ILE G 91 29.42 11.46 -29.93
CA ILE G 91 29.43 10.12 -30.49
C ILE G 91 28.24 9.39 -29.92
N CYS G 92 27.28 9.07 -30.77
CA CYS G 92 26.10 8.33 -30.35
C CYS G 92 26.38 6.83 -30.44
N ILE G 93 26.18 6.13 -29.31
CA ILE G 93 26.19 4.68 -29.21
C ILE G 93 24.84 4.24 -28.66
N GLY G 94 24.25 3.21 -29.24
CA GLY G 94 22.98 2.73 -28.72
C GLY G 94 21.83 3.59 -29.18
N MET G 95 21.50 4.63 -28.41
CA MET G 95 20.36 5.46 -28.79
C MET G 95 20.58 6.88 -28.31
N ALA G 96 20.25 7.86 -29.16
CA ALA G 96 20.18 9.26 -28.75
C ALA G 96 18.75 9.72 -29.05
N ALA G 97 17.94 9.81 -28.02
CA ALA G 97 16.53 10.15 -28.22
C ALA G 97 16.22 11.47 -27.55
N SER G 98 15.34 12.24 -28.17
CA SER G 98 14.74 13.45 -27.55
C SER G 98 15.90 14.40 -27.25
N MET G 99 16.05 14.88 -26.03
CA MET G 99 17.15 15.79 -25.73
C MET G 99 18.52 15.16 -25.94
N GLY G 100 18.59 13.82 -25.94
CA GLY G 100 19.86 13.17 -26.31
C GLY G 100 20.24 13.41 -27.75
N SER G 101 19.26 13.36 -28.67
CA SER G 101 19.61 13.63 -30.07
C SER G 101 19.85 15.12 -30.30
N PHE G 102 19.20 15.99 -29.52
CA PHE G 102 19.51 17.41 -29.59
C PHE G 102 20.96 17.66 -29.19
N LEU G 103 21.43 17.02 -28.14
CA LEU G 103 22.83 17.21 -27.74
C LEU G 103 23.78 16.56 -28.73
N LEU G 104 23.41 15.43 -29.33
CA LEU G 104 24.26 14.85 -30.38
C LEU G 104 24.50 15.86 -31.51
N ALA G 105 23.44 16.53 -31.94
CA ALA G 105 23.49 17.50 -33.02
C ALA G 105 24.26 18.76 -32.65
N ALA G 106 24.50 18.98 -31.35
CA ALA G 106 25.17 20.14 -30.82
C ALA G 106 26.68 20.00 -30.78
N GLY G 107 27.22 18.84 -31.16
CA GLY G 107 28.66 18.66 -31.18
C GLY G 107 29.33 19.54 -32.22
N ALA G 108 30.66 19.62 -32.10
CA ALA G 108 31.46 20.43 -33.02
C ALA G 108 31.21 20.03 -34.47
N LYS G 109 30.99 21.04 -35.32
CA LYS G 109 30.68 20.77 -36.72
C LYS G 109 31.80 19.97 -37.37
N GLY G 110 31.41 18.90 -38.08
CA GLY G 110 32.37 17.94 -38.59
C GLY G 110 32.74 16.81 -37.63
N LYS G 111 32.39 16.92 -36.35
CA LYS G 111 32.81 15.96 -35.34
C LYS G 111 31.63 15.37 -34.59
N ARG G 112 30.51 15.18 -35.29
CA ARG G 112 29.33 14.53 -34.74
C ARG G 112 29.18 13.17 -35.40
N PHE G 113 29.14 12.11 -34.59
CA PHE G 113 29.21 10.75 -35.11
C PHE G 113 28.13 9.88 -34.50
N ALA G 114 27.80 8.80 -35.20
CA ALA G 114 27.04 7.71 -34.63
C ALA G 114 27.67 6.40 -35.12
N LEU G 115 27.69 5.41 -34.24
CA LEU G 115 28.11 4.08 -34.65
C LEU G 115 27.00 3.49 -35.53
N PRO G 116 27.33 2.49 -36.35
CA PRO G 116 26.43 2.10 -37.47
C PRO G 116 25.05 1.62 -37.03
N ASN G 117 24.94 0.98 -35.89
CA ASN G 117 23.65 0.47 -35.45
C ASN G 117 23.04 1.32 -34.36
N ALA G 118 23.62 2.48 -34.08
CA ALA G 118 23.01 3.40 -33.14
C ALA G 118 21.73 3.97 -33.75
N GLU G 119 20.77 4.29 -32.89
CA GLU G 119 19.50 4.85 -33.29
C GLU G 119 19.35 6.27 -32.78
N VAL G 120 18.66 7.10 -33.54
CA VAL G 120 18.41 8.48 -33.17
C VAL G 120 16.91 8.68 -33.26
N MET G 121 16.35 9.37 -32.28
CA MET G 121 14.92 9.64 -32.33
C MET G 121 14.67 11.10 -32.01
N ILE G 122 13.81 11.75 -32.79
CA ILE G 122 13.47 13.15 -32.55
C ILE G 122 11.97 13.24 -32.37
N HIS G 123 11.54 14.15 -31.49
CA HIS G 123 10.10 14.40 -31.33
C HIS G 123 9.90 15.72 -30.60
N GLN G 124 8.66 16.12 -30.43
CA GLN G 124 8.42 17.41 -29.78
C GLN G 124 8.44 17.26 -28.26
N PRO G 125 8.59 18.38 -27.53
CA PRO G 125 8.66 18.28 -26.06
C PRO G 125 7.33 17.84 -25.46
N LEU G 126 7.44 17.25 -24.25
CA LEU G 126 6.29 16.77 -23.50
C LEU G 126 6.24 17.46 -22.15
N GLY G 127 5.05 17.60 -21.61
CA GLY G 127 4.93 18.24 -20.32
C GLY G 127 3.55 18.06 -19.75
N GLY G 128 3.24 18.89 -18.78
CA GLY G 128 1.94 18.83 -18.13
C GLY G 128 1.64 20.19 -17.56
N ALA G 129 0.37 20.38 -17.24
CA ALA G 129 -0.12 21.61 -16.67
C ALA G 129 -1.37 21.26 -15.88
N GLN G 130 -1.53 21.84 -14.71
CA GLN G 130 -2.70 21.58 -13.90
C GLN G 130 -3.04 22.83 -13.11
N GLY G 131 -4.32 23.13 -12.97
CA GLY G 131 -4.75 24.28 -12.20
C GLY G 131 -5.79 25.10 -12.95
N GLN G 132 -5.82 26.39 -12.68
CA GLN G 132 -6.79 27.29 -13.32
C GLN G 132 -6.52 27.42 -14.82
N ALA G 133 -7.56 27.78 -15.56
CA ALA G 133 -7.42 27.99 -17.01
C ALA G 133 -6.26 28.95 -17.33
N THR G 134 -6.14 30.04 -16.58
CA THR G 134 -5.04 30.99 -16.82
C THR G 134 -3.67 30.35 -16.56
N GLU G 135 -3.56 29.46 -15.57
CA GLU G 135 -2.29 28.79 -15.33
C GLU G 135 -2.00 27.78 -16.44
N ILE G 136 -3.02 27.10 -16.93
CA ILE G 136 -2.82 26.16 -18.04
C ILE G 136 -2.37 26.90 -19.29
N GLU G 137 -2.95 28.08 -19.52
CA GLU G 137 -2.53 28.90 -20.67
C GLU G 137 -1.07 29.32 -20.55
N ILE G 138 -0.64 29.71 -19.34
CA ILE G 138 0.76 30.07 -19.13
C ILE G 138 1.67 28.88 -19.43
N ALA G 139 1.30 27.68 -18.95
CA ALA G 139 2.13 26.51 -19.18
C ALA G 139 2.15 26.12 -20.65
N ALA G 140 0.99 26.21 -21.33
CA ALA G 140 0.97 25.89 -22.76
C ALA G 140 1.84 26.87 -23.55
N ASN G 141 1.72 28.16 -23.26
CA ASN G 141 2.54 29.14 -23.98
C ASN G 141 4.02 28.89 -23.74
N HIS G 142 4.37 28.47 -22.51
CA HIS G 142 5.78 28.21 -22.20
C HIS G 142 6.31 27.01 -22.98
N ILE G 143 5.54 25.90 -23.03
CA ILE G 143 6.06 24.74 -23.74
C ILE G 143 6.06 24.97 -25.25
N LEU G 144 5.11 25.74 -25.77
CA LEU G 144 5.14 26.05 -27.20
C LEU G 144 6.36 26.91 -27.56
N LYS G 145 6.68 27.89 -26.71
CA LYS G 145 7.86 28.72 -26.95
C LYS G 145 9.13 27.90 -26.84
N THR G 146 9.16 26.94 -25.91
CA THR G 146 10.30 26.04 -25.79
C THR G 146 10.48 25.21 -27.05
N ARG G 147 9.37 24.71 -27.61
CA ARG G 147 9.48 23.98 -28.88
C ARG G 147 10.01 24.88 -29.99
N GLU G 148 9.53 26.12 -30.06
CA GLU G 148 10.05 27.04 -31.09
C GLU G 148 11.55 27.25 -30.92
N LYS G 149 12.00 27.36 -29.66
CA LYS G 149 13.44 27.55 -29.41
C LYS G 149 14.24 26.32 -29.84
N LEU G 150 13.77 25.13 -29.49
CA LEU G 150 14.46 23.89 -29.88
C LEU G 150 14.51 23.75 -31.39
N ASN G 151 13.39 24.03 -32.07
CA ASN G 151 13.35 23.89 -33.53
C ASN G 151 14.31 24.87 -34.19
N ARG G 152 14.38 26.10 -33.69
CA ARG G 152 15.28 27.08 -34.31
C ARG G 152 16.73 26.60 -34.24
N ILE G 153 17.14 26.09 -33.08
CA ILE G 153 18.52 25.62 -32.94
C ILE G 153 18.76 24.37 -33.78
N LEU G 154 17.82 23.41 -33.75
CA LEU G 154 18.01 22.21 -34.56
C LEU G 154 18.10 22.57 -36.03
N SER G 155 17.31 23.54 -36.47
CA SER G 155 17.41 24.02 -37.86
C SER G 155 18.82 24.55 -38.16
N GLU G 156 19.37 25.37 -37.25
CA GLU G 156 20.73 25.88 -37.44
C GLU G 156 21.76 24.76 -37.46
N ARG G 157 21.60 23.74 -36.60
CA ARG G 157 22.60 22.68 -36.50
C ARG G 157 22.48 21.63 -37.59
N THR G 158 21.30 21.46 -38.19
CA THR G 158 21.10 20.43 -39.19
C THR G 158 21.02 20.95 -40.62
N GLY G 159 20.72 22.23 -40.81
CA GLY G 159 20.45 22.75 -42.14
C GLY G 159 19.02 22.57 -42.63
N GLN G 160 18.17 21.89 -41.87
CA GLN G 160 16.78 21.74 -42.27
C GLN G 160 16.00 22.97 -41.87
N SER G 161 14.95 23.27 -42.62
CA SER G 161 14.10 24.41 -42.30
C SER G 161 13.34 24.14 -41.00
N ILE G 162 12.95 25.22 -40.33
CA ILE G 162 12.14 25.08 -39.12
C ILE G 162 10.84 24.35 -39.42
N GLU G 163 10.24 24.65 -40.58
CA GLU G 163 8.98 24.03 -40.96
C GLU G 163 9.12 22.53 -41.13
N LYS G 164 10.23 22.08 -41.71
CA LYS G 164 10.48 20.65 -41.83
C LYS G 164 10.71 20.00 -40.47
N ILE G 165 11.46 20.67 -39.58
CA ILE G 165 11.68 20.14 -38.22
C ILE G 165 10.35 19.96 -37.49
N GLN G 166 9.49 20.99 -37.57
CA GLN G 166 8.19 20.93 -36.93
C GLN G 166 7.38 19.74 -37.43
N GLN G 167 7.33 19.55 -38.75
CA GLN G 167 6.59 18.42 -39.32
C GLN G 167 7.18 17.09 -38.87
N ASP G 168 8.51 16.98 -38.86
CA ASP G 168 9.18 15.72 -38.58
C ASP G 168 9.22 15.38 -37.09
N THR G 169 8.82 16.29 -36.20
CA THR G 169 8.83 15.98 -34.77
C THR G 169 7.43 15.95 -34.21
N ASP G 170 6.40 16.01 -35.06
CA ASP G 170 5.04 16.00 -34.53
C ASP G 170 4.77 14.71 -33.76
N ARG G 171 5.31 13.58 -34.22
CA ARG G 171 5.23 12.30 -33.55
C ARG G 171 6.65 11.76 -33.43
N ASP G 172 6.81 10.67 -32.65
CA ASP G 172 8.13 10.04 -32.53
C ASP G 172 8.65 9.65 -33.89
N ASN G 173 9.89 10.04 -34.19
CA ASN G 173 10.51 9.84 -35.48
C ASN G 173 11.84 9.13 -35.28
N PHE G 174 11.92 7.84 -35.61
CA PHE G 174 13.14 7.05 -35.42
C PHE G 174 13.99 7.08 -36.68
N LEU G 175 15.28 7.34 -36.53
CA LEU G 175 16.20 7.40 -37.64
C LEU G 175 17.32 6.42 -37.41
N THR G 176 17.74 5.73 -38.47
CA THR G 176 19.00 5.01 -38.42
C THR G 176 20.18 5.98 -38.40
N ALA G 177 21.38 5.46 -38.13
CA ALA G 177 22.57 6.31 -38.19
C ALA G 177 22.72 6.93 -39.57
N ALA G 178 22.51 6.15 -40.63
CA ALA G 178 22.62 6.69 -41.98
C ALA G 178 21.58 7.77 -42.24
N GLU G 179 20.34 7.56 -41.79
CA GLU G 179 19.31 8.59 -41.93
C GLU G 179 19.63 9.82 -41.11
N ALA G 180 20.24 9.65 -39.92
CA ALA G 180 20.60 10.82 -39.12
C ALA G 180 21.68 11.65 -39.81
N LYS G 181 22.59 11.01 -40.53
CA LYS G 181 23.59 11.73 -41.31
C LYS G 181 22.94 12.51 -42.45
N GLU G 182 22.04 11.86 -43.19
CA GLU G 182 21.34 12.52 -44.27
C GLU G 182 20.53 13.71 -43.76
N TYR G 183 19.99 13.59 -42.55
CA TYR G 183 19.18 14.65 -41.95
C TYR G 183 20.03 15.85 -41.52
N GLY G 184 21.31 15.65 -41.25
CA GLY G 184 22.16 16.70 -40.69
C GLY G 184 22.35 16.65 -39.19
N LEU G 185 21.86 15.61 -38.52
CA LEU G 185 22.05 15.49 -37.06
C LEU G 185 23.48 15.08 -36.69
N ILE G 186 24.13 14.31 -37.54
CA ILE G 186 25.52 13.92 -37.37
C ILE G 186 26.22 14.21 -38.68
N ASP G 187 27.54 14.15 -38.63
CA ASP G 187 28.38 14.38 -39.80
C ASP G 187 28.83 13.09 -40.45
N GLU G 188 29.03 12.02 -39.67
CA GLU G 188 29.57 10.78 -40.22
C GLU G 188 29.05 9.60 -39.42
N VAL G 189 28.84 8.50 -40.12
CA VAL G 189 28.66 7.21 -39.46
C VAL G 189 30.04 6.62 -39.25
N MET G 190 30.39 6.38 -37.99
CA MET G 190 31.72 5.89 -37.63
C MET G 190 31.83 4.41 -37.97
N GLU G 191 32.67 4.09 -38.94
CA GLU G 191 32.89 2.72 -39.40
C GLU G 191 34.10 2.11 -38.69
N PRO G 192 34.15 0.77 -38.62
CA PRO G 192 35.15 0.11 -37.75
C PRO G 192 36.61 0.49 -38.04
N GLU G 193 37.39 0.61 -36.96
CA GLU G 193 38.84 0.85 -37.06
C GLU G 193 39.63 -0.45 -37.04
N ILE H 4 -31.42 1.20 12.47
CA ILE H 4 -31.69 0.15 11.47
C ILE H 4 -32.98 -0.70 11.60
N PRO H 5 -33.73 -0.67 12.70
CA PRO H 5 -34.92 -1.52 12.79
C PRO H 5 -36.11 -1.02 11.99
N THR H 6 -37.04 -1.93 11.74
CA THR H 6 -38.23 -1.69 10.95
C THR H 6 -39.44 -1.74 11.86
N VAL H 7 -40.37 -0.79 11.66
CA VAL H 7 -41.60 -0.70 12.46
C VAL H 7 -42.79 -1.03 11.58
N ARG H 16 -47.93 0.24 7.12
CA ARG H 16 -46.81 -0.16 6.28
C ARG H 16 -45.48 -0.12 7.05
N ALA H 17 -44.37 -0.24 6.33
CA ALA H 17 -43.05 -0.42 6.91
C ALA H 17 -42.29 0.90 6.93
N TYR H 18 -41.72 1.23 8.10
CA TYR H 18 -40.87 2.39 8.33
C TYR H 18 -39.56 1.91 8.93
N ASP H 19 -38.43 2.56 8.59
CA ASP H 19 -37.33 2.37 9.53
C ASP H 19 -37.60 3.22 10.77
N ILE H 20 -36.81 2.99 11.83
CA ILE H 20 -37.12 3.64 13.10
C ILE H 20 -37.10 5.15 12.96
N TYR H 21 -36.21 5.69 12.10
CA TYR H 21 -36.13 7.13 11.92
C TYR H 21 -37.33 7.66 11.15
N SER H 22 -37.78 6.91 10.14
CA SER H 22 -38.99 7.29 9.41
C SER H 22 -40.21 7.28 10.33
N ARG H 23 -40.26 6.32 11.25
CA ARG H 23 -41.36 6.26 12.20
C ARG H 23 -41.34 7.46 13.13
N LEU H 24 -40.15 7.86 13.60
CA LEU H 24 -40.07 9.06 14.44
C LEU H 24 -40.43 10.31 13.64
N LEU H 25 -40.06 10.36 12.37
CA LEU H 25 -40.39 11.52 11.55
C LEU H 25 -41.90 11.69 11.44
N LYS H 26 -42.64 10.57 11.48
CA LYS H 26 -44.09 10.63 11.48
C LYS H 26 -44.61 11.46 12.65
N ASP H 27 -43.87 11.48 13.76
CA ASP H 27 -44.23 12.28 14.93
C ASP H 27 -43.44 13.58 15.01
N ARG H 28 -42.89 14.04 13.89
CA ARG H 28 -42.20 15.33 13.76
C ARG H 28 -40.90 15.37 14.55
N ILE H 29 -40.23 14.23 14.66
CA ILE H 29 -38.94 14.13 15.35
C ILE H 29 -37.86 13.88 14.30
N ILE H 30 -36.81 14.70 14.33
CA ILE H 30 -35.65 14.56 13.45
C ILE H 30 -34.45 14.22 14.31
N MET H 31 -33.68 13.22 13.91
CA MET H 31 -32.53 12.78 14.69
C MET H 31 -31.25 13.15 13.95
N LEU H 32 -30.44 14.01 14.56
CA LEU H 32 -29.11 14.34 14.07
C LEU H 32 -28.11 13.59 14.94
N GLY H 33 -27.51 12.54 14.40
CA GLY H 33 -26.66 11.69 15.20
C GLY H 33 -25.32 11.42 14.53
N SER H 34 -24.79 12.42 13.82
CA SER H 34 -23.56 12.22 13.08
C SER H 34 -22.86 13.55 12.87
N GLN H 35 -21.69 13.48 12.23
CA GLN H 35 -21.03 14.66 11.70
C GLN H 35 -21.97 15.35 10.72
N ILE H 36 -21.80 16.66 10.58
CA ILE H 36 -22.62 17.46 9.67
C ILE H 36 -21.82 17.64 8.36
N ASP H 37 -22.30 17.03 7.28
CA ASP H 37 -21.73 17.27 5.95
C ASP H 37 -22.86 17.62 4.98
N ASP H 38 -22.53 17.83 3.70
CA ASP H 38 -23.58 18.26 2.76
C ASP H 38 -24.70 17.22 2.65
N ASN H 39 -24.37 15.93 2.69
CA ASN H 39 -25.39 14.88 2.63
C ASN H 39 -26.30 14.92 3.84
N VAL H 40 -25.71 15.06 5.04
CA VAL H 40 -26.54 15.13 6.25
C VAL H 40 -27.43 16.36 6.21
N ALA H 41 -26.87 17.50 5.83
CA ALA H 41 -27.67 18.73 5.79
C ALA H 41 -28.79 18.62 4.76
N ASN H 42 -28.51 18.03 3.59
CA ASN H 42 -29.54 17.85 2.57
C ASN H 42 -30.70 17.04 3.13
N SER H 43 -30.40 16.03 3.94
CA SER H 43 -31.45 15.19 4.49
C SER H 43 -32.24 15.94 5.57
N ILE H 44 -31.55 16.64 6.47
CA ILE H 44 -32.26 17.36 7.54
C ILE H 44 -33.14 18.46 6.96
N VAL H 45 -32.58 19.23 6.02
CA VAL H 45 -33.34 20.30 5.38
C VAL H 45 -34.57 19.70 4.70
N SER H 46 -34.41 18.59 4.00
CA SER H 46 -35.56 17.97 3.35
C SER H 46 -36.60 17.54 4.38
N GLN H 47 -36.15 17.01 5.52
CA GLN H 47 -37.10 16.61 6.55
C GLN H 47 -37.84 17.82 7.13
N LEU H 48 -37.13 18.93 7.36
CA LEU H 48 -37.77 20.13 7.87
C LEU H 48 -38.81 20.67 6.88
N LEU H 49 -38.45 20.71 5.60
CA LEU H 49 -39.40 21.20 4.60
C LEU H 49 -40.62 20.29 4.52
N PHE H 50 -40.39 18.98 4.63
CA PHE H 50 -41.49 18.02 4.61
C PHE H 50 -42.41 18.23 5.80
N LEU H 51 -41.84 18.40 6.99
CA LEU H 51 -42.68 18.57 8.18
C LEU H 51 -43.49 19.85 8.11
N GLN H 52 -42.87 20.94 7.63
CA GLN H 52 -43.65 22.17 7.46
C GLN H 52 -44.80 21.96 6.48
N ALA H 53 -44.55 21.21 5.41
CA ALA H 53 -45.59 20.96 4.43
C ALA H 53 -46.73 20.13 5.01
N GLN H 54 -46.42 19.20 5.93
CA GLN H 54 -47.46 18.40 6.56
C GLN H 54 -48.32 19.24 7.48
N ASP H 55 -47.70 20.11 8.28
CA ASP H 55 -48.42 20.92 9.26
C ASP H 55 -47.52 22.10 9.58
N SER H 56 -47.94 23.29 9.20
CA SER H 56 -47.06 24.45 9.38
C SER H 56 -47.14 25.05 10.78
N GLU H 57 -47.99 24.51 11.65
CA GLU H 57 -48.16 25.06 13.00
C GLU H 57 -47.51 24.23 14.10
N LYS H 58 -47.47 22.91 13.97
CA LYS H 58 -47.02 22.06 15.05
C LYS H 58 -45.51 22.11 15.21
N ASP H 59 -45.06 22.03 16.46
CA ASP H 59 -43.62 22.03 16.73
C ASP H 59 -42.92 20.84 16.06
N ILE H 60 -41.64 21.02 15.80
CA ILE H 60 -40.72 20.01 15.32
C ILE H 60 -39.67 19.82 16.41
N TYR H 61 -39.20 18.59 16.57
CA TYR H 61 -38.19 18.23 17.57
C TYR H 61 -36.94 17.72 16.89
N LEU H 62 -35.82 18.40 17.12
CA LEU H 62 -34.52 18.04 16.54
C LEU H 62 -33.61 17.58 17.66
N TYR H 63 -33.36 16.28 17.73
CA TYR H 63 -32.37 15.76 18.65
C TYR H 63 -31.00 15.89 18.03
N ILE H 64 -30.03 16.32 18.83
CA ILE H 64 -28.68 16.61 18.35
C ILE H 64 -27.67 15.85 19.19
N ASN H 65 -26.93 14.94 18.54
CA ASN H 65 -25.75 14.29 19.10
C ASN H 65 -24.74 14.34 17.96
N SER H 66 -23.90 15.39 17.96
CA SER H 66 -23.08 15.61 16.77
C SER H 66 -21.73 16.21 17.15
N PRO H 67 -20.63 15.73 16.56
CA PRO H 67 -19.33 16.38 16.78
C PRO H 67 -19.12 17.64 15.96
N GLY H 68 -20.06 18.02 15.12
CA GLY H 68 -19.92 19.21 14.29
C GLY H 68 -19.68 18.84 12.83
N GLY H 69 -19.06 19.77 12.13
CA GLY H 69 -18.76 19.50 10.74
C GLY H 69 -18.70 20.79 9.95
N SER H 70 -19.11 20.67 8.69
CA SER H 70 -18.98 21.76 7.73
C SER H 70 -19.84 22.95 8.14
N VAL H 71 -19.24 24.15 8.09
CA VAL H 71 -19.97 25.35 8.47
C VAL H 71 -21.09 25.64 7.48
N THR H 72 -20.80 25.55 6.17
CA THR H 72 -21.86 25.88 5.20
C THR H 72 -22.98 24.84 5.25
N ALA H 73 -22.63 23.57 5.44
CA ALA H 73 -23.67 22.57 5.63
C ALA H 73 -24.50 22.88 6.87
N GLY H 74 -23.83 23.29 7.94
CA GLY H 74 -24.58 23.70 9.13
C GLY H 74 -25.49 24.89 8.89
N PHE H 75 -25.04 25.84 8.06
CA PHE H 75 -25.89 27.02 7.80
C PHE H 75 -27.06 26.68 6.90
N ALA H 76 -26.93 25.66 6.06
CA ALA H 76 -28.11 25.18 5.34
C ALA H 76 -29.20 24.76 6.32
N ILE H 77 -28.82 24.05 7.39
CA ILE H 77 -29.79 23.66 8.42
C ILE H 77 -30.25 24.87 9.20
N TYR H 78 -29.30 25.71 9.65
CA TYR H 78 -29.64 26.89 10.44
C TYR H 78 -30.67 27.76 9.71
N ASP H 79 -30.37 28.11 8.44
CA ASP H 79 -31.27 29.01 7.74
C ASP H 79 -32.64 28.37 7.51
N THR H 80 -32.69 27.04 7.30
CA THR H 80 -33.98 26.37 7.14
C THR H 80 -34.79 26.41 8.43
N ILE H 81 -34.13 26.19 9.57
CA ILE H 81 -34.83 26.32 10.86
C ILE H 81 -35.42 27.71 11.00
N GLN H 82 -34.63 28.75 10.68
CA GLN H 82 -35.14 30.10 10.87
C GLN H 82 -36.15 30.50 9.80
N HIS H 83 -36.10 29.85 8.64
CA HIS H 83 -37.03 30.23 7.57
C HIS H 83 -38.44 29.68 7.79
N ILE H 84 -38.57 28.43 8.23
CA ILE H 84 -39.88 27.78 8.28
C ILE H 84 -40.71 28.32 9.44
N LYS H 85 -42.03 28.16 9.33
CA LYS H 85 -42.95 28.65 10.36
C LYS H 85 -42.97 27.85 11.67
N PRO H 86 -42.97 26.50 11.66
CA PRO H 86 -43.03 25.78 12.95
C PRO H 86 -41.86 26.12 13.85
N ASP H 87 -42.09 26.12 15.16
CA ASP H 87 -40.99 26.13 16.12
C ASP H 87 -40.20 24.83 16.05
N VAL H 88 -38.87 24.93 16.02
CA VAL H 88 -38.02 23.75 16.05
C VAL H 88 -37.38 23.71 17.42
N GLN H 89 -37.80 22.73 18.23
CA GLN H 89 -37.17 22.49 19.52
C GLN H 89 -35.86 21.74 19.29
N THR H 90 -34.82 22.09 20.03
CA THR H 90 -33.55 21.37 19.94
C THR H 90 -33.27 20.68 21.27
N ILE H 91 -32.80 19.44 21.21
CA ILE H 91 -32.58 18.63 22.39
C ILE H 91 -31.22 18.00 22.25
N CYS H 92 -30.27 18.38 23.11
CA CYS H 92 -28.93 17.82 23.06
C CYS H 92 -28.87 16.55 23.91
N ILE H 93 -28.46 15.43 23.30
CA ILE H 93 -28.16 14.19 24.00
C ILE H 93 -26.75 13.78 23.62
N GLY H 94 -25.96 13.35 24.60
CA GLY H 94 -24.59 12.98 24.32
C GLY H 94 -23.67 14.18 24.21
N MET H 95 -23.53 14.73 23.01
CA MET H 95 -22.59 15.83 22.82
C MET H 95 -23.08 16.69 21.66
N ALA H 96 -23.08 18.01 21.84
CA ALA H 96 -23.23 18.95 20.74
C ALA H 96 -21.95 19.76 20.70
N ALA H 97 -21.07 19.45 19.74
CA ALA H 97 -19.79 20.13 19.62
C ALA H 97 -19.74 20.91 18.32
N SER H 98 -19.07 22.06 18.36
CA SER H 98 -18.74 22.82 17.16
C SER H 98 -20.05 23.19 16.46
N MET H 99 -20.21 22.88 15.17
CA MET H 99 -21.46 23.24 14.49
C MET H 99 -22.67 22.55 15.13
N GLY H 100 -22.47 21.43 15.84
CA GLY H 100 -23.56 20.83 16.58
C GLY H 100 -24.07 21.72 17.69
N SER H 101 -23.16 22.41 18.40
CA SER H 101 -23.61 23.32 19.44
C SER H 101 -24.21 24.59 18.84
N PHE H 102 -23.74 24.99 17.66
CA PHE H 102 -24.33 26.13 16.98
C PHE H 102 -25.79 25.84 16.64
N LEU H 103 -26.09 24.63 16.15
CA LEU H 103 -27.47 24.27 15.83
C LEU H 103 -28.31 24.11 17.08
N LEU H 104 -27.73 23.62 18.17
CA LEU H 104 -28.45 23.54 19.43
C LEU H 104 -28.93 24.92 19.87
N ALA H 105 -28.06 25.93 19.78
CA ALA H 105 -28.43 27.30 20.15
C ALA H 105 -29.40 27.95 19.18
N ALA H 106 -29.61 27.35 18.01
CA ALA H 106 -30.49 27.90 16.98
C ALA H 106 -31.96 27.50 17.15
N GLY H 107 -32.27 26.62 18.09
CA GLY H 107 -33.65 26.22 18.29
C GLY H 107 -34.49 27.38 18.78
N ALA H 108 -35.80 27.17 18.73
CA ALA H 108 -36.72 28.21 19.17
C ALA H 108 -36.42 28.63 20.59
N LYS H 109 -36.33 29.93 20.82
CA LYS H 109 -35.99 30.42 22.16
C LYS H 109 -37.05 29.97 23.16
N GLY H 110 -36.59 29.44 24.29
CA GLY H 110 -37.45 28.76 25.23
C GLY H 110 -37.60 27.27 25.01
N LYS H 111 -37.16 26.76 23.85
CA LYS H 111 -37.33 25.36 23.48
C LYS H 111 -35.99 24.73 23.09
N ARG H 112 -34.90 25.14 23.74
CA ARG H 112 -33.57 24.56 23.57
C ARG H 112 -33.21 23.83 24.85
N PHE H 113 -32.92 22.55 24.73
CA PHE H 113 -32.75 21.68 25.89
C PHE H 113 -31.49 20.84 25.77
N ALA H 114 -31.01 20.40 26.92
CA ALA H 114 -30.00 19.35 26.99
C ALA H 114 -30.40 18.40 28.10
N LEU H 115 -30.13 17.11 27.91
CA LEU H 115 -30.29 16.15 28.98
C LEU H 115 -29.15 16.32 29.98
N PRO H 116 -29.31 15.86 31.22
CA PRO H 116 -28.41 16.29 32.31
C PRO H 116 -26.94 15.96 32.11
N ASN H 117 -26.62 14.85 31.44
CA ASN H 117 -25.23 14.45 31.27
C ASN H 117 -24.72 14.71 29.87
N ALA H 118 -25.49 15.42 29.07
CA ALA H 118 -25.05 15.85 27.75
C ALA H 118 -23.99 16.94 27.88
N GLU H 119 -23.07 16.95 26.92
CA GLU H 119 -21.96 17.90 26.90
C GLU H 119 -22.11 18.84 25.71
N VAL H 120 -21.60 20.07 25.87
CA VAL H 120 -21.61 21.06 24.81
C VAL H 120 -20.19 21.59 24.68
N MET H 121 -19.69 21.74 23.45
CA MET H 121 -18.37 22.30 23.25
C MET H 121 -18.45 23.35 22.15
N ILE H 122 -17.81 24.48 22.38
CA ILE H 122 -17.76 25.56 21.41
C ILE H 122 -16.29 25.84 21.11
N HIS H 123 -16.00 26.21 19.85
CA HIS H 123 -14.64 26.59 19.49
C HIS H 123 -14.71 27.33 18.15
N GLN H 124 -13.55 27.84 17.71
CA GLN H 124 -13.52 28.59 16.49
C GLN H 124 -13.41 27.65 15.27
N PRO H 125 -13.75 28.14 14.07
CA PRO H 125 -13.69 27.28 12.88
C PRO H 125 -12.27 26.84 12.54
N LEU H 126 -12.19 25.70 11.84
CA LEU H 126 -10.95 25.10 11.38
C LEU H 126 -10.97 24.99 9.87
N GLY H 127 -9.80 25.01 9.27
CA GLY H 127 -9.75 24.86 7.83
C GLY H 127 -8.34 24.66 7.35
N GLY H 128 -8.15 24.86 6.05
CA GLY H 128 -6.85 24.68 5.45
C GLY H 128 -6.76 25.59 4.25
N ALA H 129 -5.53 25.83 3.82
CA ALA H 129 -5.28 26.69 2.68
C ALA H 129 -3.95 26.27 2.06
N GLN H 130 -3.90 26.22 0.74
CA GLN H 130 -2.68 25.83 0.08
C GLN H 130 -2.59 26.57 -1.24
N GLY H 131 -1.37 26.96 -1.62
CA GLY H 131 -1.16 27.58 -2.92
C GLY H 131 -0.35 28.86 -2.84
N GLN H 132 -0.59 29.76 -3.79
CA GLN H 132 0.14 31.02 -3.80
C GLN H 132 -0.24 31.88 -2.60
N ALA H 133 0.66 32.82 -2.26
CA ALA H 133 0.38 33.75 -1.17
C ALA H 133 -0.97 34.43 -1.37
N THR H 134 -1.28 34.83 -2.59
CA THR H 134 -2.58 35.46 -2.85
C THR H 134 -3.73 34.52 -2.50
N GLU H 135 -3.61 33.24 -2.82
CA GLU H 135 -4.66 32.27 -2.51
C GLU H 135 -4.77 32.02 -1.01
N ILE H 136 -3.63 32.00 -0.31
CA ILE H 136 -3.67 31.80 1.14
C ILE H 136 -4.37 32.98 1.80
N GLU H 137 -4.10 34.19 1.31
CA GLU H 137 -4.77 35.39 1.82
C GLU H 137 -6.28 35.32 1.59
N ILE H 138 -6.71 34.90 0.39
CA ILE H 138 -8.14 34.78 0.10
C ILE H 138 -8.80 33.78 1.05
N ALA H 139 -8.14 32.63 1.27
CA ALA H 139 -8.68 31.61 2.17
C ALA H 139 -8.70 32.11 3.63
N ALA H 140 -7.65 32.83 4.05
CA ALA H 140 -7.63 33.36 5.41
C ALA H 140 -8.75 34.37 5.61
N ASN H 141 -8.91 35.30 4.67
CA ASN H 141 -9.96 36.29 4.81
C ASN H 141 -11.32 35.62 4.88
N HIS H 142 -11.52 34.54 4.11
CA HIS H 142 -12.81 33.85 4.11
C HIS H 142 -13.10 33.17 5.45
N ILE H 143 -12.12 32.46 6.02
CA ILE H 143 -12.41 31.79 7.28
C ILE H 143 -12.55 32.81 8.41
N LEU H 144 -11.84 33.94 8.34
CA LEU H 144 -12.02 34.97 9.37
C LEU H 144 -13.39 35.62 9.29
N LYS H 145 -13.87 35.90 8.06
CA LYS H 145 -15.21 36.45 7.91
C LYS H 145 -16.27 35.44 8.34
N THR H 146 -16.03 34.15 8.06
CA THR H 146 -16.93 33.09 8.52
C THR H 146 -17.00 33.04 10.04
N ARG H 147 -15.86 33.19 10.72
CA ARG H 147 -15.89 33.22 12.18
C ARG H 147 -16.69 34.43 12.68
N GLU H 148 -16.51 35.60 12.05
CA GLU H 148 -17.27 36.78 12.45
C GLU H 148 -18.76 36.54 12.33
N LYS H 149 -19.18 35.86 11.25
CA LYS H 149 -20.59 35.56 11.02
C LYS H 149 -21.13 34.63 12.10
N LEU H 150 -20.38 33.56 12.39
CA LEU H 150 -20.78 32.64 13.43
C LEU H 150 -20.87 33.33 14.78
N ASN H 151 -19.85 34.15 15.11
CA ASN H 151 -19.83 34.79 16.43
C ASN H 151 -20.98 35.77 16.58
N ARG H 152 -21.27 36.56 15.53
CA ARG H 152 -22.37 37.52 15.63
C ARG H 152 -23.69 36.82 15.87
N ILE H 153 -23.94 35.70 15.17
CA ILE H 153 -25.17 34.94 15.37
C ILE H 153 -25.20 34.30 16.76
N LEU H 154 -24.09 33.71 17.22
CA LEU H 154 -24.12 33.11 18.55
C LEU H 154 -24.37 34.18 19.60
N SER H 155 -23.85 35.40 19.39
CA SER H 155 -24.11 36.51 20.29
C SER H 155 -25.59 36.80 20.38
N GLU H 156 -26.28 36.86 19.23
CA GLU H 156 -27.72 37.07 19.21
C GLU H 156 -28.45 35.95 19.94
N ARG H 157 -28.02 34.70 19.74
CA ARG H 157 -28.77 33.55 20.25
C ARG H 157 -28.52 33.31 21.73
N THR H 158 -27.40 33.80 22.26
CA THR H 158 -27.05 33.59 23.66
C THR H 158 -27.19 34.83 24.53
N GLY H 159 -27.17 36.03 23.95
CA GLY H 159 -27.10 37.25 24.74
C GLY H 159 -25.70 37.66 25.17
N GLN H 160 -24.68 36.86 24.87
CA GLN H 160 -23.30 37.21 25.19
C GLN H 160 -22.77 38.20 24.16
N SER H 161 -21.84 39.04 24.59
CA SER H 161 -21.22 39.99 23.67
C SER H 161 -20.37 39.25 22.65
N ILE H 162 -20.15 39.89 21.49
CA ILE H 162 -19.26 39.33 20.48
C ILE H 162 -17.86 39.16 21.06
N GLU H 163 -17.43 40.09 21.90
CA GLU H 163 -16.10 39.99 22.48
C GLU H 163 -15.97 38.75 23.36
N LYS H 164 -17.01 38.44 24.15
CA LYS H 164 -16.95 37.27 25.02
C LYS H 164 -16.96 35.98 24.22
N ILE H 165 -17.80 35.90 23.18
CA ILE H 165 -17.82 34.73 22.33
C ILE H 165 -16.46 34.50 21.68
N GLN H 166 -15.84 35.57 21.18
CA GLN H 166 -14.51 35.44 20.59
C GLN H 166 -13.51 34.88 21.59
N GLN H 167 -13.53 35.42 22.81
CA GLN H 167 -12.62 34.94 23.84
C GLN H 167 -12.92 33.49 24.22
N ASP H 168 -14.20 33.14 24.34
CA ASP H 168 -14.58 31.81 24.82
C ASP H 168 -14.48 30.74 23.74
N THR H 169 -14.20 31.10 22.48
CA THR H 169 -14.06 30.12 21.43
C THR H 169 -12.64 30.04 20.90
N ASP H 170 -11.69 30.76 21.51
CA ASP H 170 -10.32 30.74 21.02
C ASP H 170 -9.73 29.33 21.01
N ARG H 171 -10.06 28.53 22.03
CA ARG H 171 -9.67 27.13 22.14
C ARG H 171 -10.91 26.31 22.46
N ASP H 172 -10.77 24.97 22.41
CA ASP H 172 -11.91 24.11 22.76
C ASP H 172 -12.42 24.43 24.16
N ASN H 173 -13.72 24.67 24.27
CA ASN H 173 -14.36 25.07 25.52
C ASN H 173 -15.51 24.10 25.79
N PHE H 174 -15.33 23.20 26.75
CA PHE H 174 -16.34 22.20 27.09
C PHE H 174 -17.25 22.73 28.18
N LEU H 175 -18.56 22.56 28.00
CA LEU H 175 -19.57 22.99 28.96
C LEU H 175 -20.42 21.80 29.38
N THR H 176 -20.73 21.75 30.67
CA THR H 176 -21.79 20.85 31.13
C THR H 176 -23.16 21.39 30.67
N ALA H 177 -24.20 20.57 30.86
CA ALA H 177 -25.54 21.03 30.53
C ALA H 177 -25.91 22.27 31.33
N ALA H 178 -25.58 22.28 32.63
CA ALA H 178 -25.89 23.42 33.48
C ALA H 178 -25.11 24.66 33.05
N GLU H 179 -23.85 24.49 32.64
CA GLU H 179 -23.07 25.62 32.15
C GLU H 179 -23.61 26.14 30.82
N ALA H 180 -24.09 25.23 29.95
CA ALA H 180 -24.62 25.68 28.67
C ALA H 180 -25.88 26.52 28.87
N LYS H 181 -26.69 26.16 29.85
CA LYS H 181 -27.85 26.97 30.20
C LYS H 181 -27.43 28.33 30.74
N GLU H 182 -26.44 28.35 31.65
CA GLU H 182 -25.97 29.63 32.17
C GLU H 182 -25.41 30.50 31.06
N TYR H 183 -24.77 29.90 30.07
CA TYR H 183 -24.18 30.62 28.96
C TYR H 183 -25.22 31.18 28.01
N GLY H 184 -26.41 30.60 27.97
CA GLY H 184 -27.43 30.99 27.03
C GLY H 184 -27.50 30.13 25.80
N LEU H 185 -26.74 29.02 25.76
CA LEU H 185 -26.80 28.14 24.60
C LEU H 185 -28.08 27.32 24.61
N ILE H 186 -28.61 27.01 25.79
CA ILE H 186 -29.90 26.33 25.93
C ILE H 186 -30.71 27.07 26.97
N ASP H 187 -32.00 26.74 27.01
CA ASP H 187 -32.93 27.34 27.94
C ASP H 187 -33.18 26.51 29.18
N GLU H 188 -33.12 25.18 29.09
CA GLU H 188 -33.40 24.36 30.24
C GLU H 188 -32.64 23.05 30.15
N VAL H 189 -32.21 22.55 31.30
CA VAL H 189 -31.74 21.18 31.43
C VAL H 189 -32.95 20.28 31.67
N MET H 190 -33.17 19.32 30.78
CA MET H 190 -34.34 18.45 30.81
C MET H 190 -34.20 17.40 31.92
N GLU H 191 -34.99 17.50 32.93
CA GLU H 191 -34.88 16.56 34.03
C GLU H 191 -35.86 15.40 33.86
N PRO H 192 -35.57 14.22 34.48
CA PRO H 192 -36.34 13.00 34.28
C PRO H 192 -37.82 13.12 34.65
N ILE I 4 -33.45 9.81 2.80
CA ILE I 4 -32.79 8.73 3.53
C ILE I 4 -33.80 8.01 4.40
N PRO I 5 -34.69 8.71 5.12
CA PRO I 5 -35.72 7.99 5.86
C PRO I 5 -36.77 7.47 4.88
N THR I 6 -37.13 6.19 5.03
CA THR I 6 -38.04 5.53 4.09
C THR I 6 -39.32 5.07 4.75
N TYR I 18 -41.19 5.63 -0.49
CA TYR I 18 -40.36 6.81 -0.72
C TYR I 18 -39.19 7.03 0.27
N ASP I 19 -38.04 7.47 -0.23
CA ASP I 19 -37.15 8.22 0.65
C ASP I 19 -37.62 9.68 0.69
N ILE I 20 -36.99 10.48 1.56
CA ILE I 20 -37.46 11.84 1.74
C ILE I 20 -37.33 12.64 0.44
N TYR I 21 -36.34 12.35 -0.39
CA TYR I 21 -36.16 13.08 -1.64
C TYR I 21 -37.26 12.73 -2.63
N SER I 22 -37.65 11.46 -2.66
CA SER I 22 -38.74 11.05 -3.52
C SER I 22 -40.04 11.72 -3.09
N ARG I 23 -40.22 11.90 -1.79
CA ARG I 23 -41.41 12.60 -1.29
C ARG I 23 -41.41 14.07 -1.70
N LEU I 24 -40.24 14.74 -1.68
CA LEU I 24 -40.15 16.13 -2.11
C LEU I 24 -40.35 16.28 -3.62
N LEU I 25 -39.85 15.30 -4.40
CA LEU I 25 -40.02 15.33 -5.85
C LEU I 25 -41.49 15.28 -6.24
N LYS I 26 -42.31 14.57 -5.46
CA LYS I 26 -43.74 14.57 -5.71
C LYS I 26 -44.33 15.97 -5.68
N ASP I 27 -43.70 16.88 -4.92
CA ASP I 27 -44.10 18.28 -4.84
C ASP I 27 -43.26 19.18 -5.74
N ARG I 28 -42.59 18.59 -6.72
CA ARG I 28 -41.82 19.31 -7.74
C ARG I 28 -40.59 19.98 -7.17
N ILE I 29 -40.00 19.38 -6.14
CA ILE I 29 -38.78 19.88 -5.51
C ILE I 29 -37.65 18.92 -5.80
N ILE I 30 -36.57 19.45 -6.34
CA ILE I 30 -35.36 18.68 -6.63
C ILE I 30 -34.27 19.21 -5.70
N MET I 31 -33.54 18.32 -5.06
CA MET I 31 -32.50 18.70 -4.11
C MET I 31 -31.15 18.39 -4.73
N LEU I 32 -30.34 19.42 -4.96
CA LEU I 32 -28.94 19.25 -5.37
C LEU I 32 -28.06 19.52 -4.15
N GLY I 33 -27.48 18.46 -3.59
CA GLY I 33 -26.75 18.61 -2.35
C GLY I 33 -25.39 17.93 -2.40
N SER I 34 -24.75 17.98 -3.57
CA SER I 34 -23.49 17.28 -3.73
C SER I 34 -22.70 17.94 -4.85
N GLN I 35 -21.49 17.42 -5.06
CA GLN I 35 -20.72 17.78 -6.25
C GLN I 35 -21.49 17.39 -7.51
N ILE I 36 -21.23 18.10 -8.60
CA ILE I 36 -21.93 17.88 -9.85
C ILE I 36 -21.04 17.01 -10.73
N ASP I 37 -21.45 15.77 -10.96
CA ASP I 37 -20.77 14.91 -11.90
C ASP I 37 -21.82 14.34 -12.85
N ASP I 38 -21.40 13.48 -13.78
CA ASP I 38 -22.34 13.01 -14.79
C ASP I 38 -23.50 12.24 -14.16
N ASN I 39 -23.23 11.46 -13.09
CA ASN I 39 -24.32 10.69 -12.45
C ASN I 39 -25.36 11.61 -11.83
N VAL I 40 -24.90 12.65 -11.13
CA VAL I 40 -25.82 13.61 -10.53
C VAL I 40 -26.57 14.36 -11.61
N ALA I 41 -25.86 14.81 -12.66
CA ALA I 41 -26.52 15.59 -13.71
C ALA I 41 -27.57 14.75 -14.43
N ASN I 42 -27.26 13.49 -14.72
CA ASN I 42 -28.24 12.64 -15.39
C ASN I 42 -29.49 12.46 -14.55
N SER I 43 -29.33 12.32 -13.22
CA SER I 43 -30.49 12.19 -12.33
C SER I 43 -31.31 13.48 -12.32
N ILE I 44 -30.64 14.64 -12.19
CA ILE I 44 -31.34 15.92 -12.15
C ILE I 44 -32.06 16.17 -13.48
N VAL I 45 -31.38 15.89 -14.59
CA VAL I 45 -32.03 16.07 -15.88
C VAL I 45 -33.25 15.17 -15.98
N SER I 46 -33.13 13.91 -15.54
CA SER I 46 -34.27 12.99 -15.63
C SER I 46 -35.43 13.48 -14.77
N GLN I 47 -35.11 14.04 -13.60
CA GLN I 47 -36.18 14.59 -12.76
C GLN I 47 -36.86 15.78 -13.42
N LEU I 48 -36.09 16.66 -14.06
CA LEU I 48 -36.67 17.84 -14.74
C LEU I 48 -37.58 17.42 -15.88
N LEU I 49 -37.14 16.47 -16.71
CA LEU I 49 -37.98 16.00 -17.81
C LEU I 49 -39.24 15.32 -17.28
N PHE I 50 -39.13 14.53 -16.20
CA PHE I 50 -40.31 13.90 -15.64
C PHE I 50 -41.30 14.93 -15.12
N LEU I 51 -40.81 15.93 -14.39
CA LEU I 51 -41.70 16.96 -13.86
C LEU I 51 -42.37 17.74 -14.99
N GLN I 52 -41.64 18.02 -16.07
CA GLN I 52 -42.29 18.68 -17.21
C GLN I 52 -43.38 17.80 -17.80
N ALA I 53 -43.11 16.48 -17.91
CA ALA I 53 -44.11 15.58 -18.47
C ALA I 53 -45.34 15.49 -17.58
N GLN I 54 -45.15 15.62 -16.26
CA GLN I 54 -46.28 15.59 -15.33
C GLN I 54 -47.13 16.84 -15.49
N ASP I 55 -46.48 18.00 -15.61
CA ASP I 55 -47.20 19.26 -15.73
C ASP I 55 -46.24 20.29 -16.30
N SER I 56 -46.55 20.77 -17.51
CA SER I 56 -45.65 21.70 -18.17
C SER I 56 -45.86 23.14 -17.73
N GLU I 57 -46.84 23.41 -16.85
CA GLU I 57 -47.15 24.75 -16.40
C GLU I 57 -46.61 25.05 -15.01
N LYS I 58 -46.59 24.08 -14.09
CA LYS I 58 -46.26 24.37 -12.71
C LYS I 58 -44.76 24.61 -12.53
N ASP I 59 -44.42 25.54 -11.64
CA ASP I 59 -43.01 25.78 -11.34
C ASP I 59 -42.36 24.54 -10.75
N ILE I 60 -41.03 24.47 -10.93
CA ILE I 60 -40.15 23.50 -10.31
C ILE I 60 -39.22 24.26 -9.38
N TYR I 61 -38.85 23.63 -8.26
CA TYR I 61 -37.95 24.23 -7.28
C TYR I 61 -36.69 23.41 -7.17
N LEU I 62 -35.53 24.04 -7.45
CA LEU I 62 -34.24 23.37 -7.41
C LEU I 62 -33.44 23.98 -6.25
N TYR I 63 -33.28 23.24 -5.16
CA TYR I 63 -32.41 23.63 -4.07
C TYR I 63 -30.96 23.26 -4.38
N ILE I 64 -30.05 24.16 -4.05
CA ILE I 64 -28.64 24.01 -4.43
C ILE I 64 -27.78 24.21 -3.20
N ASN I 65 -27.06 23.18 -2.82
CA ASN I 65 -25.99 23.24 -1.83
C ASN I 65 -24.88 22.40 -2.44
N SER I 66 -23.96 23.06 -3.16
CA SER I 66 -23.01 22.28 -3.95
C SER I 66 -21.67 23.00 -4.09
N PRO I 67 -20.56 22.26 -3.98
CA PRO I 67 -19.23 22.84 -4.21
C PRO I 67 -18.86 22.97 -5.68
N GLY I 68 -19.73 22.55 -6.59
CA GLY I 68 -19.45 22.62 -8.01
C GLY I 68 -19.20 21.24 -8.60
N GLY I 69 -18.47 21.24 -9.68
CA GLY I 69 -18.12 19.98 -10.31
C GLY I 69 -17.84 20.18 -11.79
N SER I 70 -18.17 19.15 -12.56
CA SER I 70 -17.84 19.11 -13.99
C SER I 70 -18.62 20.18 -14.76
N VAL I 71 -17.92 20.89 -15.65
CA VAL I 71 -18.59 21.94 -16.42
C VAL I 71 -19.61 21.33 -17.37
N THR I 72 -19.24 20.25 -18.07
CA THR I 72 -20.20 19.65 -19.00
C THR I 72 -21.40 19.03 -18.28
N ALA I 73 -21.18 18.42 -17.10
CA ALA I 73 -22.30 17.92 -16.31
C ALA I 73 -23.21 19.06 -15.89
N GLY I 74 -22.61 20.17 -15.49
CA GLY I 74 -23.41 21.34 -15.16
C GLY I 74 -24.21 21.86 -16.34
N PHE I 75 -23.63 21.79 -17.55
CA PHE I 75 -24.36 22.31 -18.71
C PHE I 75 -25.47 21.38 -19.16
N ALA I 76 -25.37 20.08 -18.88
CA ALA I 76 -26.52 19.20 -19.08
C ALA I 76 -27.71 19.69 -18.27
N ILE I 77 -27.48 20.07 -17.01
CA ILE I 77 -28.56 20.61 -16.18
C ILE I 77 -28.99 21.99 -16.67
N TYR I 78 -28.02 22.87 -16.94
CA TYR I 78 -28.33 24.23 -17.39
C TYR I 78 -29.21 24.21 -18.63
N ASP I 79 -28.80 23.47 -19.67
CA ASP I 79 -29.56 23.48 -20.91
C ASP I 79 -30.94 22.85 -20.73
N THR I 80 -31.06 21.86 -19.85
CA THR I 80 -32.37 21.26 -19.59
C THR I 80 -33.28 22.26 -18.88
N ILE I 81 -32.74 23.01 -17.90
CA ILE I 81 -33.54 24.06 -17.27
C ILE I 81 -34.07 25.03 -18.31
N GLN I 82 -33.20 25.46 -19.25
CA GLN I 82 -33.67 26.46 -20.23
C GLN I 82 -34.58 25.85 -21.27
N HIS I 83 -34.45 24.55 -21.51
CA HIS I 83 -35.25 23.91 -22.57
C HIS I 83 -36.70 23.67 -22.16
N ILE I 84 -36.92 23.23 -20.91
CA ILE I 84 -38.26 22.79 -20.51
C ILE I 84 -39.18 23.98 -20.33
N LYS I 85 -40.48 23.69 -20.40
CA LYS I 85 -41.48 24.75 -20.32
C LYS I 85 -41.62 25.32 -18.92
N PRO I 86 -41.68 24.53 -17.84
CA PRO I 86 -41.84 25.12 -16.50
C PRO I 86 -40.71 26.06 -16.11
N ASP I 87 -41.08 27.10 -15.35
CA ASP I 87 -40.06 27.89 -14.65
C ASP I 87 -39.36 27.05 -13.58
N VAL I 88 -38.04 27.16 -13.50
CA VAL I 88 -37.27 26.48 -12.46
C VAL I 88 -36.78 27.54 -11.49
N GLN I 89 -37.32 27.53 -10.27
CA GLN I 89 -36.79 28.40 -9.23
C GLN I 89 -35.52 27.77 -8.72
N THR I 90 -34.51 28.60 -8.42
CA THR I 90 -33.29 28.13 -7.79
C THR I 90 -33.17 28.73 -6.41
N ILE I 91 -32.76 27.92 -5.44
CA ILE I 91 -32.71 28.35 -4.04
C ILE I 91 -31.40 27.86 -3.45
N CYS I 92 -30.53 28.80 -3.10
CA CYS I 92 -29.23 28.45 -2.54
C CYS I 92 -29.33 28.32 -1.02
N ILE I 93 -28.93 27.17 -0.49
CA ILE I 93 -28.82 26.96 0.95
C ILE I 93 -27.39 26.48 1.22
N GLY I 94 -26.78 26.99 2.29
CA GLY I 94 -25.42 26.54 2.56
C GLY I 94 -24.42 27.23 1.66
N MET I 95 -24.13 26.64 0.51
CA MET I 95 -23.10 27.19 -0.38
C MET I 95 -23.40 26.78 -1.82
N ALA I 96 -23.30 27.74 -2.74
CA ALA I 96 -23.31 27.47 -4.17
C ALA I 96 -21.98 27.97 -4.70
N ALA I 97 -21.05 27.04 -4.96
CA ALA I 97 -19.71 27.38 -5.42
C ALA I 97 -19.49 26.86 -6.82
N SER I 98 -18.76 27.63 -7.62
CA SER I 98 -18.24 27.17 -8.93
C SER I 98 -19.44 26.79 -9.79
N MET I 99 -19.51 25.59 -10.35
CA MET I 99 -20.65 25.26 -11.20
C MET I 99 -21.96 25.31 -10.44
N GLY I 100 -21.92 25.18 -9.11
CA GLY I 100 -23.12 25.39 -8.32
C GLY I 100 -23.65 26.81 -8.40
N SER I 101 -22.76 27.81 -8.36
CA SER I 101 -23.24 29.19 -8.45
C SER I 101 -23.68 29.54 -9.87
N PHE I 102 -23.08 28.89 -10.87
CA PHE I 102 -23.53 29.07 -12.24
C PHE I 102 -24.96 28.57 -12.40
N LEU I 103 -25.28 27.41 -11.81
CA LEU I 103 -26.64 26.89 -11.89
C LEU I 103 -27.61 27.71 -11.06
N LEU I 104 -27.16 28.26 -9.94
CA LEU I 104 -28.00 29.16 -9.16
C LEU I 104 -28.44 30.36 -9.99
N ALA I 105 -27.50 30.96 -10.75
CA ALA I 105 -27.80 32.09 -11.63
C ALA I 105 -28.67 31.71 -12.82
N ALA I 106 -28.80 30.41 -13.10
CA ALA I 106 -29.56 29.90 -14.25
C ALA I 106 -31.04 29.75 -13.97
N GLY I 107 -31.47 29.96 -12.74
CA GLY I 107 -32.88 29.87 -12.43
C GLY I 107 -33.66 30.92 -13.18
N ALA I 108 -34.96 30.71 -13.18
CA ALA I 108 -35.88 31.63 -13.86
C ALA I 108 -35.71 33.05 -13.33
N LYS I 109 -35.60 34.02 -14.23
CA LYS I 109 -35.36 35.39 -13.79
C LYS I 109 -36.51 35.87 -12.92
N GLY I 110 -36.17 36.45 -11.77
CA GLY I 110 -37.12 36.77 -10.73
C GLY I 110 -37.34 35.67 -9.70
N LYS I 111 -36.84 34.46 -9.95
CA LYS I 111 -37.10 33.33 -9.09
C LYS I 111 -35.80 32.63 -8.67
N ARG I 112 -34.72 33.40 -8.47
CA ARG I 112 -33.42 32.91 -7.99
C ARG I 112 -33.20 33.51 -6.60
N PHE I 113 -32.98 32.64 -5.62
CA PHE I 113 -32.97 33.01 -4.22
C PHE I 113 -31.75 32.44 -3.52
N ALA I 114 -31.40 33.08 -2.40
CA ALA I 114 -30.48 32.51 -1.44
C ALA I 114 -31.01 32.77 -0.04
N LEU I 115 -30.76 31.83 0.87
CA LEU I 115 -31.08 32.05 2.28
C LEU I 115 -30.06 33.02 2.90
N PRO I 116 -30.42 33.69 4.01
CA PRO I 116 -29.62 34.85 4.45
C PRO I 116 -28.16 34.56 4.76
N ASN I 117 -27.83 33.37 5.26
CA ASN I 117 -26.43 33.05 5.57
C ASN I 117 -25.80 32.14 4.54
N ALA I 118 -26.47 31.95 3.41
CA ALA I 118 -25.89 31.16 2.32
C ALA I 118 -24.72 31.90 1.69
N GLU I 119 -23.77 31.12 1.19
CA GLU I 119 -22.57 31.63 0.55
C GLU I 119 -22.59 31.28 -0.93
N VAL I 120 -22.00 32.16 -1.73
CA VAL I 120 -21.86 31.96 -3.17
C VAL I 120 -20.38 32.18 -3.48
N MET I 121 -19.80 31.32 -4.31
CA MET I 121 -18.42 31.53 -4.67
C MET I 121 -18.33 31.40 -6.19
N ILE I 122 -17.61 32.31 -6.84
CA ILE I 122 -17.38 32.23 -8.28
C ILE I 122 -15.88 32.21 -8.54
N HIS I 123 -15.47 31.46 -9.57
CA HIS I 123 -14.06 31.44 -9.96
C HIS I 123 -13.95 30.86 -11.35
N GLN I 124 -12.72 30.80 -11.85
CA GLN I 124 -12.51 30.32 -13.22
C GLN I 124 -12.38 28.79 -13.25
N PRO I 125 -12.59 28.17 -14.40
CA PRO I 125 -12.49 26.72 -14.47
C PRO I 125 -11.08 26.23 -14.19
N LEU I 126 -11.01 24.99 -13.73
CA LEU I 126 -9.78 24.31 -13.40
C LEU I 126 -9.69 23.04 -14.24
N GLY I 127 -8.48 22.60 -14.53
CA GLY I 127 -8.33 21.40 -15.31
C GLY I 127 -6.88 20.98 -15.36
N GLY I 128 -6.59 20.12 -16.30
CA GLY I 128 -5.23 19.63 -16.42
C GLY I 128 -4.97 19.24 -17.87
N ALA I 129 -3.70 19.12 -18.19
CA ALA I 129 -3.27 18.75 -19.53
C ALA I 129 -1.95 18.02 -19.39
N GLN I 130 -1.78 16.94 -20.16
CA GLN I 130 -0.56 16.15 -20.08
C GLN I 130 -0.25 15.63 -21.47
N GLY I 131 1.03 15.60 -21.83
CA GLY I 131 1.37 15.02 -23.12
C GLY I 131 2.24 15.93 -23.97
N GLN I 132 2.15 15.77 -25.28
CA GLN I 132 2.97 16.57 -26.18
C GLN I 132 2.56 18.03 -26.14
N ALA I 133 3.50 18.89 -26.54
CA ALA I 133 3.23 20.32 -26.63
C ALA I 133 1.96 20.58 -27.44
N THR I 134 1.79 19.88 -28.56
CA THR I 134 0.57 20.05 -29.37
C THR I 134 -0.69 19.66 -28.58
N GLU I 135 -0.61 18.62 -27.76
CA GLU I 135 -1.76 18.18 -26.97
C GLU I 135 -2.07 19.17 -25.85
N ILE I 136 -1.03 19.72 -25.22
CA ILE I 136 -1.25 20.71 -24.17
C ILE I 136 -1.91 21.96 -24.74
N GLU I 137 -1.50 22.36 -25.95
CA GLU I 137 -2.11 23.52 -26.61
C GLU I 137 -3.60 23.28 -26.87
N ILE I 138 -3.93 22.08 -27.36
CA ILE I 138 -5.35 21.76 -27.58
C ILE I 138 -6.13 21.83 -26.27
N ALA I 139 -5.56 21.28 -25.19
CA ALA I 139 -6.28 21.29 -23.92
C ALA I 139 -6.43 22.71 -23.38
N ALA I 140 -5.38 23.54 -23.52
CA ALA I 140 -5.47 24.92 -23.08
C ALA I 140 -6.50 25.70 -23.90
N ASN I 141 -6.50 25.52 -25.21
CA ASN I 141 -7.49 26.23 -26.01
C ASN I 141 -8.91 25.83 -25.62
N HIS I 142 -9.12 24.56 -25.32
CA HIS I 142 -10.45 24.10 -24.92
C HIS I 142 -10.87 24.70 -23.58
N ILE I 143 -9.98 24.71 -22.59
CA ILE I 143 -10.43 25.26 -21.31
C ILE I 143 -10.60 26.77 -21.40
N LEU I 144 -9.80 27.45 -22.22
CA LEU I 144 -9.99 28.89 -22.41
C LEU I 144 -11.30 29.18 -23.14
N LYS I 145 -11.65 28.37 -24.14
CA LYS I 145 -12.93 28.56 -24.82
C LYS I 145 -14.11 28.25 -23.88
N THR I 146 -13.95 27.24 -23.02
CA THR I 146 -14.98 26.92 -22.03
C THR I 146 -15.18 28.09 -21.06
N ARG I 147 -14.08 28.72 -20.62
CA ARG I 147 -14.25 29.89 -19.75
C ARG I 147 -14.98 31.02 -20.46
N GLU I 148 -14.64 31.27 -21.73
CA GLU I 148 -15.34 32.31 -22.47
C GLU I 148 -16.82 32.01 -22.56
N LYS I 149 -17.18 30.74 -22.74
CA LYS I 149 -18.58 30.35 -22.81
C LYS I 149 -19.30 30.61 -21.49
N LEU I 150 -18.67 30.22 -20.37
CA LEU I 150 -19.23 30.47 -19.05
C LEU I 150 -19.38 31.96 -18.78
N ASN I 151 -18.35 32.75 -19.14
CA ASN I 151 -18.40 34.19 -18.88
C ASN I 151 -19.49 34.85 -19.71
N ARG I 152 -19.64 34.43 -20.96
CA ARG I 152 -20.68 35.02 -21.80
C ARG I 152 -22.06 34.77 -21.22
N ILE I 153 -22.32 33.54 -20.77
CA ILE I 153 -23.63 33.22 -20.20
C ILE I 153 -23.83 33.94 -18.86
N LEU I 154 -22.80 33.93 -17.99
CA LEU I 154 -22.94 34.64 -16.71
C LEU I 154 -23.20 36.11 -16.92
N SER I 155 -22.59 36.70 -17.96
CA SER I 155 -22.86 38.09 -18.30
C SER I 155 -24.32 38.30 -18.66
N GLU I 156 -24.87 37.40 -19.49
CA GLU I 156 -26.28 37.50 -19.87
C GLU I 156 -27.19 37.34 -18.64
N ARG I 157 -26.85 36.43 -17.72
CA ARG I 157 -27.74 36.14 -16.61
C ARG I 157 -27.60 37.12 -15.45
N THR I 158 -26.47 37.83 -15.32
CA THR I 158 -26.27 38.76 -14.22
C THR I 158 -26.39 40.23 -14.63
N GLY I 159 -26.26 40.55 -15.91
CA GLY I 159 -26.17 41.93 -16.31
C GLY I 159 -24.78 42.53 -16.20
N GLN I 160 -23.79 41.78 -15.70
CA GLN I 160 -22.43 42.29 -15.62
C GLN I 160 -21.70 42.11 -16.95
N SER I 161 -20.73 42.99 -17.20
CA SER I 161 -19.94 42.88 -18.42
C SER I 161 -19.07 41.62 -18.39
N ILE I 162 -18.76 41.11 -19.58
CA ILE I 162 -17.85 39.97 -19.66
C ILE I 162 -16.50 40.31 -19.06
N GLU I 163 -16.04 41.55 -19.26
CA GLU I 163 -14.76 41.97 -18.70
C GLU I 163 -14.80 41.94 -17.18
N LYS I 164 -15.91 42.36 -16.57
CA LYS I 164 -16.01 42.33 -15.12
C LYS I 164 -16.06 40.90 -14.59
N ILE I 165 -16.80 40.02 -15.26
CA ILE I 165 -16.86 38.60 -14.87
C ILE I 165 -15.47 37.98 -14.93
N GLN I 166 -14.73 38.28 -16.01
CA GLN I 166 -13.36 37.75 -16.15
C GLN I 166 -12.47 38.18 -14.99
N GLN I 167 -12.48 39.47 -14.67
CA GLN I 167 -11.66 39.97 -13.57
C GLN I 167 -12.10 39.39 -12.23
N ASP I 168 -13.41 39.28 -12.00
CA ASP I 168 -13.95 38.85 -10.72
C ASP I 168 -13.88 37.34 -10.49
N THR I 169 -13.49 36.56 -11.50
CA THR I 169 -13.35 35.12 -11.35
C THR I 169 -11.90 34.69 -11.50
N ASP I 170 -10.97 35.64 -11.59
CA ASP I 170 -9.56 35.27 -11.76
C ASP I 170 -9.09 34.41 -10.59
N ARG I 171 -9.55 34.72 -9.39
CA ARG I 171 -9.28 33.96 -8.18
C ARG I 171 -10.61 33.62 -7.52
N ASP I 172 -10.57 32.74 -6.50
CA ASP I 172 -11.79 32.46 -5.74
C ASP I 172 -12.38 33.75 -5.21
N ASN I 173 -13.67 33.94 -5.45
CA ASN I 173 -14.38 35.16 -5.07
C ASN I 173 -15.61 34.75 -4.24
N PHE I 174 -15.54 34.93 -2.93
CA PHE I 174 -16.62 34.57 -2.01
C PHE I 174 -17.56 35.75 -1.84
N LEU I 175 -18.87 35.47 -1.94
CA LEU I 175 -19.94 36.47 -1.86
C LEU I 175 -20.94 36.07 -0.79
N THR I 176 -21.40 37.05 -0.02
CA THR I 176 -22.56 36.82 0.82
C THR I 176 -23.82 36.71 -0.05
N ALA I 177 -24.93 36.28 0.57
CA ALA I 177 -26.19 36.27 -0.16
C ALA I 177 -26.54 37.67 -0.66
N ALA I 178 -26.31 38.68 0.17
CA ALA I 178 -26.63 40.05 -0.22
C ALA I 178 -25.76 40.52 -1.38
N GLU I 179 -24.47 40.14 -1.38
CA GLU I 179 -23.57 40.45 -2.49
C GLU I 179 -23.94 39.69 -3.77
N ALA I 180 -24.42 38.45 -3.64
CA ALA I 180 -24.82 37.72 -4.82
C ALA I 180 -26.05 38.36 -5.47
N LYS I 181 -26.98 38.88 -4.66
CA LYS I 181 -28.11 39.63 -5.21
C LYS I 181 -27.63 40.90 -5.91
N GLU I 182 -26.73 41.63 -5.26
CA GLU I 182 -26.17 42.83 -5.85
C GLU I 182 -25.48 42.54 -7.17
N TYR I 183 -24.80 41.40 -7.24
CA TYR I 183 -24.04 41.01 -8.41
C TYR I 183 -24.95 40.64 -9.56
N GLY I 184 -26.18 40.25 -9.27
CA GLY I 184 -27.09 39.75 -10.27
C GLY I 184 -27.15 38.24 -10.33
N LEU I 185 -26.48 37.54 -9.43
CA LEU I 185 -26.52 36.07 -9.41
C LEU I 185 -27.84 35.56 -8.88
N ILE I 186 -28.48 36.29 -7.98
CA ILE I 186 -29.80 35.94 -7.49
C ILE I 186 -30.64 37.21 -7.53
N ASP I 187 -31.94 37.01 -7.38
CA ASP I 187 -32.90 38.09 -7.40
C ASP I 187 -33.29 38.56 -6.01
N GLU I 188 -33.28 37.67 -5.03
CA GLU I 188 -33.77 38.03 -3.72
C GLU I 188 -33.07 37.21 -2.65
N VAL I 189 -32.81 37.82 -1.51
CA VAL I 189 -32.47 37.07 -0.32
C VAL I 189 -33.78 36.65 0.35
N MET I 190 -33.95 35.35 0.51
CA MET I 190 -35.20 34.81 1.04
C MET I 190 -35.26 35.07 2.54
N GLU I 191 -36.19 35.90 2.96
CA GLU I 191 -36.28 36.20 4.37
C GLU I 191 -37.34 35.31 5.02
N PRO I 192 -37.28 35.11 6.35
CA PRO I 192 -38.11 34.09 7.00
C PRO I 192 -39.63 34.20 6.79
N ILE J 4 -30.81 8.47 -6.68
CA ILE J 4 -31.87 8.15 -7.65
C ILE J 4 -33.23 8.06 -6.95
N PRO J 5 -34.07 9.07 -7.17
CA PRO J 5 -35.38 9.11 -6.52
C PRO J 5 -36.37 8.13 -7.17
N THR J 6 -37.44 7.87 -6.42
CA THR J 6 -38.48 6.93 -6.79
C THR J 6 -39.77 7.71 -7.09
N VAL J 7 -40.58 7.18 -8.01
CA VAL J 7 -41.81 7.83 -8.48
C VAL J 7 -42.99 6.91 -8.24
N ILE J 8 -44.14 7.50 -7.87
CA ILE J 8 -45.44 6.81 -7.73
C ILE J 8 -45.89 6.15 -9.03
N ALA J 17 -44.15 1.54 -8.15
CA ALA J 17 -42.99 2.35 -7.77
C ALA J 17 -41.83 2.18 -8.76
N TYR J 18 -41.40 3.29 -9.34
CA TYR J 18 -40.31 3.32 -10.29
C TYR J 18 -39.17 4.16 -9.75
N ASP J 19 -37.93 3.74 -10.03
CA ASP J 19 -36.86 4.71 -9.97
C ASP J 19 -37.01 5.67 -11.16
N ILE J 20 -36.31 6.80 -11.12
CA ILE J 20 -36.58 7.83 -12.12
C ILE J 20 -36.27 7.33 -13.53
N TYR J 21 -35.22 6.51 -13.68
CA TYR J 21 -34.89 6.04 -15.02
C TYR J 21 -35.90 5.04 -15.55
N SER J 22 -36.37 4.15 -14.68
CA SER J 22 -37.41 3.22 -15.11
C SER J 22 -38.67 3.96 -15.50
N ARG J 23 -38.95 5.08 -14.83
CA ARG J 23 -40.13 5.87 -15.19
C ARG J 23 -39.98 6.48 -16.58
N LEU J 24 -38.78 6.97 -16.91
CA LEU J 24 -38.56 7.51 -18.24
C LEU J 24 -38.62 6.42 -19.30
N LEU J 25 -38.14 5.21 -18.97
CA LEU J 25 -38.20 4.12 -19.94
C LEU J 25 -39.64 3.78 -20.31
N LYS J 26 -40.58 3.96 -19.37
CA LYS J 26 -41.98 3.75 -19.69
C LYS J 26 -42.44 4.65 -20.83
N ASP J 27 -41.84 5.84 -20.97
CA ASP J 27 -42.14 6.76 -22.06
C ASP J 27 -41.12 6.65 -23.19
N ARG J 28 -40.41 5.53 -23.27
CA ARG J 28 -39.49 5.19 -24.36
C ARG J 28 -38.26 6.10 -24.40
N ILE J 29 -37.79 6.52 -23.23
CA ILE J 29 -36.60 7.34 -23.10
C ILE J 29 -35.53 6.48 -22.45
N ILE J 30 -34.37 6.42 -23.10
CA ILE J 30 -33.20 5.72 -22.59
C ILE J 30 -32.15 6.76 -22.26
N MET J 31 -31.54 6.66 -21.09
CA MET J 31 -30.50 7.61 -20.71
C MET J 31 -29.16 6.87 -20.79
N LEU J 32 -28.28 7.32 -21.69
CA LEU J 32 -26.90 6.83 -21.76
C LEU J 32 -26.03 7.91 -21.10
N GLY J 33 -25.67 7.71 -19.83
CA GLY J 33 -25.07 8.80 -19.11
C GLY J 33 -23.80 8.43 -18.38
N SER J 34 -23.03 7.54 -18.98
CA SER J 34 -21.80 7.10 -18.35
C SER J 34 -20.83 6.65 -19.45
N GLN J 35 -19.63 6.27 -19.04
CA GLN J 35 -18.72 5.61 -19.96
C GLN J 35 -19.36 4.33 -20.51
N ILE J 36 -18.98 3.99 -21.73
CA ILE J 36 -19.55 2.85 -22.47
C ILE J 36 -18.62 1.66 -22.27
N ASP J 37 -19.10 0.66 -21.57
CA ASP J 37 -18.44 -0.64 -21.44
C ASP J 37 -19.46 -1.72 -21.77
N ASP J 38 -19.05 -2.99 -21.62
CA ASP J 38 -19.94 -4.09 -21.99
C ASP J 38 -21.20 -4.10 -21.13
N ASN J 39 -21.10 -3.79 -19.84
CA ASN J 39 -22.27 -3.78 -18.96
C ASN J 39 -23.28 -2.72 -19.39
N VAL J 40 -22.81 -1.51 -19.67
CA VAL J 40 -23.67 -0.43 -20.14
C VAL J 40 -24.31 -0.78 -21.46
N ALA J 41 -23.51 -1.35 -22.38
CA ALA J 41 -24.07 -1.72 -23.68
C ALA J 41 -25.12 -2.82 -23.53
N ASN J 42 -24.87 -3.81 -22.66
N ASN J 42 -24.89 -3.81 -22.67
CA ASN J 42 -25.86 -4.86 -22.40
CA ASN J 42 -25.90 -4.84 -22.47
C ASN J 42 -27.18 -4.25 -21.96
C ASN J 42 -27.21 -4.23 -21.99
N SER J 43 -27.13 -3.24 -21.10
CA SER J 43 -28.35 -2.63 -20.59
C SER J 43 -29.06 -1.82 -21.68
N ILE J 44 -28.30 -1.02 -22.43
CA ILE J 44 -28.89 -0.19 -23.49
C ILE J 44 -29.49 -1.06 -24.57
N VAL J 45 -28.74 -2.09 -25.01
CA VAL J 45 -29.28 -3.01 -26.02
C VAL J 45 -30.56 -3.67 -25.53
N SER J 46 -30.58 -4.13 -24.27
CA SER J 46 -31.77 -4.79 -23.75
C SER J 46 -32.97 -3.83 -23.71
N GLN J 47 -32.73 -2.56 -23.35
CA GLN J 47 -33.80 -1.57 -23.35
C GLN J 47 -34.31 -1.30 -24.76
N LEU J 48 -33.41 -1.20 -25.74
CA LEU J 48 -33.85 -1.00 -27.13
C LEU J 48 -34.71 -2.17 -27.60
N LEU J 49 -34.26 -3.41 -27.31
CA LEU J 49 -35.01 -4.59 -27.75
C LEU J 49 -36.36 -4.66 -27.06
N PHE J 50 -36.41 -4.33 -25.78
CA PHE J 50 -37.68 -4.31 -25.05
C PHE J 50 -38.63 -3.27 -25.66
N LEU J 51 -38.12 -2.06 -25.95
CA LEU J 51 -38.99 -1.01 -26.47
C LEU J 51 -39.54 -1.37 -27.85
N GLN J 52 -38.72 -1.99 -28.71
CA GLN J 52 -39.22 -2.45 -30.00
C GLN J 52 -40.32 -3.50 -29.83
N ALA J 53 -40.14 -4.39 -28.87
CA ALA J 53 -41.14 -5.41 -28.61
C ALA J 53 -42.45 -4.80 -28.11
N GLN J 54 -42.36 -3.72 -27.33
CA GLN J 54 -43.57 -3.03 -26.87
C GLN J 54 -44.28 -2.37 -28.03
N ASP J 55 -43.53 -1.76 -28.94
CA ASP J 55 -44.16 -1.04 -30.05
C ASP J 55 -43.10 -0.86 -31.14
N SER J 56 -43.32 -1.49 -32.30
CA SER J 56 -42.26 -1.44 -33.30
C SER J 56 -42.32 -0.19 -34.17
N GLU J 57 -43.32 0.68 -33.99
CA GLU J 57 -43.51 1.89 -34.80
C GLU J 57 -43.11 3.18 -34.07
N LYS J 58 -43.27 3.25 -32.74
CA LYS J 58 -43.06 4.51 -32.02
C LYS J 58 -41.58 4.84 -31.86
N ASP J 59 -41.26 6.13 -31.97
CA ASP J 59 -39.87 6.55 -31.78
C ASP J 59 -39.38 6.22 -30.37
N ILE J 60 -38.07 6.08 -30.28
CA ILE J 60 -37.30 5.92 -29.05
C ILE J 60 -36.39 7.14 -28.94
N TYR J 61 -36.15 7.59 -27.71
CA TYR J 61 -35.32 8.76 -27.43
C TYR J 61 -34.13 8.32 -26.62
N LEU J 62 -32.92 8.52 -27.14
CA LEU J 62 -31.66 8.14 -26.47
C LEU J 62 -30.93 9.42 -26.10
N TYR J 63 -30.92 9.75 -24.81
CA TYR J 63 -30.14 10.86 -24.33
C TYR J 63 -28.72 10.38 -24.12
N ILE J 64 -27.77 11.21 -24.51
CA ILE J 64 -26.36 10.86 -24.48
C ILE J 64 -25.61 11.94 -23.73
N ASN J 65 -24.99 11.56 -22.60
CA ASN J 65 -24.02 12.38 -21.90
C ASN J 65 -22.93 11.39 -21.52
N SER J 66 -21.92 11.27 -22.38
CA SER J 66 -20.95 10.19 -22.21
C SER J 66 -19.57 10.61 -22.67
N PRO J 67 -18.53 10.26 -21.91
CA PRO J 67 -17.17 10.51 -22.36
C PRO J 67 -16.68 9.50 -23.38
N GLY J 68 -17.48 8.51 -23.73
CA GLY J 68 -17.05 7.48 -24.67
C GLY J 68 -16.78 6.15 -23.98
N GLY J 69 -15.94 5.36 -24.60
CA GLY J 69 -15.63 4.09 -23.99
C GLY J 69 -15.23 3.06 -25.04
N SER J 70 -15.58 1.81 -24.78
CA SER J 70 -15.14 0.69 -25.60
C SER J 70 -15.74 0.77 -26.99
N VAL J 71 -14.91 0.56 -28.02
CA VAL J 71 -15.43 0.61 -29.39
C VAL J 71 -16.39 -0.56 -29.65
N THR J 72 -16.04 -1.77 -29.19
CA THR J 72 -16.93 -2.91 -29.48
C THR J 72 -18.25 -2.79 -28.72
N ALA J 73 -18.18 -2.30 -27.47
CA ALA J 73 -19.40 -2.04 -26.73
C ALA J 73 -20.24 -0.97 -27.43
N GLY J 74 -19.60 0.07 -27.95
CA GLY J 74 -20.34 1.07 -28.71
C GLY J 74 -20.98 0.49 -29.96
N PHE J 75 -20.29 -0.45 -30.63
CA PHE J 75 -20.90 -1.04 -31.81
C PHE J 75 -22.03 -1.99 -31.47
N ALA J 76 -22.04 -2.58 -30.29
CA ALA J 76 -23.22 -3.34 -29.87
C ALA J 76 -24.45 -2.44 -29.88
N ILE J 77 -24.29 -1.23 -29.34
CA ILE J 77 -25.39 -0.27 -29.33
C ILE J 77 -25.68 0.22 -30.74
N TYR J 78 -24.63 0.59 -31.47
CA TYR J 78 -24.80 1.11 -32.83
C TYR J 78 -25.59 0.14 -33.72
N ASP J 79 -25.18 -1.14 -33.75
CA ASP J 79 -25.83 -2.10 -34.64
C ASP J 79 -27.25 -2.39 -34.20
N THR J 80 -27.52 -2.38 -32.90
CA THR J 80 -28.89 -2.56 -32.42
C THR J 80 -29.78 -1.38 -32.82
N ILE J 81 -29.26 -0.15 -32.71
CA ILE J 81 -30.03 1.00 -33.20
C ILE J 81 -30.40 0.82 -34.66
N GLN J 82 -29.44 0.38 -35.49
CA GLN J 82 -29.73 0.26 -36.92
C GLN J 82 -30.61 -0.95 -37.21
N HIS J 83 -30.56 -1.97 -36.36
CA HIS J 83 -31.30 -3.19 -36.65
C HIS J 83 -32.78 -3.02 -36.34
N ILE J 84 -33.12 -2.32 -35.25
CA ILE J 84 -34.52 -2.32 -34.83
C ILE J 84 -35.35 -1.42 -35.75
N LYS J 85 -36.65 -1.67 -35.73
CA LYS J 85 -37.58 -0.94 -36.60
C LYS J 85 -37.83 0.50 -36.16
N PRO J 86 -38.09 0.81 -34.89
CA PRO J 86 -38.34 2.22 -34.51
C PRO J 86 -37.15 3.12 -34.82
N ASP J 87 -37.47 4.37 -35.20
CA ASP J 87 -36.43 5.41 -35.25
C ASP J 87 -35.91 5.68 -33.85
N VAL J 88 -34.59 5.78 -33.70
CA VAL J 88 -34.00 6.14 -32.42
C VAL J 88 -33.48 7.56 -32.52
N GLN J 89 -34.14 8.49 -31.84
CA GLN J 89 -33.67 9.87 -31.79
C GLN J 89 -32.51 9.94 -30.82
N THR J 90 -31.50 10.73 -31.16
CA THR J 90 -30.37 10.92 -30.25
C THR J 90 -30.31 12.39 -29.82
N ILE J 91 -30.08 12.63 -28.54
CA ILE J 91 -30.10 13.98 -27.98
C ILE J 91 -28.89 14.12 -27.09
N CYS J 92 -27.96 14.98 -27.48
CA CYS J 92 -26.75 15.20 -26.69
C CYS J 92 -26.99 16.29 -25.66
N ILE J 93 -26.76 15.96 -24.39
CA ILE J 93 -26.78 16.92 -23.29
C ILE J 93 -25.42 16.83 -22.60
N GLY J 94 -24.84 17.97 -22.28
CA GLY J 94 -23.54 17.97 -21.61
C GLY J 94 -22.39 17.73 -22.57
N MET J 95 -22.06 16.47 -22.81
CA MET J 95 -20.93 16.17 -23.68
C MET J 95 -21.18 14.82 -24.34
N ALA J 96 -20.79 14.71 -25.61
CA ALA J 96 -20.77 13.43 -26.32
C ALA J 96 -19.36 13.35 -26.88
N ALA J 97 -18.50 12.55 -26.24
CA ALA J 97 -17.11 12.48 -26.67
C ALA J 97 -16.80 11.08 -27.15
N SER J 98 -15.93 11.00 -28.16
CA SER J 98 -15.37 9.73 -28.58
C SER J 98 -16.51 8.80 -29.01
N MET J 99 -16.62 7.60 -28.45
CA MET J 99 -17.67 6.69 -28.90
C MET J 99 -19.04 7.27 -28.61
N GLY J 100 -19.12 8.19 -27.65
CA GLY J 100 -20.37 8.91 -27.42
C GLY J 100 -20.77 9.80 -28.58
N SER J 101 -19.80 10.48 -29.21
CA SER J 101 -20.18 11.30 -30.37
C SER J 101 -20.49 10.43 -31.58
N PHE J 102 -19.84 9.27 -31.68
CA PHE J 102 -20.17 8.30 -32.71
C PHE J 102 -21.61 7.79 -32.58
N LEU J 103 -22.05 7.47 -31.36
CA LEU J 103 -23.45 7.04 -31.20
C LEU J 103 -24.42 8.20 -31.44
N LEU J 104 -24.05 9.42 -31.07
CA LEU J 104 -24.90 10.58 -31.36
C LEU J 104 -25.19 10.68 -32.84
N ALA J 105 -24.15 10.51 -33.66
CA ALA J 105 -24.26 10.57 -35.12
C ALA J 105 -25.04 9.41 -35.69
N ALA J 106 -25.26 8.35 -34.89
CA ALA J 106 -25.93 7.14 -35.34
C ALA J 106 -27.45 7.22 -35.26
N GLY J 107 -27.98 8.28 -34.68
CA GLY J 107 -29.43 8.40 -34.56
C GLY J 107 -30.09 8.51 -35.91
N ALA J 108 -31.41 8.35 -35.89
CA ALA J 108 -32.21 8.45 -37.11
C ALA J 108 -31.96 9.78 -37.82
N LYS J 109 -31.70 9.72 -39.13
CA LYS J 109 -31.39 10.96 -39.83
C LYS J 109 -32.58 11.92 -39.74
N GLY J 110 -32.28 13.18 -39.41
CA GLY J 110 -33.28 14.16 -39.10
C GLY J 110 -33.65 14.24 -37.64
N LYS J 111 -33.22 13.28 -36.82
CA LYS J 111 -33.63 13.20 -35.42
C LYS J 111 -32.42 13.09 -34.51
N ARG J 112 -31.32 13.75 -34.90
CA ARG J 112 -30.12 13.82 -34.07
C ARG J 112 -29.98 15.26 -33.61
N PHE J 113 -29.93 15.46 -32.29
CA PHE J 113 -30.01 16.78 -31.67
C PHE J 113 -28.91 16.96 -30.64
N ALA J 114 -28.57 18.21 -30.40
CA ALA J 114 -27.77 18.59 -29.24
C ALA J 114 -28.35 19.87 -28.68
N LEU J 115 -28.28 20.01 -27.36
CA LEU J 115 -28.68 21.25 -26.71
C LEU J 115 -27.60 22.30 -26.94
N PRO J 116 -27.96 23.59 -26.80
CA PRO J 116 -27.08 24.66 -27.34
C PRO J 116 -25.69 24.70 -26.74
N ASN J 117 -25.54 24.36 -25.47
CA ASN J 117 -24.25 24.41 -24.82
C ASN J 117 -23.63 23.02 -24.65
N ALA J 118 -24.20 22.01 -25.30
CA ALA J 118 -23.60 20.67 -25.26
C ALA J 118 -22.30 20.66 -26.06
N GLU J 119 -21.38 19.80 -25.65
CA GLU J 119 -20.12 19.69 -26.35
C GLU J 119 -20.01 18.36 -27.06
N VAL J 120 -19.33 18.36 -28.18
CA VAL J 120 -19.09 17.15 -28.94
C VAL J 120 -17.59 17.08 -29.16
N MET J 121 -17.00 15.91 -28.96
CA MET J 121 -15.59 15.76 -29.21
C MET J 121 -15.36 14.50 -30.04
N ILE J 122 -14.51 14.64 -31.06
CA ILE J 122 -14.13 13.48 -31.88
C ILE J 122 -12.60 13.32 -31.85
N HIS J 123 -12.16 12.07 -31.89
CA HIS J 123 -10.73 11.79 -31.98
C HIS J 123 -10.54 10.34 -32.43
N GLN J 124 -9.28 9.94 -32.63
CA GLN J 124 -9.03 8.59 -33.10
C GLN J 124 -8.99 7.63 -31.92
N PRO J 125 -9.15 6.32 -32.16
CA PRO J 125 -9.16 5.34 -31.07
C PRO J 125 -7.82 5.22 -30.35
N LEU J 126 -7.92 4.77 -29.10
CA LEU J 126 -6.77 4.59 -28.23
C LEU J 126 -6.71 3.13 -27.79
N GLY J 127 -5.52 2.65 -27.51
CA GLY J 127 -5.40 1.28 -27.09
C GLY J 127 -4.01 0.99 -26.59
N GLY J 128 -3.70 -0.29 -26.52
CA GLY J 128 -2.41 -0.69 -26.03
C GLY J 128 -2.02 -2.02 -26.65
N ALA J 129 -0.74 -2.30 -26.57
CA ALA J 129 -0.20 -3.54 -27.10
C ALA J 129 1.04 -3.84 -26.29
N GLN J 130 1.20 -5.11 -25.92
CA GLN J 130 2.33 -5.53 -25.12
C GLN J 130 2.70 -6.94 -25.54
N GLY J 131 3.99 -7.23 -25.61
CA GLY J 131 4.41 -8.58 -25.90
C GLY J 131 5.43 -8.64 -27.00
N GLN J 132 5.45 -9.75 -27.70
CA GLN J 132 6.40 -9.92 -28.78
C GLN J 132 6.11 -8.97 -29.93
N ALA J 133 7.15 -8.69 -30.71
CA ALA J 133 6.96 -7.84 -31.89
C ALA J 133 5.80 -8.32 -32.77
N THR J 134 5.70 -9.63 -33.01
CA THR J 134 4.59 -10.12 -33.84
C THR J 134 3.23 -9.84 -33.18
N GLU J 135 3.14 -9.90 -31.86
CA GLU J 135 1.89 -9.58 -31.17
C GLU J 135 1.58 -8.09 -31.25
N ILE J 136 2.62 -7.25 -31.15
CA ILE J 136 2.39 -5.81 -31.27
C ILE J 136 1.87 -5.49 -32.67
N GLU J 137 2.42 -6.16 -33.68
CA GLU J 137 1.97 -5.96 -35.06
C GLU J 137 0.51 -6.34 -35.21
N ILE J 138 0.11 -7.47 -34.63
CA ILE J 138 -1.31 -7.88 -34.70
C ILE J 138 -2.21 -6.84 -34.05
N ALA J 139 -1.82 -6.34 -32.87
CA ALA J 139 -2.64 -5.35 -32.18
C ALA J 139 -2.68 -4.03 -32.95
N ALA J 140 -1.55 -3.63 -33.53
CA ALA J 140 -1.51 -2.39 -34.31
C ALA J 140 -2.41 -2.51 -35.53
N ASN J 141 -2.32 -3.64 -36.24
CA ASN J 141 -3.18 -3.83 -37.40
C ASN J 141 -4.65 -3.80 -37.01
N HIS J 142 -4.99 -4.38 -35.86
CA HIS J 142 -6.39 -4.42 -35.42
C HIS J 142 -6.91 -3.02 -35.08
N ILE J 143 -6.11 -2.21 -34.38
CA ILE J 143 -6.62 -0.88 -34.02
C ILE J 143 -6.70 0.02 -35.25
N LEU J 144 -5.79 -0.17 -36.22
CA LEU J 144 -5.85 0.63 -37.46
C LEU J 144 -7.05 0.25 -38.30
N LYS J 145 -7.37 -1.05 -38.35
CA LYS J 145 -8.55 -1.50 -39.09
C LYS J 145 -9.82 -0.99 -38.41
N THR J 146 -9.81 -0.97 -37.08
CA THR J 146 -10.93 -0.43 -36.32
C THR J 146 -11.11 1.05 -36.62
N ARG J 147 -10.00 1.80 -36.70
CA ARG J 147 -10.11 3.22 -37.04
C ARG J 147 -10.69 3.42 -38.43
N GLU J 148 -10.24 2.63 -39.41
CA GLU J 148 -10.79 2.73 -40.76
C GLU J 148 -12.29 2.45 -40.77
N LYS J 149 -12.75 1.47 -39.97
CA LYS J 149 -14.17 1.14 -39.91
C LYS J 149 -14.98 2.30 -39.32
N LEU J 150 -14.50 2.86 -38.21
CA LEU J 150 -15.18 4.00 -37.61
C LEU J 150 -15.24 5.18 -38.57
N ASN J 151 -14.15 5.45 -39.26
CA ASN J 151 -14.10 6.59 -40.18
C ASN J 151 -15.06 6.41 -41.34
N ARG J 152 -15.12 5.19 -41.89
CA ARG J 152 -16.03 4.94 -43.00
C ARG J 152 -17.48 5.16 -42.59
N ILE J 153 -17.87 4.65 -41.42
CA ILE J 153 -19.25 4.82 -40.98
C ILE J 153 -19.53 6.27 -40.67
N LEU J 154 -18.61 6.93 -39.97
CA LEU J 154 -18.80 8.34 -39.67
C LEU J 154 -18.89 9.18 -40.95
N SER J 155 -18.12 8.81 -41.97
CA SER J 155 -18.25 9.48 -43.27
C SER J 155 -19.66 9.33 -43.84
N GLU J 156 -20.20 8.11 -43.79
CA GLU J 156 -21.55 7.85 -44.25
C GLU J 156 -22.59 8.63 -43.44
N ARG J 157 -22.38 8.74 -42.13
CA ARG J 157 -23.38 9.37 -41.26
C ARG J 157 -23.31 10.90 -41.28
N THR J 158 -22.16 11.48 -41.62
CA THR J 158 -22.00 12.92 -41.61
C THR J 158 -21.96 13.55 -42.99
N GLY J 159 -21.61 12.81 -44.04
CA GLY J 159 -21.36 13.43 -45.32
C GLY J 159 -19.96 13.98 -45.52
N GLN J 160 -19.10 13.91 -44.50
CA GLN J 160 -17.71 14.32 -44.63
C GLN J 160 -16.93 13.20 -45.32
N SER J 161 -15.88 13.57 -46.05
CA SER J 161 -15.04 12.55 -46.67
C SER J 161 -14.27 11.79 -45.59
N ILE J 162 -13.87 10.56 -45.92
CA ILE J 162 -13.03 9.77 -45.03
C ILE J 162 -11.72 10.48 -44.75
N GLU J 163 -11.18 11.15 -45.78
CA GLU J 163 -9.92 11.89 -45.63
C GLU J 163 -10.05 13.01 -44.61
N LYS J 164 -11.17 13.74 -44.66
CA LYS J 164 -11.38 14.83 -43.71
C LYS J 164 -11.58 14.31 -42.30
N ILE J 165 -12.34 13.22 -42.14
CA ILE J 165 -12.53 12.62 -40.82
C ILE J 165 -11.20 12.22 -40.25
N GLN J 166 -10.36 11.55 -41.06
CA GLN J 166 -9.05 11.12 -40.61
C GLN J 166 -8.23 12.31 -40.11
N GLN J 167 -8.23 13.38 -40.89
CA GLN J 167 -7.50 14.60 -40.54
C GLN J 167 -8.06 15.22 -39.27
N ASP J 168 -9.40 15.27 -39.15
CA ASP J 168 -9.99 15.97 -38.03
C ASP J 168 -9.98 15.17 -36.75
N THR J 169 -9.61 13.89 -36.79
CA THR J 169 -9.58 13.07 -35.57
C THR J 169 -8.17 12.71 -35.18
N ASP J 170 -7.17 13.27 -35.88
CA ASP J 170 -5.76 12.95 -35.56
C ASP J 170 -5.45 13.31 -34.11
N ARG J 171 -6.03 14.41 -33.62
CA ARG J 171 -5.91 14.81 -32.23
C ARG J 171 -7.32 15.12 -31.72
N ASP J 172 -7.44 15.33 -30.41
CA ASP J 172 -8.74 15.72 -29.83
C ASP J 172 -9.31 16.94 -30.56
N ASN J 173 -10.57 16.84 -30.98
CA ASN J 173 -11.21 17.90 -31.74
C ASN J 173 -12.52 18.23 -31.07
N PHE J 174 -12.57 19.38 -30.38
CA PHE J 174 -13.77 19.79 -29.64
C PHE J 174 -14.65 20.66 -30.53
N LEU J 175 -15.94 20.34 -30.55
CA LEU J 175 -16.94 21.04 -31.36
C LEU J 175 -18.08 21.55 -30.48
N THR J 176 -18.53 22.77 -30.76
CA THR J 176 -19.79 23.26 -30.21
C THR J 176 -20.96 22.53 -30.87
N ALA J 177 -22.15 22.71 -30.28
CA ALA J 177 -23.35 22.12 -30.87
C ALA J 177 -23.56 22.66 -32.28
N ALA J 178 -23.35 23.98 -32.46
CA ALA J 178 -23.51 24.58 -33.78
C ALA J 178 -22.49 24.01 -34.77
N GLU J 179 -21.24 23.82 -34.32
CA GLU J 179 -20.24 23.23 -35.20
C GLU J 179 -20.53 21.77 -35.49
N ALA J 180 -21.10 21.05 -34.52
CA ALA J 180 -21.47 19.66 -34.79
C ALA J 180 -22.57 19.58 -35.82
N LYS J 181 -23.48 20.55 -35.83
CA LYS J 181 -24.50 20.56 -36.87
C LYS J 181 -23.88 20.78 -38.23
N GLU J 182 -22.97 21.78 -38.33
CA GLU J 182 -22.30 22.05 -39.59
C GLU J 182 -21.47 20.85 -40.03
N TYR J 183 -20.88 20.12 -39.06
CA TYR J 183 -20.09 18.95 -39.40
C TYR J 183 -20.98 17.79 -39.88
N GLY J 184 -22.25 17.75 -39.51
CA GLY J 184 -23.10 16.64 -39.89
C GLY J 184 -23.27 15.58 -38.84
N LEU J 185 -22.75 15.81 -37.62
CA LEU J 185 -22.90 14.86 -36.52
C LEU J 185 -24.31 14.85 -35.94
N ILE J 186 -24.99 16.00 -36.00
CA ILE J 186 -26.38 16.17 -35.62
C ILE J 186 -27.08 16.92 -36.74
N ASP J 187 -28.41 16.90 -36.66
CA ASP J 187 -29.25 17.57 -37.62
C ASP J 187 -29.73 18.93 -37.15
N GLU J 188 -29.91 19.12 -35.85
CA GLU J 188 -30.44 20.38 -35.36
C GLU J 188 -29.90 20.61 -33.97
N VAL J 189 -29.66 21.87 -33.65
CA VAL J 189 -29.50 22.30 -32.26
C VAL J 189 -30.89 22.55 -31.70
N MET J 190 -31.23 21.86 -30.61
CA MET J 190 -32.56 22.00 -30.01
C MET J 190 -32.65 23.32 -29.24
N GLU J 191 -33.50 24.21 -29.72
CA GLU J 191 -33.66 25.47 -29.02
C GLU J 191 -34.83 25.41 -28.05
N PRO J 192 -34.84 26.29 -27.04
CA PRO J 192 -35.81 26.16 -25.94
C PRO J 192 -37.26 26.13 -26.38
N GLU J 193 -38.04 25.28 -25.71
CA GLU J 193 -39.48 25.18 -25.90
C GLU J 193 -40.24 26.05 -24.90
N ILE K 4 -29.92 -2.08 -15.34
CA ILE K 4 -30.48 -1.68 -14.06
C ILE K 4 -32.02 -1.34 -14.06
N PRO K 5 -32.63 -0.90 -15.19
CA PRO K 5 -34.04 -0.47 -15.13
C PRO K 5 -35.02 -1.61 -14.88
N THR K 6 -36.18 -1.23 -14.35
CA THR K 6 -37.26 -2.14 -13.99
C THR K 6 -38.45 -1.97 -14.93
N VAL K 7 -39.10 -3.09 -15.25
CA VAL K 7 -40.35 -3.13 -16.01
C VAL K 7 -41.40 -3.82 -15.15
N ILE K 8 -42.59 -3.23 -15.08
CA ILE K 8 -43.65 -3.76 -14.21
C ILE K 8 -44.85 -4.24 -15.04
N ALA K 17 -43.12 -6.94 -11.22
CA ALA K 17 -41.94 -6.13 -11.48
C ALA K 17 -40.73 -7.00 -11.86
N TYR K 18 -40.11 -6.67 -12.98
CA TYR K 18 -38.95 -7.37 -13.54
C TYR K 18 -37.81 -6.38 -13.75
N ASP K 19 -36.58 -6.82 -13.50
CA ASP K 19 -35.50 -6.03 -14.09
C ASP K 19 -35.46 -6.30 -15.59
N ILE K 20 -34.71 -5.47 -16.33
CA ILE K 20 -34.82 -5.54 -17.79
C ILE K 20 -34.40 -6.91 -18.30
N TYR K 21 -33.44 -7.56 -17.64
CA TYR K 21 -32.98 -8.87 -18.13
C TYR K 21 -34.01 -9.95 -17.82
N SER K 22 -34.67 -9.87 -16.66
CA SER K 22 -35.73 -10.81 -16.32
C SER K 22 -36.90 -10.68 -17.26
N ARG K 23 -37.18 -9.45 -17.69
CA ARG K 23 -38.27 -9.23 -18.63
C ARG K 23 -37.95 -9.86 -19.99
N LEU K 24 -36.70 -9.74 -20.46
CA LEU K 24 -36.31 -10.40 -21.71
C LEU K 24 -36.29 -11.92 -21.56
N LEU K 25 -35.87 -12.43 -20.41
CA LEU K 25 -35.92 -13.88 -20.18
C LEU K 25 -37.33 -14.41 -20.34
N LYS K 26 -38.34 -13.63 -19.92
CA LYS K 26 -39.74 -14.01 -20.16
C LYS K 26 -40.03 -14.27 -21.65
N ASP K 27 -39.29 -13.63 -22.56
CA ASP K 27 -39.43 -13.84 -24.00
C ASP K 27 -38.34 -14.74 -24.57
N ARG K 28 -37.69 -15.53 -23.71
CA ARG K 28 -36.71 -16.55 -24.10
C ARG K 28 -35.42 -15.96 -24.64
N ILE K 29 -35.05 -14.79 -24.15
CA ILE K 29 -33.82 -14.10 -24.54
C ILE K 29 -32.88 -14.13 -23.36
N ILE K 30 -31.65 -14.58 -23.60
CA ILE K 30 -30.59 -14.61 -22.60
C ILE K 30 -29.49 -13.67 -23.07
N MET K 31 -29.00 -12.83 -22.16
CA MET K 31 -27.98 -11.84 -22.52
C MET K 31 -26.66 -12.22 -21.84
N LEU K 32 -25.66 -12.56 -22.66
CA LEU K 32 -24.29 -12.75 -22.18
C LEU K 32 -23.53 -11.48 -22.54
N GLY K 33 -23.13 -10.73 -21.53
CA GLY K 33 -22.53 -9.46 -21.81
C GLY K 33 -21.34 -9.19 -20.91
N SER K 34 -20.53 -10.22 -20.68
CA SER K 34 -19.46 -10.14 -19.71
C SER K 34 -18.46 -11.23 -20.01
N GLN K 35 -17.35 -11.21 -19.28
CA GLN K 35 -16.44 -12.33 -19.28
C GLN K 35 -17.19 -13.56 -18.76
N ILE K 36 -16.70 -14.73 -19.14
CA ILE K 36 -17.35 -15.99 -18.75
C ILE K 36 -16.57 -16.57 -17.59
N ASP K 37 -17.19 -16.63 -16.41
CA ASP K 37 -16.59 -17.30 -15.26
C ASP K 37 -17.62 -18.29 -14.71
N ASP K 38 -17.28 -19.00 -13.64
CA ASP K 38 -18.21 -20.00 -13.13
C ASP K 38 -19.55 -19.38 -12.75
N ASN K 39 -19.53 -18.17 -12.17
CA ASN K 39 -20.78 -17.52 -11.77
C ASN K 39 -21.67 -17.21 -12.96
N VAL K 40 -21.10 -16.60 -14.01
CA VAL K 40 -21.84 -16.34 -15.24
C VAL K 40 -22.37 -17.63 -15.84
N ALA K 41 -21.54 -18.67 -15.91
CA ALA K 41 -21.99 -19.93 -16.47
C ALA K 41 -23.12 -20.55 -15.64
N ASN K 42 -23.01 -20.47 -14.31
N ASN K 42 -23.04 -20.48 -14.32
CA ASN K 42 -24.08 -21.00 -13.44
CA ASN K 42 -24.13 -21.05 -13.53
C ASN K 42 -25.39 -20.31 -13.75
C ASN K 42 -25.42 -20.32 -13.82
N SER K 43 -25.34 -18.99 -14.00
CA SER K 43 -26.55 -18.23 -14.27
C SER K 43 -27.10 -18.57 -15.65
N ILE K 44 -26.23 -18.65 -16.66
CA ILE K 44 -26.71 -18.93 -18.00
C ILE K 44 -27.22 -20.36 -18.11
N VAL K 45 -26.53 -21.32 -17.49
CA VAL K 45 -27.05 -22.69 -17.46
C VAL K 45 -28.42 -22.73 -16.80
N SER K 46 -28.57 -22.02 -15.67
CA SER K 46 -29.84 -22.04 -14.96
C SER K 46 -30.95 -21.45 -15.83
N GLN K 47 -30.64 -20.37 -16.57
CA GLN K 47 -31.65 -19.78 -17.46
C GLN K 47 -32.04 -20.73 -18.58
N LEU K 48 -31.06 -21.43 -19.16
CA LEU K 48 -31.34 -22.38 -20.23
C LEU K 48 -32.20 -23.53 -19.72
N LEU K 49 -31.90 -24.05 -18.53
CA LEU K 49 -32.72 -25.10 -17.95
C LEU K 49 -34.14 -24.60 -17.69
N PHE K 50 -34.26 -23.39 -17.14
CA PHE K 50 -35.57 -22.82 -16.87
C PHE K 50 -36.39 -22.65 -18.15
N LEU K 51 -35.74 -22.17 -19.22
CA LEU K 51 -36.50 -21.94 -20.46
C LEU K 51 -36.94 -23.24 -21.08
N GLN K 52 -36.11 -24.27 -21.05
CA GLN K 52 -36.56 -25.58 -21.52
C GLN K 52 -37.74 -26.09 -20.69
N ALA K 53 -37.71 -25.86 -19.37
CA ALA K 53 -38.85 -26.24 -18.52
C ALA K 53 -40.10 -25.43 -18.87
N GLN K 54 -39.94 -24.15 -19.22
CA GLN K 54 -41.11 -23.35 -19.55
C GLN K 54 -41.71 -23.75 -20.88
N ASP K 55 -40.89 -24.14 -21.85
CA ASP K 55 -41.37 -24.60 -23.17
C ASP K 55 -40.22 -25.34 -23.84
N SER K 56 -40.43 -26.61 -24.16
CA SER K 56 -39.34 -27.41 -24.71
C SER K 56 -39.22 -27.33 -26.22
N GLU K 57 -40.15 -26.65 -26.89
CA GLU K 57 -40.16 -26.57 -28.36
C GLU K 57 -39.62 -25.26 -28.88
N LYS K 58 -39.91 -24.15 -28.21
CA LYS K 58 -39.66 -22.83 -28.76
C LYS K 58 -38.18 -22.49 -28.72
N ASP K 59 -37.73 -21.78 -29.73
CA ASP K 59 -36.33 -21.35 -29.76
C ASP K 59 -35.99 -20.47 -28.56
N ILE K 60 -34.70 -20.48 -28.23
CA ILE K 60 -34.06 -19.59 -27.27
C ILE K 60 -33.10 -18.69 -28.02
N TYR K 61 -32.96 -17.45 -27.55
CA TYR K 61 -32.05 -16.48 -28.21
C TYR K 61 -30.97 -16.08 -27.22
N LEU K 62 -29.71 -16.37 -27.57
CA LEU K 62 -28.55 -16.07 -26.72
C LEU K 62 -27.72 -14.96 -27.39
N TYR K 63 -27.84 -13.74 -26.88
CA TYR K 63 -27.00 -12.64 -27.36
C TYR K 63 -25.64 -12.75 -26.71
N ILE K 64 -24.58 -12.53 -27.50
CA ILE K 64 -23.22 -12.72 -27.01
C ILE K 64 -22.41 -11.46 -27.27
N ASN K 65 -21.96 -10.81 -26.19
CA ASN K 65 -20.97 -9.74 -26.28
C ASN K 65 -19.96 -10.06 -25.17
N SER K 66 -18.90 -10.77 -25.51
CA SER K 66 -18.04 -11.31 -24.43
C SER K 66 -16.59 -11.38 -24.86
N PRO K 67 -15.66 -11.01 -23.97
CA PRO K 67 -14.24 -11.16 -24.24
C PRO K 67 -13.74 -12.58 -24.04
N GLY K 68 -14.58 -13.48 -23.56
CA GLY K 68 -14.15 -14.85 -23.32
C GLY K 68 -14.05 -15.12 -21.84
N GLY K 69 -13.19 -16.06 -21.46
CA GLY K 69 -13.08 -16.38 -20.05
C GLY K 69 -12.71 -17.84 -19.88
N SER K 70 -13.22 -18.42 -18.80
CA SER K 70 -12.79 -19.75 -18.40
C SER K 70 -13.26 -20.81 -19.39
N VAL K 71 -12.36 -21.71 -19.81
CA VAL K 71 -12.77 -22.75 -20.73
C VAL K 71 -13.78 -23.70 -20.09
N THR K 72 -13.58 -24.11 -18.83
CA THR K 72 -14.52 -25.07 -18.25
C THR K 72 -15.87 -24.42 -18.01
N ALA K 73 -15.87 -23.13 -17.61
CA ALA K 73 -17.14 -22.42 -17.48
C ALA K 73 -17.83 -22.31 -18.83
N GLY K 74 -17.08 -22.03 -19.89
CA GLY K 74 -17.67 -22.01 -21.22
C GLY K 74 -18.24 -23.37 -21.61
N PHE K 75 -17.58 -24.46 -21.19
CA PHE K 75 -18.10 -25.78 -21.57
C PHE K 75 -19.34 -26.16 -20.78
N ALA K 76 -19.51 -25.64 -19.56
CA ALA K 76 -20.79 -25.82 -18.87
C ALA K 76 -21.92 -25.25 -19.70
N ILE K 77 -21.70 -24.07 -20.27
CA ILE K 77 -22.71 -23.47 -21.16
C ILE K 77 -22.84 -24.30 -22.43
N TYR K 78 -21.71 -24.64 -23.04
CA TYR K 78 -21.73 -25.33 -24.32
C TYR K 78 -22.52 -26.65 -24.23
N ASP K 79 -22.17 -27.47 -23.24
CA ASP K 79 -22.85 -28.75 -23.12
C ASP K 79 -24.32 -28.57 -22.80
N THR K 80 -24.69 -27.51 -22.05
CA THR K 80 -26.10 -27.32 -21.74
C THR K 80 -26.89 -26.96 -23.01
N ILE K 81 -26.31 -26.10 -23.87
CA ILE K 81 -26.94 -25.78 -25.15
C ILE K 81 -27.18 -27.05 -25.98
N GLN K 82 -26.16 -27.91 -26.07
CA GLN K 82 -26.33 -29.13 -26.86
C GLN K 82 -27.28 -30.12 -26.20
N HIS K 83 -27.42 -30.08 -24.88
CA HIS K 83 -28.20 -31.10 -24.18
C HIS K 83 -29.70 -30.84 -24.31
N ILE K 84 -30.11 -29.56 -24.18
CA ILE K 84 -31.53 -29.25 -24.05
C ILE K 84 -32.22 -29.39 -25.40
N LYS K 85 -33.53 -29.59 -25.35
CA LYS K 85 -34.27 -29.79 -26.59
C LYS K 85 -34.43 -28.52 -27.45
N PRO K 86 -34.74 -27.34 -26.90
CA PRO K 86 -34.89 -26.14 -27.75
C PRO K 86 -33.62 -25.79 -28.55
N ASP K 87 -33.83 -25.29 -29.78
CA ASP K 87 -32.74 -24.66 -30.52
C ASP K 87 -32.31 -23.36 -29.83
N VAL K 88 -31.00 -23.19 -29.63
CA VAL K 88 -30.43 -21.96 -29.08
C VAL K 88 -29.83 -21.17 -30.24
N GLN K 89 -30.48 -20.07 -30.61
CA GLN K 89 -29.92 -19.12 -31.56
C GLN K 89 -28.85 -18.31 -30.86
N THR K 90 -27.74 -18.07 -31.54
CA THR K 90 -26.69 -17.21 -31.01
C THR K 90 -26.55 -15.97 -31.89
N ILE K 91 -26.44 -14.82 -31.24
CA ILE K 91 -26.36 -13.53 -31.93
C ILE K 91 -25.19 -12.74 -31.35
N CYS K 92 -24.14 -12.55 -32.15
CA CYS K 92 -23.01 -11.73 -31.72
C CYS K 92 -23.31 -10.25 -31.93
N ILE K 93 -23.23 -9.47 -30.85
CA ILE K 93 -23.23 -8.01 -30.91
C ILE K 93 -21.95 -7.52 -30.25
N GLY K 94 -21.31 -6.49 -30.82
CA GLY K 94 -20.07 -6.00 -30.24
C GLY K 94 -18.87 -6.88 -30.58
N MET K 95 -18.59 -7.87 -29.73
CA MET K 95 -17.42 -8.73 -29.91
C MET K 95 -17.72 -10.10 -29.30
N ALA K 96 -17.27 -11.16 -29.96
CA ALA K 96 -17.28 -12.50 -29.38
C ALA K 96 -15.85 -12.99 -29.54
N ALA K 97 -15.09 -12.99 -28.44
CA ALA K 97 -13.68 -13.32 -28.49
C ALA K 97 -13.44 -14.54 -27.63
N SER K 98 -12.50 -15.38 -28.07
CA SER K 98 -12.00 -16.47 -27.25
C SER K 98 -13.18 -17.38 -26.94
N MET K 99 -13.46 -17.70 -25.67
CA MET K 99 -14.56 -18.61 -25.42
C MET K 99 -15.89 -18.02 -25.86
N GLY K 100 -15.96 -16.69 -26.00
CA GLY K 100 -17.17 -16.08 -26.54
C GLY K 100 -17.42 -16.46 -27.99
N SER K 101 -16.34 -16.52 -28.79
CA SER K 101 -16.57 -16.97 -30.18
C SER K 101 -16.80 -18.47 -30.26
N PHE K 102 -16.23 -19.25 -29.35
CA PHE K 102 -16.55 -20.67 -29.29
C PHE K 102 -18.03 -20.90 -29.02
N LEU K 103 -18.63 -20.11 -28.13
CA LEU K 103 -20.05 -20.26 -27.82
C LEU K 103 -20.94 -19.76 -28.97
N LEU K 104 -20.56 -18.66 -29.62
CA LEU K 104 -21.26 -18.21 -30.82
C LEU K 104 -21.36 -19.32 -31.85
N ALA K 105 -20.24 -20.01 -32.09
CA ALA K 105 -20.23 -21.11 -33.05
C ALA K 105 -21.05 -22.31 -32.61
N ALA K 106 -21.42 -22.38 -31.35
CA ALA K 106 -22.13 -23.50 -30.74
C ALA K 106 -23.65 -23.39 -30.86
N GLY K 107 -24.17 -22.27 -31.37
CA GLY K 107 -25.61 -22.17 -31.58
C GLY K 107 -26.12 -23.16 -32.61
N ALA K 108 -27.45 -23.28 -32.64
CA ALA K 108 -28.12 -24.21 -33.55
C ALA K 108 -27.72 -23.92 -35.00
N LYS K 109 -27.40 -24.96 -35.75
CA LYS K 109 -26.90 -24.73 -37.11
C LYS K 109 -27.97 -24.04 -37.96
N GLY K 110 -27.56 -23.03 -38.72
CA GLY K 110 -28.45 -22.14 -39.42
C GLY K 110 -28.98 -20.99 -38.60
N LYS K 111 -28.71 -20.95 -37.30
CA LYS K 111 -29.27 -19.94 -36.42
C LYS K 111 -28.17 -19.25 -35.62
N ARG K 112 -26.97 -19.15 -36.21
CA ARG K 112 -25.84 -18.43 -35.64
C ARG K 112 -25.66 -17.12 -36.43
N PHE K 113 -25.69 -16.00 -35.72
CA PHE K 113 -25.80 -14.68 -36.36
C PHE K 113 -24.77 -13.73 -35.80
N ALA K 114 -24.35 -12.76 -36.61
CA ALA K 114 -23.63 -11.61 -36.09
C ALA K 114 -24.18 -10.34 -36.71
N LEU K 115 -24.23 -9.27 -35.92
CA LEU K 115 -24.61 -7.98 -36.50
C LEU K 115 -23.45 -7.45 -37.37
N PRO K 116 -23.73 -6.51 -38.28
CA PRO K 116 -22.76 -6.21 -39.35
C PRO K 116 -21.42 -5.68 -38.86
N ASN K 117 -21.39 -4.97 -37.74
CA ASN K 117 -20.12 -4.41 -37.27
C ASN K 117 -19.59 -5.14 -36.06
N ALA K 118 -20.17 -6.29 -35.74
CA ALA K 118 -19.68 -7.12 -34.66
C ALA K 118 -18.36 -7.75 -35.08
N GLU K 119 -17.46 -7.91 -34.12
CA GLU K 119 -16.16 -8.53 -34.35
C GLU K 119 -16.13 -9.91 -33.71
N VAL K 120 -15.34 -10.82 -34.28
CA VAL K 120 -15.13 -12.14 -33.71
C VAL K 120 -13.62 -12.31 -33.61
N MET K 121 -13.13 -12.89 -32.51
CA MET K 121 -11.71 -13.16 -32.44
C MET K 121 -11.51 -14.59 -31.94
N ILE K 122 -10.65 -15.34 -32.61
CA ILE K 122 -10.30 -16.69 -32.17
C ILE K 122 -8.82 -16.73 -31.81
N HIS K 123 -8.48 -17.52 -30.80
CA HIS K 123 -7.09 -17.75 -30.46
C HIS K 123 -6.98 -18.99 -29.58
N GLN K 124 -5.75 -19.35 -29.22
CA GLN K 124 -5.53 -20.55 -28.43
C GLN K 124 -5.66 -20.27 -26.94
N PRO K 125 -5.91 -21.30 -26.13
CA PRO K 125 -6.09 -21.05 -24.69
C PRO K 125 -4.84 -20.51 -24.01
N LEU K 126 -5.07 -19.79 -22.90
CA LEU K 126 -4.03 -19.18 -22.08
C LEU K 126 -4.07 -19.80 -20.68
N GLY K 127 -2.93 -19.85 -20.02
CA GLY K 127 -2.95 -20.34 -18.66
C GLY K 127 -1.64 -20.08 -17.96
N GLY K 128 -1.48 -20.76 -16.83
CA GLY K 128 -0.25 -20.63 -16.08
C GLY K 128 0.03 -21.92 -15.34
N ALA K 129 1.28 -22.03 -14.90
CA ALA K 129 1.73 -23.21 -14.16
C ALA K 129 2.89 -22.76 -13.31
N GLN K 130 2.93 -23.22 -12.05
CA GLN K 130 4.04 -22.93 -11.18
C GLN K 130 4.28 -24.15 -10.30
N GLY K 131 5.55 -24.39 -10.00
CA GLY K 131 5.92 -25.41 -9.05
C GLY K 131 7.00 -26.29 -9.60
N GLN K 132 6.98 -27.54 -9.17
CA GLN K 132 7.98 -28.52 -9.58
C GLN K 132 7.86 -28.83 -11.07
N ALA K 133 8.97 -29.31 -11.66
CA ALA K 133 8.94 -29.69 -13.08
C ALA K 133 7.80 -30.65 -13.37
N THR K 134 7.59 -31.64 -12.49
CA THR K 134 6.53 -32.61 -12.74
C THR K 134 5.15 -31.94 -12.73
N GLU K 135 4.95 -30.93 -11.88
CA GLU K 135 3.66 -30.25 -11.85
C GLU K 135 3.48 -29.38 -13.08
N ILE K 136 4.55 -28.75 -13.55
CA ILE K 136 4.44 -27.94 -14.75
C ILE K 136 4.13 -28.82 -15.95
N GLU K 137 4.69 -30.05 -15.97
CA GLU K 137 4.39 -30.99 -17.04
C GLU K 137 2.91 -31.39 -17.02
N ILE K 138 2.37 -31.65 -15.84
CA ILE K 138 0.94 -31.98 -15.72
C ILE K 138 0.09 -30.81 -16.22
N ALA K 139 0.48 -29.58 -15.83
CA ALA K 139 -0.29 -28.41 -16.25
C ALA K 139 -0.18 -28.20 -17.76
N ALA K 140 1.01 -28.38 -18.32
CA ALA K 140 1.18 -28.25 -19.77
C ALA K 140 0.36 -29.31 -20.49
N ASN K 141 0.44 -30.56 -20.03
CA ASN K 141 -0.34 -31.59 -20.72
C ASN K 141 -1.82 -31.29 -20.67
N HIS K 142 -2.30 -30.76 -19.55
CA HIS K 142 -3.72 -30.46 -19.45
C HIS K 142 -4.13 -29.35 -20.43
N ILE K 143 -3.34 -28.26 -20.51
CA ILE K 143 -3.80 -27.18 -21.37
C ILE K 143 -3.67 -27.58 -22.84
N LEU K 144 -2.67 -28.42 -23.18
CA LEU K 144 -2.58 -28.94 -24.55
C LEU K 144 -3.75 -29.84 -24.91
N LYS K 145 -4.13 -30.76 -24.01
CA LYS K 145 -5.32 -31.57 -24.26
C LYS K 145 -6.57 -30.70 -24.38
N THR K 146 -6.66 -29.66 -23.55
CA THR K 146 -7.81 -28.77 -23.66
C THR K 146 -7.83 -28.06 -25.01
N ARG K 147 -6.67 -27.65 -25.52
CA ARG K 147 -6.63 -27.02 -26.83
C ARG K 147 -7.06 -27.99 -27.91
N GLU K 148 -6.64 -29.25 -27.81
CA GLU K 148 -7.05 -30.25 -28.79
C GLU K 148 -8.57 -30.43 -28.78
N LYS K 149 -9.15 -30.46 -27.59
CA LYS K 149 -10.60 -30.60 -27.45
C LYS K 149 -11.35 -29.43 -28.10
N LEU K 150 -10.92 -28.21 -27.78
CA LEU K 150 -11.52 -27.02 -28.39
C LEU K 150 -11.39 -27.02 -29.91
N ASN K 151 -10.23 -27.42 -30.42
CA ASN K 151 -10.02 -27.40 -31.86
C ASN K 151 -10.86 -28.46 -32.57
N ARG K 152 -11.00 -29.65 -31.94
CA ARG K 152 -11.83 -30.70 -32.54
C ARG K 152 -13.28 -30.23 -32.66
N ILE K 153 -13.80 -29.62 -31.59
CA ILE K 153 -15.18 -29.17 -31.64
C ILE K 153 -15.34 -28.02 -32.61
N LEU K 154 -14.41 -27.07 -32.59
CA LEU K 154 -14.53 -25.93 -33.52
C LEU K 154 -14.47 -26.39 -34.97
N SER K 155 -13.63 -27.38 -35.27
CA SER K 155 -13.62 -28.00 -36.60
C SER K 155 -14.98 -28.58 -36.96
N GLU K 156 -15.58 -29.35 -36.05
CA GLU K 156 -16.91 -29.90 -36.30
C GLU K 156 -17.91 -28.81 -36.58
N ARG K 157 -17.86 -27.70 -35.80
CA ARG K 157 -18.89 -26.67 -35.93
C ARG K 157 -18.63 -25.69 -37.07
N THR K 158 -17.38 -25.49 -37.49
CA THR K 158 -17.13 -24.61 -38.61
C THR K 158 -16.97 -25.31 -39.94
N GLY K 159 -16.70 -26.61 -39.93
CA GLY K 159 -16.30 -27.30 -41.14
C GLY K 159 -14.85 -27.11 -41.58
N GLN K 160 -14.04 -26.34 -40.84
CA GLN K 160 -12.61 -26.24 -41.12
C GLN K 160 -11.87 -27.44 -40.54
N SER K 161 -10.75 -27.80 -41.17
CA SER K 161 -9.94 -28.88 -40.66
C SER K 161 -9.31 -28.49 -39.33
N ILE K 162 -9.01 -29.50 -38.50
CA ILE K 162 -8.30 -29.25 -37.25
C ILE K 162 -6.97 -28.54 -37.52
N GLU K 163 -6.24 -28.96 -38.57
CA GLU K 163 -4.96 -28.33 -38.90
C GLU K 163 -5.11 -26.85 -39.20
N LYS K 164 -6.18 -26.47 -39.92
CA LYS K 164 -6.40 -25.07 -40.20
C LYS K 164 -6.77 -24.31 -38.94
N ILE K 165 -7.60 -24.93 -38.07
CA ILE K 165 -7.99 -24.27 -36.83
C ILE K 165 -6.75 -23.99 -35.99
N GLN K 166 -5.86 -24.99 -35.88
CA GLN K 166 -4.62 -24.85 -35.14
C GLN K 166 -3.79 -23.67 -35.67
N GLN K 167 -3.63 -23.59 -36.99
CA GLN K 167 -2.81 -22.53 -37.56
C GLN K 167 -3.45 -21.17 -37.35
N ASP K 168 -4.78 -21.08 -37.54
CA ASP K 168 -5.51 -19.84 -37.45
C ASP K 168 -5.71 -19.36 -36.02
N THR K 169 -5.37 -20.17 -35.00
CA THR K 169 -5.51 -19.73 -33.61
C THR K 169 -4.17 -19.61 -32.91
N ASP K 170 -3.05 -19.77 -33.64
CA ASP K 170 -1.74 -19.68 -33.00
C ASP K 170 -1.54 -18.31 -32.34
N ARG K 171 -1.97 -17.23 -33.01
CA ARG K 171 -2.00 -15.89 -32.46
C ARG K 171 -3.43 -15.36 -32.52
N ASP K 172 -3.66 -14.20 -31.89
CA ASP K 172 -4.98 -13.57 -31.99
C ASP K 172 -5.36 -13.37 -33.46
N ASN K 173 -6.57 -13.77 -33.79
CA ASN K 173 -7.04 -13.71 -35.17
C ASN K 173 -8.40 -13.03 -35.17
N PHE K 174 -8.44 -11.77 -35.63
CA PHE K 174 -9.65 -10.96 -35.62
C PHE K 174 -10.38 -11.11 -36.95
N LEU K 175 -11.69 -11.32 -36.88
CA LEU K 175 -12.52 -11.51 -38.07
C LEU K 175 -13.65 -10.51 -38.03
N THR K 176 -14.01 -9.99 -39.21
CA THR K 176 -15.25 -9.26 -39.35
C THR K 176 -16.42 -10.23 -39.32
N ALA K 177 -17.62 -9.69 -39.25
CA ALA K 177 -18.79 -10.55 -39.30
C ALA K 177 -18.82 -11.31 -40.62
N ALA K 178 -18.49 -10.63 -41.74
CA ALA K 178 -18.53 -11.30 -43.03
C ALA K 178 -17.47 -12.40 -43.11
N GLU K 179 -16.28 -12.14 -42.55
CA GLU K 179 -15.23 -13.15 -42.51
C GLU K 179 -15.63 -14.33 -41.61
N ALA K 180 -16.32 -14.05 -40.50
CA ALA K 180 -16.76 -15.13 -39.62
C ALA K 180 -17.77 -16.03 -40.30
N LYS K 181 -18.64 -15.46 -41.15
CA LYS K 181 -19.57 -16.27 -41.91
C LYS K 181 -18.86 -17.15 -42.91
N GLU K 182 -17.90 -16.58 -43.65
CA GLU K 182 -17.15 -17.38 -44.62
C GLU K 182 -16.37 -18.48 -43.93
N TYR K 183 -15.91 -18.20 -42.70
CA TYR K 183 -15.15 -19.18 -41.93
C TYR K 183 -16.03 -20.31 -41.43
N GLY K 184 -17.32 -20.05 -41.20
CA GLY K 184 -18.23 -21.03 -40.66
C GLY K 184 -18.51 -20.86 -39.18
N LEU K 185 -18.04 -19.78 -38.56
CA LEU K 185 -18.37 -19.50 -37.17
C LEU K 185 -19.81 -19.06 -37.00
N ILE K 186 -20.39 -18.44 -38.03
CA ILE K 186 -21.79 -18.04 -38.00
C ILE K 186 -22.39 -18.44 -39.33
N ASP K 187 -23.71 -18.39 -39.39
CA ASP K 187 -24.44 -18.71 -40.62
C ASP K 187 -24.85 -17.50 -41.41
N GLU K 188 -25.07 -16.37 -40.76
CA GLU K 188 -25.63 -15.23 -41.47
C GLU K 188 -25.24 -13.95 -40.76
N VAL K 189 -24.91 -12.92 -41.54
CA VAL K 189 -24.78 -11.57 -41.00
C VAL K 189 -26.17 -10.94 -40.98
N MET K 190 -26.62 -10.51 -39.81
CA MET K 190 -27.98 -9.98 -39.67
C MET K 190 -28.04 -8.55 -40.18
N GLU K 191 -28.71 -8.32 -41.29
CA GLU K 191 -28.82 -6.99 -41.86
C GLU K 191 -30.10 -6.30 -41.41
N PRO K 192 -30.14 -4.97 -41.49
CA PRO K 192 -31.35 -4.22 -41.11
C PRO K 192 -32.46 -4.36 -42.14
N ILE L 4 -29.24 -14.32 -10.49
CA ILE L 4 -29.42 -12.88 -10.52
C ILE L 4 -30.70 -12.39 -11.27
N PRO L 5 -31.23 -13.10 -12.28
CA PRO L 5 -32.45 -12.56 -12.94
C PRO L 5 -33.65 -12.75 -12.03
N THR L 6 -34.51 -11.73 -11.97
CA THR L 6 -35.35 -11.55 -10.78
C THR L 6 -36.69 -10.91 -11.05
N VAL L 7 -37.71 -11.39 -10.34
CA VAL L 7 -39.01 -10.76 -10.39
C VAL L 7 -39.49 -10.39 -8.98
N TYR L 18 -38.68 -14.60 -7.29
CA TYR L 18 -37.55 -15.52 -7.27
C TYR L 18 -36.33 -14.98 -8.06
N ASP L 19 -35.10 -15.23 -7.61
CA ASP L 19 -34.04 -15.24 -8.59
C ASP L 19 -34.05 -16.59 -9.30
N ILE L 20 -33.21 -16.73 -10.33
CA ILE L 20 -33.30 -17.93 -11.16
C ILE L 20 -33.01 -19.17 -10.31
N TYR L 21 -32.12 -19.06 -9.32
CA TYR L 21 -31.79 -20.22 -8.49
C TYR L 21 -32.96 -20.62 -7.61
N SER L 22 -33.69 -19.64 -7.10
CA SER L 22 -34.88 -19.91 -6.31
C SER L 22 -35.94 -20.61 -7.14
N ARG L 23 -36.06 -20.25 -8.42
CA ARG L 23 -37.00 -20.90 -9.31
C ARG L 23 -36.61 -22.36 -9.55
N LEU L 24 -35.32 -22.64 -9.73
CA LEU L 24 -34.88 -24.01 -9.91
C LEU L 24 -35.05 -24.82 -8.62
N LEU L 25 -34.85 -24.19 -7.47
CA LEU L 25 -35.03 -24.92 -6.22
C LEU L 25 -36.47 -25.39 -6.06
N LYS L 26 -37.43 -24.63 -6.59
CA LYS L 26 -38.82 -25.07 -6.56
C LYS L 26 -38.99 -26.41 -7.25
N ASP L 27 -38.13 -26.71 -8.23
CA ASP L 27 -38.15 -27.97 -8.96
C ASP L 27 -37.12 -28.96 -8.44
N ARG L 28 -36.63 -28.74 -7.23
CA ARG L 28 -35.71 -29.64 -6.51
C ARG L 28 -34.33 -29.68 -7.16
N ILE L 29 -33.90 -28.59 -7.78
CA ILE L 29 -32.57 -28.48 -8.40
C ILE L 29 -31.73 -27.54 -7.58
N ILE L 30 -30.53 -27.98 -7.19
CA ILE L 30 -29.58 -27.17 -6.43
C ILE L 30 -28.39 -26.93 -7.35
N MET L 31 -27.96 -25.69 -7.44
CA MET L 31 -26.87 -25.34 -8.36
C MET L 31 -25.64 -25.04 -7.53
N LEU L 32 -24.62 -25.89 -7.65
CA LEU L 32 -23.33 -25.65 -7.01
C LEU L 32 -22.40 -25.11 -8.09
N GLY L 33 -22.05 -23.84 -7.99
CA GLY L 33 -21.26 -23.26 -9.03
C GLY L 33 -20.12 -22.40 -8.53
N SER L 34 -19.51 -22.78 -7.43
CA SER L 34 -18.45 -21.96 -6.86
C SER L 34 -17.53 -22.84 -6.06
N GLN L 35 -16.49 -22.21 -5.49
CA GLN L 35 -15.68 -22.87 -4.49
C GLN L 35 -16.55 -23.25 -3.29
N ILE L 36 -16.14 -24.31 -2.60
CA ILE L 36 -16.88 -24.85 -1.47
C ILE L 36 -16.25 -24.28 -0.21
N ASP L 37 -16.95 -23.39 0.48
CA ASP L 37 -16.52 -22.90 1.77
C ASP L 37 -17.67 -23.08 2.74
N ASP L 38 -17.49 -22.63 3.99
CA ASP L 38 -18.55 -22.87 4.97
C ASP L 38 -19.86 -22.19 4.58
N ASN L 39 -19.79 -20.99 3.98
CA ASN L 39 -21.02 -20.30 3.58
C ASN L 39 -21.78 -21.08 2.51
N VAL L 40 -21.06 -21.57 1.51
CA VAL L 40 -21.67 -22.34 0.44
C VAL L 40 -22.25 -23.64 0.99
N ALA L 41 -21.50 -24.32 1.88
CA ALA L 41 -21.98 -25.59 2.44
C ALA L 41 -23.22 -25.39 3.28
N ASN L 42 -23.27 -24.33 4.08
N ASN L 42 -23.24 -24.34 4.12
CA ASN L 42 -24.46 -24.18 4.91
CA ASN L 42 -24.42 -24.04 4.93
C ASN L 42 -25.68 -23.84 4.07
C ASN L 42 -25.64 -23.87 4.04
N SER L 43 -25.49 -23.10 2.97
CA SER L 43 -26.59 -22.88 2.03
C SER L 43 -27.05 -24.18 1.39
N ILE L 44 -26.10 -24.99 0.90
CA ILE L 44 -26.48 -26.24 0.23
C ILE L 44 -27.14 -27.20 1.21
N VAL L 45 -26.58 -27.31 2.42
CA VAL L 45 -27.18 -28.19 3.42
C VAL L 45 -28.59 -27.73 3.73
N SER L 46 -28.78 -26.42 3.87
CA SER L 46 -30.11 -25.90 4.16
C SER L 46 -31.08 -26.21 3.04
N GLN L 47 -30.63 -26.10 1.78
CA GLN L 47 -31.50 -26.46 0.66
C GLN L 47 -31.86 -27.95 0.66
N LEU L 48 -30.90 -28.83 0.95
CA LEU L 48 -31.18 -30.26 1.00
C LEU L 48 -32.20 -30.58 2.09
N LEU L 49 -32.01 -30.01 3.29
CA LEU L 49 -32.95 -30.25 4.39
C LEU L 49 -34.33 -29.72 4.05
N PHE L 50 -34.39 -28.55 3.41
CA PHE L 50 -35.67 -27.99 2.99
C PHE L 50 -36.36 -28.91 2.00
N LEU L 51 -35.62 -29.41 1.01
CA LEU L 51 -36.22 -30.26 0.01
C LEU L 51 -36.72 -31.56 0.62
N GLN L 52 -35.96 -32.14 1.53
CA GLN L 52 -36.44 -33.34 2.20
C GLN L 52 -37.73 -33.07 2.96
N ALA L 53 -37.81 -31.91 3.62
CA ALA L 53 -39.05 -31.61 4.36
C ALA L 53 -40.23 -31.40 3.41
N GLN L 54 -39.98 -30.88 2.21
CA GLN L 54 -41.08 -30.70 1.26
C GLN L 54 -41.60 -32.05 0.74
N ASP L 55 -40.70 -32.98 0.45
CA ASP L 55 -41.08 -34.30 -0.08
C ASP L 55 -39.90 -35.23 0.14
N SER L 56 -40.08 -36.24 1.00
CA SER L 56 -38.93 -37.07 1.30
C SER L 56 -38.73 -38.19 0.29
N GLU L 57 -39.64 -38.30 -0.69
CA GLU L 57 -39.57 -39.39 -1.66
C GLU L 57 -38.98 -38.97 -2.99
N LYS L 58 -39.18 -37.72 -3.43
CA LYS L 58 -38.78 -37.29 -4.76
C LYS L 58 -37.27 -37.04 -4.84
N ASP L 59 -36.66 -37.38 -5.98
CA ASP L 59 -35.25 -37.11 -6.17
C ASP L 59 -34.92 -35.62 -6.10
N ILE L 60 -33.67 -35.35 -5.76
CA ILE L 60 -33.06 -34.03 -5.77
C ILE L 60 -31.96 -34.07 -6.83
N TYR L 61 -31.75 -32.94 -7.51
CA TYR L 61 -30.73 -32.81 -8.55
C TYR L 61 -29.71 -31.77 -8.13
N LEU L 62 -28.44 -32.19 -8.02
CA LEU L 62 -27.35 -31.31 -7.59
C LEU L 62 -26.39 -31.15 -8.76
N TYR L 63 -26.44 -29.99 -9.40
CA TYR L 63 -25.46 -29.66 -10.44
C TYR L 63 -24.18 -29.17 -9.80
N ILE L 64 -23.03 -29.64 -10.31
CA ILE L 64 -21.74 -29.33 -9.73
C ILE L 64 -20.82 -28.76 -10.79
N ASN L 65 -20.35 -27.50 -10.59
CA ASN L 65 -19.27 -26.90 -11.36
C ASN L 65 -18.43 -26.18 -10.31
N SER L 66 -17.40 -26.86 -9.83
CA SER L 66 -16.72 -26.31 -8.67
C SER L 66 -15.25 -26.66 -8.71
N PRO L 67 -14.37 -25.73 -8.34
CA PRO L 67 -12.94 -26.06 -8.21
C PRO L 67 -12.58 -26.77 -6.91
N GLY L 68 -13.55 -26.98 -6.04
CA GLY L 68 -13.32 -27.64 -4.78
C GLY L 68 -13.37 -26.67 -3.63
N GLY L 69 -12.68 -26.99 -2.55
CA GLY L 69 -12.69 -26.07 -1.43
C GLY L 69 -12.38 -26.82 -0.14
N SER L 70 -12.96 -26.33 0.93
CA SER L 70 -12.69 -26.84 2.27
C SER L 70 -13.15 -28.29 2.41
N VAL L 71 -12.31 -29.14 3.00
CA VAL L 71 -12.70 -30.54 3.22
C VAL L 71 -13.86 -30.63 4.20
N THR L 72 -13.80 -29.89 5.34
CA THR L 72 -14.90 -30.01 6.30
C THR L 72 -16.20 -29.45 5.74
N ALA L 73 -16.14 -28.36 4.98
CA ALA L 73 -17.37 -27.84 4.36
C ALA L 73 -17.94 -28.87 3.38
N GLY L 74 -17.06 -29.51 2.61
CA GLY L 74 -17.52 -30.56 1.72
C GLY L 74 -18.14 -31.73 2.45
N PHE L 75 -17.59 -32.08 3.64
CA PHE L 75 -18.19 -33.19 4.38
C PHE L 75 -19.52 -32.81 5.00
N ALA L 76 -19.74 -31.52 5.29
CA ALA L 76 -21.08 -31.09 5.70
C ALA L 76 -22.09 -31.43 4.62
N ILE L 77 -21.73 -31.15 3.35
CA ILE L 77 -22.63 -31.49 2.25
C ILE L 77 -22.70 -33.01 2.07
N TYR L 78 -21.55 -33.68 2.05
CA TYR L 78 -21.52 -35.12 1.85
C TYR L 78 -22.40 -35.85 2.88
N ASP L 79 -22.25 -35.52 4.16
CA ASP L 79 -23.00 -36.25 5.18
C ASP L 79 -24.48 -35.93 5.11
N THR L 80 -24.82 -34.70 4.70
CA THR L 80 -26.23 -34.38 4.54
C THR L 80 -26.83 -35.18 3.38
N ILE L 81 -26.09 -35.31 2.28
CA ILE L 81 -26.59 -36.12 1.17
C ILE L 81 -26.89 -37.53 1.66
N GLN L 82 -25.97 -38.12 2.43
CA GLN L 82 -26.19 -39.50 2.86
C GLN L 82 -27.27 -39.62 3.93
N HIS L 83 -27.50 -38.55 4.69
CA HIS L 83 -28.44 -38.60 5.80
C HIS L 83 -29.89 -38.52 5.34
N ILE L 84 -30.19 -37.66 4.36
CA ILE L 84 -31.60 -37.44 3.98
C ILE L 84 -32.11 -38.64 3.20
N LYS L 85 -33.45 -38.76 3.16
CA LYS L 85 -34.11 -39.88 2.48
C LYS L 85 -34.07 -39.80 0.94
N PRO L 86 -34.34 -38.64 0.32
CA PRO L 86 -34.33 -38.58 -1.16
C PRO L 86 -32.97 -38.95 -1.77
N ASP L 87 -33.03 -39.61 -2.93
CA ASP L 87 -31.85 -39.78 -3.76
C ASP L 87 -31.37 -38.40 -4.25
N VAL L 88 -30.06 -38.16 -4.17
CA VAL L 88 -29.50 -36.92 -4.71
C VAL L 88 -28.74 -37.29 -5.96
N GLN L 89 -29.28 -36.92 -7.12
CA GLN L 89 -28.55 -37.11 -8.36
C GLN L 89 -27.48 -36.02 -8.45
N THR L 90 -26.31 -36.38 -8.95
CA THR L 90 -25.27 -35.38 -9.16
C THR L 90 -24.95 -35.27 -10.65
N ILE L 91 -24.76 -34.03 -11.13
CA ILE L 91 -24.54 -33.79 -12.55
C ILE L 91 -23.39 -32.81 -12.68
N CYS L 92 -22.27 -33.29 -13.23
CA CYS L 92 -21.11 -32.43 -13.40
C CYS L 92 -21.23 -31.69 -14.71
N ILE L 93 -21.13 -30.35 -14.63
CA ILE L 93 -21.04 -29.51 -15.82
C ILE L 93 -19.79 -28.64 -15.66
N GLY L 94 -19.03 -28.48 -16.74
CA GLY L 94 -17.85 -27.63 -16.62
C GLY L 94 -16.68 -28.39 -15.97
N MET L 95 -16.56 -28.29 -14.65
CA MET L 95 -15.45 -28.94 -13.95
C MET L 95 -15.91 -29.34 -12.55
N ALA L 96 -15.56 -30.55 -12.13
CA ALA L 96 -15.65 -30.94 -10.72
C ALA L 96 -14.25 -31.31 -10.29
N ALA L 97 -13.58 -30.42 -9.54
CA ALA L 97 -12.22 -30.66 -9.10
C ALA L 97 -12.18 -30.77 -7.59
N SER L 98 -11.29 -31.63 -7.08
CA SER L 98 -10.96 -31.72 -5.66
C SER L 98 -12.23 -32.08 -4.88
N MET L 99 -12.65 -31.29 -3.90
CA MET L 99 -13.85 -31.69 -3.15
C MET L 99 -15.08 -31.70 -4.05
N GLY L 100 -15.02 -30.97 -5.18
CA GLY L 100 -16.12 -31.04 -6.13
C GLY L 100 -16.26 -32.41 -6.76
N SER L 101 -15.13 -33.05 -7.09
CA SER L 101 -15.25 -34.40 -7.63
C SER L 101 -15.60 -35.40 -6.55
N PHE L 102 -15.18 -35.14 -5.31
CA PHE L 102 -15.62 -35.97 -4.19
C PHE L 102 -17.14 -35.92 -4.02
N LEU L 103 -17.73 -34.73 -4.10
CA LEU L 103 -19.18 -34.63 -4.00
C LEU L 103 -19.89 -35.23 -5.21
N LEU L 104 -19.28 -35.12 -6.39
CA LEU L 104 -19.86 -35.75 -7.58
C LEU L 104 -19.99 -37.25 -7.39
N ALA L 105 -18.93 -37.89 -6.87
CA ALA L 105 -18.95 -39.34 -6.59
C ALA L 105 -19.88 -39.71 -5.44
N ALA L 106 -20.35 -38.74 -4.66
CA ALA L 106 -21.21 -38.98 -3.52
C ALA L 106 -22.70 -39.07 -3.87
N GLY L 107 -23.10 -38.79 -5.12
CA GLY L 107 -24.50 -38.88 -5.49
C GLY L 107 -25.05 -40.30 -5.41
N ALA L 108 -26.38 -40.40 -5.52
CA ALA L 108 -27.04 -41.70 -5.46
C ALA L 108 -26.47 -42.64 -6.51
N LYS L 109 -26.14 -43.87 -6.11
CA LYS L 109 -25.53 -44.80 -7.05
C LYS L 109 -26.49 -45.09 -8.21
N GLY L 110 -25.95 -45.02 -9.43
CA GLY L 110 -26.73 -45.03 -10.65
C GLY L 110 -27.20 -43.67 -11.13
N LYS L 111 -27.06 -42.62 -10.31
CA LYS L 111 -27.58 -41.31 -10.63
C LYS L 111 -26.50 -40.24 -10.56
N ARG L 112 -25.25 -40.59 -10.91
CA ARG L 112 -24.13 -39.67 -10.96
C ARG L 112 -23.76 -39.48 -12.42
N PHE L 113 -23.80 -38.22 -12.90
CA PHE L 113 -23.65 -37.94 -14.31
C PHE L 113 -22.60 -36.86 -14.56
N ALA L 114 -22.06 -36.84 -15.78
CA ALA L 114 -21.33 -35.67 -16.29
C ALA L 114 -21.72 -35.42 -17.74
N LEU L 115 -21.74 -34.15 -18.15
CA LEU L 115 -21.98 -33.82 -19.55
C LEU L 115 -20.71 -34.15 -20.33
N PRO L 116 -20.82 -34.33 -21.66
CA PRO L 116 -19.73 -34.96 -22.43
C PRO L 116 -18.39 -34.21 -22.37
N ASN L 117 -18.41 -32.88 -22.27
CA ASN L 117 -17.18 -32.12 -22.23
C ASN L 117 -16.83 -31.61 -20.84
N ALA L 118 -17.55 -32.07 -19.83
CA ALA L 118 -17.21 -31.73 -18.45
C ALA L 118 -15.91 -32.45 -18.07
N GLU L 119 -15.13 -31.81 -17.19
CA GLU L 119 -13.85 -32.33 -16.73
C GLU L 119 -13.93 -32.64 -15.24
N VAL L 120 -13.17 -33.65 -14.82
CA VAL L 120 -13.12 -34.06 -13.43
C VAL L 120 -11.66 -34.10 -13.04
N MET L 121 -11.33 -33.58 -11.86
CA MET L 121 -9.96 -33.64 -11.42
C MET L 121 -9.93 -34.15 -9.99
N ILE L 122 -9.01 -35.05 -9.71
CA ILE L 122 -8.84 -35.58 -8.36
C ILE L 122 -7.40 -35.35 -7.92
N HIS L 123 -7.20 -35.08 -6.63
CA HIS L 123 -5.85 -34.93 -6.09
C HIS L 123 -5.91 -35.02 -4.56
N GLN L 124 -4.75 -34.99 -3.90
CA GLN L 124 -4.71 -35.12 -2.46
C GLN L 124 -4.98 -33.77 -1.78
N PRO L 125 -5.33 -33.78 -0.48
CA PRO L 125 -5.62 -32.51 0.20
C PRO L 125 -4.39 -31.60 0.30
N LEU L 126 -4.64 -30.29 0.40
CA LEU L 126 -3.61 -29.26 0.59
C LEU L 126 -3.85 -28.52 1.89
N GLY L 127 -2.78 -28.01 2.48
CA GLY L 127 -2.96 -27.28 3.71
C GLY L 127 -1.70 -26.59 4.13
N GLY L 128 -1.68 -26.21 5.39
CA GLY L 128 -0.52 -25.50 5.91
C GLY L 128 -0.39 -25.77 7.38
N ALA L 129 0.80 -25.48 7.91
CA ALA L 129 1.10 -25.64 9.32
C ALA L 129 2.22 -24.67 9.66
N GLN L 130 2.11 -24.01 10.80
CA GLN L 130 3.15 -23.07 11.18
C GLN L 130 3.28 -23.11 12.69
N GLY L 131 4.50 -23.03 13.18
CA GLY L 131 4.69 -22.98 14.61
C GLY L 131 5.75 -23.94 15.12
N GLN L 132 5.59 -24.37 16.37
CA GLN L 132 6.54 -25.30 16.96
C GLN L 132 6.50 -26.64 16.24
N ALA L 133 7.61 -27.39 16.35
CA ALA L 133 7.68 -28.73 15.79
C ALA L 133 6.50 -29.58 16.26
N THR L 134 6.14 -29.47 17.54
CA THR L 134 5.00 -30.24 18.07
C THR L 134 3.71 -29.86 17.36
N GLU L 135 3.54 -28.57 17.04
CA GLU L 135 2.33 -28.10 16.36
C GLU L 135 2.30 -28.54 14.90
N ILE L 136 3.46 -28.53 14.25
CA ILE L 136 3.54 -28.99 12.86
C ILE L 136 3.21 -30.49 12.79
N GLU L 137 3.69 -31.25 13.76
CA GLU L 137 3.39 -32.69 13.82
C GLU L 137 1.89 -32.93 13.96
N ILE L 138 1.22 -32.18 14.83
CA ILE L 138 -0.23 -32.32 14.99
C ILE L 138 -0.94 -32.00 13.69
N ALA L 139 -0.54 -30.92 13.03
CA ALA L 139 -1.19 -30.53 11.79
C ALA L 139 -0.91 -31.56 10.68
N ALA L 140 0.31 -32.09 10.62
CA ALA L 140 0.60 -33.11 9.63
C ALA L 140 -0.23 -34.38 9.88
N ASN L 141 -0.30 -34.84 11.13
CA ASN L 141 -1.08 -36.03 11.43
C ASN L 141 -2.54 -35.83 11.06
N HIS L 142 -3.06 -34.62 11.28
CA HIS L 142 -4.45 -34.35 10.97
C HIS L 142 -4.71 -34.40 9.46
N ILE L 143 -3.85 -33.77 8.65
CA ILE L 143 -4.14 -33.77 7.21
C ILE L 143 -3.91 -35.17 6.65
N LEU L 144 -2.99 -35.94 7.22
CA LEU L 144 -2.79 -37.31 6.77
C LEU L 144 -3.99 -38.18 7.10
N LYS L 145 -4.56 -38.01 8.30
CA LYS L 145 -5.76 -38.78 8.65
C LYS L 145 -6.94 -38.34 7.78
N THR L 146 -7.02 -37.05 7.46
CA THR L 146 -8.06 -36.55 6.57
C THR L 146 -7.94 -37.17 5.18
N ARG L 147 -6.72 -37.27 4.67
CA ARG L 147 -6.52 -37.96 3.40
C ARG L 147 -6.94 -39.43 3.48
N GLU L 148 -6.60 -40.11 4.58
CA GLU L 148 -7.03 -41.50 4.70
C GLU L 148 -8.55 -41.62 4.68
N LYS L 149 -9.25 -40.70 5.33
CA LYS L 149 -10.71 -40.72 5.38
C LYS L 149 -11.32 -40.52 3.98
N LEU L 150 -10.79 -39.52 3.24
CA LEU L 150 -11.24 -39.23 1.86
C LEU L 150 -10.99 -40.43 0.95
N ASN L 151 -9.80 -41.03 1.05
CA ASN L 151 -9.49 -42.17 0.18
C ASN L 151 -10.38 -43.37 0.48
N ARG L 152 -10.65 -43.62 1.76
CA ARG L 152 -11.49 -44.78 2.10
C ARG L 152 -12.89 -44.60 1.53
N ILE L 153 -13.47 -43.41 1.67
CA ILE L 153 -14.80 -43.16 1.12
C ILE L 153 -14.77 -43.21 -0.41
N LEU L 154 -13.76 -42.60 -1.02
CA LEU L 154 -13.70 -42.61 -2.48
C LEU L 154 -13.52 -44.04 -3.01
N SER L 155 -12.76 -44.87 -2.27
CA SER L 155 -12.66 -46.28 -2.61
C SER L 155 -14.03 -46.95 -2.59
N GLU L 156 -14.81 -46.66 -1.56
CA GLU L 156 -16.14 -47.28 -1.45
C GLU L 156 -17.05 -46.81 -2.58
N ARG L 157 -16.99 -45.53 -2.96
CA ARG L 157 -17.95 -45.00 -3.93
C ARG L 157 -17.57 -45.30 -5.38
N THR L 158 -16.29 -45.58 -5.65
CA THR L 158 -15.81 -45.86 -7.00
C THR L 158 -15.57 -47.33 -7.28
N GLY L 159 -15.35 -48.15 -6.26
CA GLY L 159 -14.90 -49.51 -6.46
C GLY L 159 -13.40 -49.68 -6.63
N GLN L 160 -12.63 -48.61 -6.64
CA GLN L 160 -11.18 -48.71 -6.76
C GLN L 160 -10.56 -48.97 -5.39
N SER L 161 -9.41 -49.64 -5.41
CA SER L 161 -8.73 -49.93 -4.16
C SER L 161 -8.22 -48.64 -3.53
N ILE L 162 -8.03 -48.67 -2.21
CA ILE L 162 -7.44 -47.52 -1.53
C ILE L 162 -6.04 -47.25 -2.07
N GLU L 163 -5.28 -48.31 -2.37
CA GLU L 163 -3.93 -48.12 -2.90
C GLU L 163 -3.94 -47.41 -4.25
N LYS L 164 -4.87 -47.77 -5.11
CA LYS L 164 -4.95 -47.08 -6.39
C LYS L 164 -5.39 -45.63 -6.19
N ILE L 165 -6.34 -45.37 -5.30
CA ILE L 165 -6.75 -43.98 -5.08
C ILE L 165 -5.57 -43.14 -4.60
N GLN L 166 -4.80 -43.66 -3.66
CA GLN L 166 -3.62 -42.96 -3.17
C GLN L 166 -2.65 -42.65 -4.31
N GLN L 167 -2.38 -43.63 -5.16
CA GLN L 167 -1.46 -43.41 -6.27
C GLN L 167 -1.99 -42.37 -7.25
N ASP L 168 -3.28 -42.45 -7.56
CA ASP L 168 -3.89 -41.60 -8.57
C ASP L 168 -4.19 -40.19 -8.09
N THR L 169 -4.02 -39.89 -6.81
CA THR L 169 -4.23 -38.55 -6.30
C THR L 169 -2.94 -37.90 -5.81
N ASP L 170 -1.79 -38.55 -6.03
CA ASP L 170 -0.52 -38.01 -5.56
C ASP L 170 -0.24 -36.64 -6.17
N ARG L 171 -0.59 -36.45 -7.44
CA ARG L 171 -0.53 -35.19 -8.17
C ARG L 171 -1.89 -34.94 -8.80
N ASP L 172 -2.08 -33.73 -9.34
CA ASP L 172 -3.34 -33.41 -10.03
C ASP L 172 -3.57 -34.42 -11.13
N ASN L 173 -4.76 -34.99 -11.16
CA ASN L 173 -5.09 -36.03 -12.13
C ASN L 173 -6.36 -35.59 -12.82
N PHE L 174 -6.25 -35.16 -14.08
CA PHE L 174 -7.39 -34.67 -14.85
C PHE L 174 -8.03 -35.83 -15.62
N LEU L 175 -9.37 -35.93 -15.58
CA LEU L 175 -10.10 -36.98 -16.26
C LEU L 175 -11.17 -36.37 -17.15
N THR L 176 -11.34 -36.93 -18.34
CA THR L 176 -12.53 -36.63 -19.15
C THR L 176 -13.76 -37.27 -18.52
N ALA L 177 -14.95 -36.88 -19.01
CA ALA L 177 -16.18 -37.51 -18.51
C ALA L 177 -16.13 -39.01 -18.71
N ALA L 178 -15.65 -39.44 -19.89
CA ALA L 178 -15.57 -40.87 -20.18
C ALA L 178 -14.61 -41.57 -19.23
N GLU L 179 -13.48 -40.93 -18.95
CA GLU L 179 -12.54 -41.51 -18.00
C GLU L 179 -13.11 -41.51 -16.58
N ALA L 180 -13.88 -40.49 -16.21
CA ALA L 180 -14.49 -40.49 -14.87
C ALA L 180 -15.52 -41.61 -14.73
N LYS L 181 -16.25 -41.94 -15.79
CA LYS L 181 -17.15 -43.10 -15.72
C LYS L 181 -16.35 -44.38 -15.57
N GLU L 182 -15.29 -44.51 -16.37
CA GLU L 182 -14.43 -45.69 -16.28
C GLU L 182 -13.86 -45.84 -14.88
N TYR L 183 -13.51 -44.71 -14.25
CA TYR L 183 -12.92 -44.74 -12.90
C TYR L 183 -13.93 -45.11 -11.84
N GLY L 184 -15.23 -44.89 -12.07
CA GLY L 184 -16.25 -45.12 -11.08
C GLY L 184 -16.70 -43.88 -10.34
N LEU L 185 -16.23 -42.70 -10.76
CA LEU L 185 -16.67 -41.47 -10.13
C LEU L 185 -18.08 -41.08 -10.55
N ILE L 186 -18.47 -41.43 -11.79
CA ILE L 186 -19.84 -41.20 -12.25
C ILE L 186 -20.34 -42.51 -12.83
N ASP L 187 -21.65 -42.56 -13.06
CA ASP L 187 -22.29 -43.74 -13.65
C ASP L 187 -22.53 -43.60 -15.14
N GLU L 188 -22.77 -42.39 -15.61
CA GLU L 188 -23.13 -42.23 -17.00
C GLU L 188 -22.65 -40.88 -17.50
N VAL L 189 -22.20 -40.84 -18.75
CA VAL L 189 -22.04 -39.57 -19.46
C VAL L 189 -23.37 -39.25 -20.10
N MET L 190 -23.94 -38.11 -19.74
CA MET L 190 -25.26 -37.70 -20.23
C MET L 190 -25.12 -37.20 -21.67
N GLU L 191 -25.70 -37.92 -22.60
CA GLU L 191 -25.69 -37.52 -24.00
C GLU L 191 -26.95 -36.73 -24.34
N PRO L 192 -26.92 -35.92 -25.40
CA PRO L 192 -28.03 -34.99 -25.70
C PRO L 192 -29.43 -35.60 -25.83
N ILE M 4 -27.73 -17.69 -1.30
CA ILE M 4 -28.92 -17.56 -0.47
C ILE M 4 -30.24 -17.54 -1.26
N PRO M 5 -30.75 -18.71 -1.66
CA PRO M 5 -31.98 -18.73 -2.46
C PRO M 5 -33.21 -18.34 -1.65
N THR M 6 -34.27 -18.03 -2.37
CA THR M 6 -35.53 -17.58 -1.80
C THR M 6 -36.58 -18.67 -2.02
N VAL M 7 -37.53 -18.74 -1.09
CA VAL M 7 -38.58 -19.74 -1.17
C VAL M 7 -39.94 -19.04 -1.22
N TYR M 18 -39.18 -15.71 1.72
CA TYR M 18 -38.17 -16.11 2.68
C TYR M 18 -36.81 -16.39 1.99
N ASP M 19 -35.69 -16.01 2.59
CA ASP M 19 -34.44 -16.67 2.27
C ASP M 19 -34.42 -18.07 2.91
N ILE M 20 -33.50 -18.93 2.50
CA ILE M 20 -33.56 -20.34 2.94
C ILE M 20 -33.43 -20.45 4.46
N TYR M 21 -32.64 -19.58 5.09
CA TYR M 21 -32.47 -19.67 6.53
C TYR M 21 -33.72 -19.23 7.26
N SER M 22 -34.38 -18.18 6.76
CA SER M 22 -35.64 -17.77 7.36
C SER M 22 -36.68 -18.87 7.22
N ARG M 23 -36.68 -19.58 6.07
CA ARG M 23 -37.62 -20.68 5.90
C ARG M 23 -37.36 -21.79 6.91
N LEU M 24 -36.08 -22.10 7.16
CA LEU M 24 -35.76 -23.12 8.17
C LEU M 24 -36.11 -22.63 9.58
N LEU M 25 -35.94 -21.34 9.85
CA LEU M 25 -36.28 -20.80 11.17
C LEU M 25 -37.76 -21.00 11.48
N LYS M 26 -38.61 -20.96 10.46
CA LYS M 26 -40.03 -21.26 10.65
C LYS M 26 -40.25 -22.63 11.26
N ASP M 27 -39.35 -23.58 10.99
CA ASP M 27 -39.41 -24.94 11.53
C ASP M 27 -38.51 -25.12 12.74
N ARG M 28 -38.13 -24.01 13.37
CA ARG M 28 -37.35 -23.99 14.61
C ARG M 28 -35.93 -24.49 14.41
N ILE M 29 -35.35 -24.26 13.23
CA ILE M 29 -33.98 -24.65 12.93
C ILE M 29 -33.14 -23.39 12.84
N ILE M 30 -32.02 -23.35 13.59
CA ILE M 30 -31.04 -22.27 13.57
C ILE M 30 -29.75 -22.82 13.01
N MET M 31 -29.14 -22.11 12.08
CA MET M 31 -27.90 -22.57 11.46
C MET M 31 -26.78 -21.68 12.00
N LEU M 32 -25.84 -22.30 12.74
CA LEU M 32 -24.63 -21.59 13.15
C LEU M 32 -23.54 -22.11 12.22
N GLY M 33 -23.21 -21.31 11.20
CA GLY M 33 -22.34 -21.79 10.13
C GLY M 33 -21.19 -20.85 9.80
N SER M 34 -20.65 -20.20 10.83
CA SER M 34 -19.59 -19.25 10.63
C SER M 34 -18.79 -19.16 11.92
N GLN M 35 -17.73 -18.36 11.86
CA GLN M 35 -17.01 -17.96 13.05
C GLN M 35 -17.97 -17.26 14.02
N ILE M 36 -17.73 -17.42 15.32
CA ILE M 36 -18.61 -16.85 16.35
C ILE M 36 -18.02 -15.51 16.78
N ASP M 37 -18.70 -14.41 16.44
CA ASP M 37 -18.34 -13.08 16.94
C ASP M 37 -19.59 -12.46 17.57
N ASP M 38 -19.49 -11.21 18.04
CA ASP M 38 -20.64 -10.62 18.72
C ASP M 38 -21.84 -10.50 17.79
N ASN M 39 -21.62 -10.23 16.49
CA ASN M 39 -22.76 -10.10 15.56
C ASN M 39 -23.50 -11.42 15.42
N VAL M 40 -22.75 -12.51 15.24
CA VAL M 40 -23.34 -13.84 15.09
C VAL M 40 -24.08 -14.23 16.36
N ALA M 41 -23.45 -14.01 17.51
CA ALA M 41 -24.08 -14.39 18.76
C ALA M 41 -25.36 -13.60 18.98
N ASN M 42 -25.35 -12.30 18.65
N ASN M 42 -25.33 -12.30 18.65
CA ASN M 42 -26.57 -11.53 18.85
CA ASN M 42 -26.52 -11.46 18.81
C ASN M 42 -27.70 -12.05 17.98
C ASN M 42 -27.68 -12.02 17.97
N SER M 43 -27.38 -12.48 16.76
CA SER M 43 -28.39 -13.04 15.89
C SER M 43 -28.91 -14.39 16.43
N ILE M 44 -28.00 -15.27 16.85
CA ILE M 44 -28.38 -16.57 17.37
C ILE M 44 -29.19 -16.42 18.64
N VAL M 45 -28.74 -15.55 19.54
CA VAL M 45 -29.49 -15.31 20.76
C VAL M 45 -30.89 -14.79 20.43
N SER M 46 -30.98 -13.84 19.51
CA SER M 46 -32.30 -13.29 19.14
C SER M 46 -33.19 -14.38 18.53
N GLN M 47 -32.63 -15.26 17.73
CA GLN M 47 -33.44 -16.35 17.19
C GLN M 47 -33.92 -17.28 18.30
N LEU M 48 -33.05 -17.60 19.25
CA LEU M 48 -33.45 -18.47 20.36
C LEU M 48 -34.56 -17.85 21.19
N LEU M 49 -34.42 -16.56 21.52
CA LEU M 49 -35.46 -15.87 22.29
C LEU M 49 -36.76 -15.80 21.52
N PHE M 50 -36.68 -15.58 20.21
CA PHE M 50 -37.89 -15.54 19.38
C PHE M 50 -38.60 -16.89 19.36
N LEU M 51 -37.86 -17.99 19.18
CA LEU M 51 -38.48 -19.30 19.13
C LEU M 51 -39.13 -19.67 20.45
N GLN M 52 -38.48 -19.35 21.57
CA GLN M 52 -39.12 -19.58 22.87
C GLN M 52 -40.41 -18.78 23.01
N ALA M 53 -40.41 -17.52 22.53
CA ALA M 53 -41.61 -16.70 22.64
C ALA M 53 -42.73 -17.26 21.78
N GLN M 54 -42.38 -17.86 20.63
CA GLN M 54 -43.40 -18.50 19.80
C GLN M 54 -43.94 -19.76 20.46
N ASP M 55 -43.05 -20.55 21.08
CA ASP M 55 -43.50 -21.81 21.69
C ASP M 55 -42.47 -22.25 22.72
N SER M 56 -42.84 -22.23 24.00
CA SER M 56 -41.84 -22.54 25.00
C SER M 56 -41.66 -24.03 25.22
N GLU M 57 -42.45 -24.86 24.53
CA GLU M 57 -42.41 -26.31 24.75
C GLU M 57 -41.67 -27.06 23.65
N LYS M 58 -41.77 -26.60 22.40
CA LYS M 58 -41.20 -27.37 21.29
C LYS M 58 -39.68 -27.27 21.22
N ASP M 59 -39.05 -28.38 20.84
CA ASP M 59 -37.59 -28.37 20.70
C ASP M 59 -37.13 -27.37 19.62
N ILE M 60 -35.87 -26.94 19.77
CA ILE M 60 -35.14 -26.11 18.80
C ILE M 60 -33.97 -26.92 18.29
N TYR M 61 -33.61 -26.76 17.02
CA TYR M 61 -32.51 -27.51 16.42
C TYR M 61 -31.42 -26.53 16.02
N LEU M 62 -30.21 -26.69 16.61
CA LEU M 62 -29.07 -25.81 16.30
C LEU M 62 -28.04 -26.62 15.52
N TYR M 63 -27.94 -26.37 14.22
CA TYR M 63 -26.89 -26.99 13.42
C TYR M 63 -25.61 -26.18 13.59
N ILE M 64 -24.48 -26.86 13.74
CA ILE M 64 -23.22 -26.18 14.03
C ILE M 64 -22.18 -26.61 13.02
N ASN M 65 -21.64 -25.65 12.26
CA ASN M 65 -20.48 -25.87 11.41
C ASN M 65 -19.64 -24.62 11.62
N SER M 66 -18.71 -24.67 12.56
CA SER M 66 -18.06 -23.47 12.97
C SER M 66 -16.62 -23.72 13.39
N PRO M 67 -15.69 -22.83 13.03
CA PRO M 67 -14.31 -22.92 13.52
C PRO M 67 -14.13 -22.36 14.93
N GLY M 68 -15.18 -21.80 15.50
CA GLY M 68 -15.06 -21.23 16.83
C GLY M 68 -15.11 -19.72 16.79
N GLY M 69 -14.51 -19.06 17.78
CA GLY M 69 -14.48 -17.62 17.79
C GLY M 69 -14.39 -17.11 19.22
N SER M 70 -15.00 -15.95 19.44
CA SER M 70 -14.91 -15.24 20.72
C SER M 70 -15.53 -16.04 21.87
N VAL M 71 -14.81 -16.13 23.00
CA VAL M 71 -15.33 -16.85 24.15
C VAL M 71 -16.56 -16.15 24.72
N THR M 72 -16.50 -14.83 24.87
CA THR M 72 -17.69 -14.16 25.44
C THR M 72 -18.87 -14.22 24.47
N ALA M 73 -18.62 -14.13 23.16
CA ALA M 73 -19.72 -14.30 22.22
C ALA M 73 -20.31 -15.69 22.33
N GLY M 74 -19.45 -16.71 22.46
CA GLY M 74 -19.95 -18.05 22.65
C GLY M 74 -20.74 -18.20 23.94
N PHE M 75 -20.34 -17.50 24.99
CA PHE M 75 -21.08 -17.66 26.23
C PHE M 75 -22.42 -16.96 26.19
N ALA M 76 -22.59 -15.91 25.38
CA ALA M 76 -23.91 -15.35 25.20
C ALA M 76 -24.86 -16.41 24.66
N ILE M 77 -24.39 -17.20 23.69
CA ILE M 77 -25.20 -18.28 23.12
C ILE M 77 -25.39 -19.38 24.16
N TYR M 78 -24.30 -19.79 24.81
CA TYR M 78 -24.36 -20.87 25.79
C TYR M 78 -25.38 -20.56 26.89
N ASP M 79 -25.28 -19.37 27.50
CA ASP M 79 -26.20 -19.04 28.59
C ASP M 79 -27.64 -18.91 28.10
N THR M 80 -27.83 -18.42 26.88
CA THR M 80 -29.20 -18.34 26.39
C THR M 80 -29.79 -19.74 26.18
N ILE M 81 -28.98 -20.67 25.68
CA ILE M 81 -29.45 -22.05 25.54
C ILE M 81 -29.89 -22.59 26.89
N GLN M 82 -29.08 -22.38 27.93
CA GLN M 82 -29.44 -22.96 29.21
C GLN M 82 -30.61 -22.24 29.86
N HIS M 83 -30.82 -20.96 29.52
CA HIS M 83 -31.85 -20.16 30.19
C HIS M 83 -33.25 -20.48 29.68
N ILE M 84 -33.38 -20.68 28.38
CA ILE M 84 -34.73 -20.81 27.82
C ILE M 84 -35.32 -22.18 28.15
N LYS M 85 -36.66 -22.24 28.08
CA LYS M 85 -37.38 -23.47 28.41
C LYS M 85 -37.21 -24.58 27.38
N PRO M 86 -37.31 -24.33 26.07
CA PRO M 86 -37.16 -25.42 25.10
C PRO M 86 -35.82 -26.15 25.20
N ASP M 87 -35.87 -27.46 24.93
CA ASP M 87 -34.62 -28.17 24.66
C ASP M 87 -34.01 -27.67 23.36
N VAL M 88 -32.70 -27.43 23.37
CA VAL M 88 -31.98 -27.11 22.15
C VAL M 88 -31.15 -28.32 21.76
N GLN M 89 -31.52 -28.97 20.67
CA GLN M 89 -30.71 -30.04 20.12
C GLN M 89 -29.55 -29.41 19.35
N THR M 90 -28.35 -30.01 19.46
CA THR M 90 -27.20 -29.55 18.70
C THR M 90 -26.77 -30.64 17.74
N ILE M 91 -26.46 -30.24 16.50
CA ILE M 91 -26.14 -31.18 15.43
C ILE M 91 -24.91 -30.65 14.72
N CYS M 92 -23.79 -31.37 14.83
CA CYS M 92 -22.54 -30.96 14.18
C CYS M 92 -22.47 -31.54 12.77
N ILE M 93 -22.31 -30.67 11.78
CA ILE M 93 -22.02 -31.07 10.41
C ILE M 93 -20.71 -30.40 10.01
N GLY M 94 -19.84 -31.14 9.33
CA GLY M 94 -18.61 -30.51 8.91
C GLY M 94 -17.57 -30.42 10.01
N MET M 95 -17.58 -29.37 10.83
N MET M 95 -17.61 -29.36 10.81
CA MET M 95 -16.57 -29.24 11.89
CA MET M 95 -16.68 -29.22 11.91
C MET M 95 -17.06 -28.31 12.98
C MET M 95 -17.33 -28.43 13.03
N ALA M 96 -16.89 -28.73 14.24
CA ALA M 96 -17.19 -27.93 15.42
C ALA M 96 -15.85 -27.81 16.11
N ALA M 97 -15.20 -26.67 15.98
CA ALA M 97 -13.87 -26.48 16.56
C ALA M 97 -13.92 -25.39 17.61
N SER M 98 -13.14 -25.56 18.68
CA SER M 98 -12.92 -24.49 19.64
C SER M 98 -14.27 -24.13 20.25
N MET M 99 -14.69 -22.87 20.23
CA MET M 99 -15.98 -22.54 20.86
C MET M 99 -17.15 -23.23 20.15
N GLY M 100 -16.95 -23.67 18.90
CA GLY M 100 -17.98 -24.47 18.22
C GLY M 100 -18.20 -25.81 18.88
N SER M 101 -17.13 -26.46 19.33
CA SER M 101 -17.29 -27.74 20.02
C SER M 101 -17.83 -27.54 21.43
N PHE M 102 -17.49 -26.41 22.05
CA PHE M 102 -18.08 -26.07 23.35
C PHE M 102 -19.59 -25.90 23.23
N LEU M 103 -20.06 -25.22 22.19
CA LEU M 103 -21.51 -25.07 22.01
C LEU M 103 -22.18 -26.40 21.64
N LEU M 104 -21.51 -27.27 20.88
CA LEU M 104 -22.06 -28.59 20.58
C LEU M 104 -22.33 -29.38 21.86
N ALA M 105 -21.38 -29.35 22.79
CA ALA M 105 -21.51 -30.06 24.05
C ALA M 105 -22.56 -29.42 24.95
N ALA M 106 -22.98 -28.20 24.63
CA ALA M 106 -23.96 -27.46 25.42
C ALA M 106 -25.41 -27.80 25.08
N GLY M 107 -25.66 -28.62 24.05
CA GLY M 107 -27.03 -28.98 23.71
C GLY M 107 -27.71 -29.81 24.81
N ALA M 108 -29.03 -29.93 24.69
CA ALA M 108 -29.78 -30.73 25.67
C ALA M 108 -29.20 -32.14 25.80
N LYS M 109 -28.97 -32.58 27.03
CA LYS M 109 -28.37 -33.90 27.21
C LYS M 109 -29.30 -34.95 26.63
N GLY M 110 -28.73 -35.88 25.87
CA GLY M 110 -29.45 -36.83 25.06
C GLY M 110 -29.73 -36.36 23.63
N LYS M 111 -29.53 -35.07 23.34
CA LYS M 111 -29.90 -34.53 22.04
C LYS M 111 -28.74 -33.77 21.40
N ARG M 112 -27.50 -34.26 21.62
CA ARG M 112 -26.30 -33.70 21.00
C ARG M 112 -25.79 -34.72 20.00
N PHE M 113 -25.67 -34.32 18.75
CA PHE M 113 -25.42 -35.24 17.65
C PHE M 113 -24.28 -34.75 16.77
N ALA M 114 -23.67 -35.70 16.06
CA ALA M 114 -22.75 -35.34 14.98
C ALA M 114 -22.98 -36.30 13.83
N LEU M 115 -22.84 -35.79 12.61
CA LEU M 115 -22.90 -36.66 11.45
C LEU M 115 -21.56 -37.43 11.38
N PRO M 116 -21.55 -38.57 10.69
CA PRO M 116 -20.43 -39.53 10.85
C PRO M 116 -19.08 -38.98 10.46
N ASN M 117 -19.00 -38.11 9.46
CA ASN M 117 -17.71 -37.59 9.02
C ASN M 117 -17.44 -36.19 9.55
N ALA M 118 -18.26 -35.72 10.48
CA ALA M 118 -18.03 -34.42 11.05
C ALA M 118 -16.81 -34.49 11.97
N GLU M 119 -16.09 -33.41 12.05
CA GLU M 119 -14.91 -33.39 12.92
C GLU M 119 -15.13 -32.44 14.09
N VAL M 120 -14.54 -32.78 15.22
CA VAL M 120 -14.66 -31.99 16.41
C VAL M 120 -13.23 -31.68 16.86
N MET M 121 -12.95 -30.43 17.23
CA MET M 121 -11.61 -30.10 17.72
C MET M 121 -11.72 -29.32 19.03
N ILE M 122 -10.90 -29.70 20.03
CA ILE M 122 -10.90 -28.99 21.29
C ILE M 122 -9.47 -28.50 21.57
N HIS M 123 -9.37 -27.33 22.19
CA HIS M 123 -8.06 -26.78 22.56
C HIS M 123 -8.26 -25.65 23.55
N GLN M 124 -7.15 -25.10 24.05
CA GLN M 124 -7.25 -24.05 25.05
C GLN M 124 -7.44 -22.69 24.38
N PRO M 125 -7.95 -21.70 25.11
CA PRO M 125 -8.18 -20.38 24.51
C PRO M 125 -6.88 -19.68 24.11
N LEU M 126 -7.02 -18.77 23.15
CA LEU M 126 -5.93 -17.97 22.61
C LEU M 126 -6.23 -16.50 22.80
N GLY M 127 -5.19 -15.70 22.91
CA GLY M 127 -5.41 -14.28 23.06
C GLY M 127 -4.10 -13.52 22.90
N GLY M 128 -4.14 -12.29 23.37
CA GLY M 128 -2.95 -11.46 23.27
C GLY M 128 -2.98 -10.42 24.36
N ALA M 129 -1.81 -9.86 24.63
CA ALA M 129 -1.65 -8.85 25.66
C ALA M 129 -0.47 -7.98 25.25
N GLN M 130 -0.60 -6.68 25.44
CA GLN M 130 0.44 -5.73 25.08
C GLN M 130 0.44 -4.62 26.11
N GLY M 131 1.62 -4.13 26.46
CA GLY M 131 1.65 -2.98 27.34
C GLY M 131 2.56 -3.18 28.51
N GLN M 132 2.27 -2.51 29.61
CA GLN M 132 3.11 -2.63 30.79
C GLN M 132 3.02 -4.04 31.38
N ALA M 133 4.08 -4.42 32.12
CA ALA M 133 4.08 -5.70 32.79
C ALA M 133 2.82 -5.90 33.62
N THR M 134 2.34 -4.83 34.30
CA THR M 134 1.11 -4.92 35.07
C THR M 134 -0.09 -5.27 34.19
N GLU M 135 -0.15 -4.69 32.98
CA GLU M 135 -1.25 -4.96 32.06
C GLU M 135 -1.17 -6.37 31.50
N ILE M 136 0.05 -6.84 31.23
CA ILE M 136 0.20 -8.21 30.75
C ILE M 136 -0.22 -9.19 31.83
N GLU M 137 0.11 -8.89 33.10
CA GLU M 137 -0.32 -9.76 34.19
C GLU M 137 -1.85 -9.82 34.29
N ILE M 138 -2.52 -8.67 34.17
CA ILE M 138 -3.99 -8.65 34.22
C ILE M 138 -4.57 -9.48 33.08
N ALA M 139 -4.01 -9.32 31.88
CA ALA M 139 -4.53 -10.06 30.73
C ALA M 139 -4.26 -11.55 30.85
N ALA M 140 -3.09 -11.92 31.36
CA ALA M 140 -2.79 -13.33 31.57
C ALA M 140 -3.73 -13.94 32.60
N ASN M 141 -3.95 -13.24 33.73
CA ASN M 141 -4.85 -13.77 34.73
C ASN M 141 -6.25 -13.95 34.16
N HIS M 142 -6.69 -13.01 33.31
CA HIS M 142 -8.03 -13.10 32.73
C HIS M 142 -8.16 -14.29 31.79
N ILE M 143 -7.17 -14.52 30.93
CA ILE M 143 -7.32 -15.66 30.02
C ILE M 143 -7.17 -16.99 30.76
N LEU M 144 -6.34 -17.03 31.83
CA LEU M 144 -6.24 -18.26 32.61
C LEU M 144 -7.53 -18.56 33.37
N LYS M 145 -8.17 -17.52 33.92
CA LYS M 145 -9.45 -17.72 34.60
C LYS M 145 -10.54 -18.11 33.62
N THR M 146 -10.48 -17.57 32.40
CA THR M 146 -11.42 -17.97 31.36
C THR M 146 -11.23 -19.45 30.99
N ARG M 147 -9.98 -19.90 30.89
CA ARG M 147 -9.75 -21.31 30.62
C ARG M 147 -10.28 -22.20 31.74
N GLU M 148 -10.08 -21.79 33.01
CA GLU M 148 -10.64 -22.54 34.12
C GLU M 148 -12.17 -22.60 34.03
N LYS M 149 -12.80 -21.50 33.63
CA LYS M 149 -14.25 -21.46 33.52
C LYS M 149 -14.74 -22.42 32.43
N LEU M 150 -14.08 -22.39 31.26
CA LEU M 150 -14.44 -23.31 30.17
C LEU M 150 -14.24 -24.76 30.57
N ASN M 151 -13.12 -25.07 31.20
CA ASN M 151 -12.82 -26.44 31.55
C ASN M 151 -13.83 -26.99 32.55
N ARG M 152 -14.24 -26.16 33.53
CA ARG M 152 -15.21 -26.60 34.51
C ARG M 152 -16.56 -26.94 33.87
N ILE M 153 -17.02 -26.08 32.97
CA ILE M 153 -18.29 -26.34 32.29
C ILE M 153 -18.16 -27.57 31.39
N LEU M 154 -17.06 -27.69 30.63
CA LEU M 154 -16.90 -28.86 29.77
C LEU M 154 -16.87 -30.14 30.58
N SER M 155 -16.26 -30.09 31.77
CA SER M 155 -16.25 -31.24 32.66
C SER M 155 -17.67 -31.64 33.04
N GLU M 156 -18.50 -30.67 33.42
CA GLU M 156 -19.86 -30.98 33.78
C GLU M 156 -20.63 -31.56 32.60
N ARG M 157 -20.42 -31.00 31.39
CA ARG M 157 -21.20 -31.42 30.24
C ARG M 157 -20.70 -32.73 29.63
N THR M 158 -19.43 -33.10 29.86
CA THR M 158 -18.90 -34.33 29.28
C THR M 158 -18.77 -35.48 30.26
N GLY M 159 -18.71 -35.21 31.55
CA GLY M 159 -18.39 -36.20 32.54
C GLY M 159 -16.89 -36.41 32.74
N GLN M 160 -16.03 -35.74 31.96
CA GLN M 160 -14.59 -35.85 32.18
C GLN M 160 -14.15 -34.91 33.29
N SER M 161 -13.08 -35.29 33.98
CA SER M 161 -12.53 -34.46 35.04
C SER M 161 -11.90 -33.22 34.47
N ILE M 162 -11.84 -32.16 35.28
CA ILE M 162 -11.15 -30.95 34.85
C ILE M 162 -9.71 -31.26 34.52
N GLU M 163 -9.07 -32.17 35.29
CA GLU M 163 -7.68 -32.52 35.02
C GLU M 163 -7.50 -33.11 33.63
N LYS M 164 -8.42 -33.99 33.22
CA LYS M 164 -8.32 -34.60 31.90
C LYS M 164 -8.56 -33.58 30.79
N ILE M 165 -9.58 -32.71 30.95
CA ILE M 165 -9.87 -31.69 29.96
C ILE M 165 -8.66 -30.78 29.78
N GLN M 166 -8.04 -30.39 30.90
CA GLN M 166 -6.87 -29.55 30.85
C GLN M 166 -5.77 -30.20 30.01
N GLN M 167 -5.52 -31.49 30.25
CA GLN M 167 -4.47 -32.17 29.50
C GLN M 167 -4.80 -32.28 28.02
N ASP M 168 -6.05 -32.60 27.69
CA ASP M 168 -6.46 -32.86 26.32
C ASP M 168 -6.67 -31.60 25.51
N THR M 169 -6.59 -30.42 26.12
CA THR M 169 -6.73 -29.17 25.39
C THR M 169 -5.43 -28.40 25.35
N ASP M 170 -4.33 -28.99 25.83
CA ASP M 170 -3.06 -28.26 25.85
C ASP M 170 -2.62 -27.85 24.45
N ARG M 171 -2.87 -28.72 23.45
CA ARG M 171 -2.61 -28.49 22.04
C ARG M 171 -3.89 -28.82 21.29
N ASP M 172 -3.94 -28.48 20.00
CA ASP M 172 -5.10 -28.84 19.19
C ASP M 172 -5.34 -30.34 19.26
N ASN M 173 -6.57 -30.73 19.53
CA ASN M 173 -6.96 -32.12 19.71
C ASN M 173 -8.13 -32.40 18.78
N PHE M 174 -7.87 -33.12 17.69
CA PHE M 174 -8.91 -33.43 16.70
C PHE M 174 -9.56 -34.76 17.06
N LEU M 175 -10.91 -34.78 17.02
CA LEU M 175 -11.69 -35.96 17.35
C LEU M 175 -12.61 -36.29 16.18
N THR M 176 -12.72 -37.58 15.87
CA THR M 176 -13.82 -37.99 14.99
C THR M 176 -15.16 -37.90 15.72
N ALA M 177 -16.25 -38.02 14.96
CA ALA M 177 -17.56 -38.05 15.60
C ALA M 177 -17.65 -39.20 16.62
N ALA M 178 -17.12 -40.37 16.26
CA ALA M 178 -17.19 -41.50 17.19
C ALA M 178 -16.39 -41.20 18.45
N GLU M 179 -15.21 -40.55 18.29
CA GLU M 179 -14.41 -40.18 19.45
C GLU M 179 -15.10 -39.10 20.29
N ALA M 180 -15.81 -38.19 19.66
CA ALA M 180 -16.51 -37.16 20.43
C ALA M 180 -17.62 -37.78 21.26
N LYS M 181 -18.27 -38.81 20.74
CA LYS M 181 -19.27 -39.51 21.52
C LYS M 181 -18.63 -40.21 22.71
N GLU M 182 -17.51 -40.90 22.45
CA GLU M 182 -16.80 -41.56 23.53
C GLU M 182 -16.37 -40.57 24.61
N TYR M 183 -15.95 -39.38 24.20
CA TYR M 183 -15.49 -38.31 25.09
C TYR M 183 -16.64 -37.70 25.89
N GLY M 184 -17.87 -37.77 25.40
CA GLY M 184 -18.98 -37.12 26.07
C GLY M 184 -19.37 -35.78 25.53
N LEU M 185 -18.78 -35.35 24.40
CA LEU M 185 -19.14 -34.08 23.77
C LEU M 185 -20.48 -34.16 23.04
N ILE M 186 -20.84 -35.34 22.55
CA ILE M 186 -22.13 -35.60 21.92
C ILE M 186 -22.69 -36.88 22.54
N ASP M 187 -23.96 -37.13 22.26
CA ASP M 187 -24.65 -38.32 22.73
C ASP M 187 -24.75 -39.41 21.67
N GLU M 188 -24.88 -39.05 20.39
CA GLU M 188 -25.05 -40.04 19.34
C GLU M 188 -24.42 -39.53 18.04
N VAL M 189 -23.83 -40.46 17.29
CA VAL M 189 -23.49 -40.24 15.88
C VAL M 189 -24.72 -40.63 15.06
N MET M 190 -25.22 -39.68 14.27
CA MET M 190 -26.42 -39.93 13.46
C MET M 190 -26.02 -40.77 12.27
N GLU M 191 -26.43 -42.00 12.24
CA GLU M 191 -26.00 -42.80 11.11
C GLU M 191 -27.05 -42.73 10.01
N PRO M 192 -26.64 -42.94 8.73
CA PRO M 192 -27.56 -42.74 7.61
C PRO M 192 -28.79 -43.64 7.64
N ILE N 4 -29.68 -11.85 11.19
CA ILE N 4 -30.03 -11.71 9.77
C ILE N 4 -31.33 -12.36 9.21
N PRO N 5 -31.99 -13.28 9.92
CA PRO N 5 -33.20 -13.88 9.35
C PRO N 5 -34.43 -12.97 9.46
N THR N 6 -35.44 -13.33 8.66
CA THR N 6 -36.68 -12.59 8.54
C THR N 6 -37.81 -13.46 9.08
N VAL N 7 -38.77 -12.83 9.78
CA VAL N 7 -39.94 -13.49 10.35
C VAL N 7 -41.16 -12.89 9.66
N ILE N 8 -42.01 -13.74 9.09
CA ILE N 8 -43.27 -13.34 8.48
C ILE N 8 -44.44 -13.97 9.24
N ALA N 17 -43.41 -8.63 7.33
CA ALA N 17 -42.05 -9.16 7.32
C ALA N 17 -41.12 -8.32 8.20
N TYR N 18 -40.57 -8.96 9.22
CA TYR N 18 -39.64 -8.32 10.14
C TYR N 18 -38.27 -8.97 10.03
N ASP N 19 -37.21 -8.20 10.13
CA ASP N 19 -35.99 -8.89 10.50
C ASP N 19 -36.07 -9.28 11.97
N ILE N 20 -35.17 -10.16 12.41
CA ILE N 20 -35.32 -10.74 13.75
C ILE N 20 -35.27 -9.66 14.83
N TYR N 21 -34.44 -8.61 14.64
CA TYR N 21 -34.36 -7.57 15.67
C TYR N 21 -35.61 -6.72 15.70
N SER N 22 -36.17 -6.39 14.53
CA SER N 22 -37.43 -5.65 14.48
C SER N 22 -38.56 -6.46 15.12
N ARG N 23 -38.52 -7.79 14.95
CA ARG N 23 -39.53 -8.65 15.57
C ARG N 23 -39.42 -8.61 17.10
N LEU N 24 -38.19 -8.58 17.62
CA LEU N 24 -38.04 -8.44 19.07
C LEU N 24 -38.46 -7.06 19.55
N LEU N 25 -38.22 -6.02 18.74
CA LEU N 25 -38.61 -4.68 19.17
C LEU N 25 -40.10 -4.58 19.35
N LYS N 26 -40.86 -5.30 18.52
CA LYS N 26 -42.31 -5.38 18.66
C LYS N 26 -42.70 -5.86 20.05
N ASP N 27 -41.84 -6.66 20.68
CA ASP N 27 -42.06 -7.13 22.04
C ASP N 27 -41.27 -6.32 23.08
N ARG N 28 -40.85 -5.10 22.72
CA ARG N 28 -40.17 -4.16 23.62
C ARG N 28 -38.78 -4.64 24.03
N ILE N 29 -38.11 -5.38 23.16
CA ILE N 29 -36.75 -5.87 23.40
C ILE N 29 -35.83 -5.13 22.47
N ILE N 30 -34.78 -4.53 23.03
CA ILE N 30 -33.74 -3.82 22.29
C ILE N 30 -32.45 -4.59 22.50
N MET N 31 -31.73 -4.89 21.43
CA MET N 31 -30.50 -5.65 21.51
C MET N 31 -29.33 -4.69 21.26
N LEU N 32 -28.49 -4.51 22.27
CA LEU N 32 -27.25 -3.74 22.15
C LEU N 32 -26.14 -4.77 22.04
N GLY N 33 -25.65 -4.99 20.82
CA GLY N 33 -24.70 -6.07 20.60
C GLY N 33 -23.47 -5.66 19.84
N SER N 34 -22.99 -4.43 20.06
CA SER N 34 -21.85 -3.94 19.33
C SER N 34 -21.16 -2.88 20.15
N GLN N 35 -20.05 -2.35 19.60
CA GLN N 35 -19.44 -1.16 20.16
C GLN N 35 -20.45 -0.01 20.13
N ILE N 36 -20.31 0.90 21.07
CA ILE N 36 -21.21 2.05 21.21
C ILE N 36 -20.57 3.25 20.54
N ASP N 37 -21.16 3.70 19.43
CA ASP N 37 -20.75 4.94 18.78
C ASP N 37 -22.01 5.78 18.56
N ASP N 38 -21.87 6.91 17.89
CA ASP N 38 -23.03 7.81 17.75
C ASP N 38 -24.15 7.14 16.95
N ASN N 39 -23.82 6.34 15.94
CA ASN N 39 -24.84 5.67 15.13
C ASN N 39 -25.61 4.66 15.97
N VAL N 40 -24.90 3.84 16.76
CA VAL N 40 -25.56 2.88 17.63
C VAL N 40 -26.44 3.59 18.65
N ALA N 41 -25.92 4.67 19.25
CA ALA N 41 -26.72 5.38 20.24
C ALA N 41 -27.92 6.07 19.58
N ASN N 42 -27.74 6.64 18.39
CA ASN N 42 -28.87 7.22 17.68
C ASN N 42 -29.99 6.19 17.54
N SER N 43 -29.63 4.95 17.19
CA SER N 43 -30.62 3.91 16.98
C SER N 43 -31.28 3.48 18.28
N ILE N 44 -30.47 3.28 19.33
CA ILE N 44 -31.01 2.83 20.60
C ILE N 44 -31.93 3.90 21.18
N VAL N 45 -31.50 5.16 21.13
CA VAL N 45 -32.33 6.25 21.66
C VAL N 45 -33.64 6.31 20.91
N SER N 46 -33.59 6.18 19.59
CA SER N 46 -34.82 6.21 18.80
C SER N 46 -35.74 5.05 19.17
N GLN N 47 -35.18 3.86 19.41
CA GLN N 47 -36.00 2.73 19.82
C GLN N 47 -36.63 2.94 21.19
N LEU N 48 -35.87 3.52 22.14
CA LEU N 48 -36.43 3.83 23.45
C LEU N 48 -37.57 4.85 23.34
N LEU N 49 -37.35 5.91 22.55
CA LEU N 49 -38.39 6.93 22.41
C LEU N 49 -39.63 6.36 21.75
N PHE N 50 -39.44 5.50 20.75
CA PHE N 50 -40.57 4.86 20.09
C PHE N 50 -41.34 3.96 21.05
N LEU N 51 -40.62 3.16 21.83
CA LEU N 51 -41.28 2.25 22.75
C LEU N 51 -42.06 3.02 23.82
N GLN N 52 -41.49 4.12 24.32
CA GLN N 52 -42.24 4.92 25.30
C GLN N 52 -43.53 5.47 24.68
N ALA N 53 -43.45 5.94 23.42
CA ALA N 53 -44.63 6.48 22.76
C ALA N 53 -45.70 5.42 22.55
N GLN N 54 -45.29 4.17 22.33
CA GLN N 54 -46.26 3.09 22.15
C GLN N 54 -46.98 2.78 23.45
N ASP N 55 -46.25 2.75 24.56
CA ASP N 55 -46.81 2.43 25.87
C ASP N 55 -45.84 2.97 26.93
N SER N 56 -46.29 3.95 27.70
CA SER N 56 -45.39 4.58 28.67
C SER N 56 -45.31 3.81 29.99
N GLU N 57 -46.07 2.72 30.14
CA GLU N 57 -46.10 1.95 31.38
C GLU N 57 -45.33 0.64 31.31
N LYS N 58 -45.30 -0.03 30.16
CA LYS N 58 -44.71 -1.36 30.07
C LYS N 58 -43.19 -1.30 30.10
N ASP N 59 -42.60 -2.30 30.74
CA ASP N 59 -41.14 -2.38 30.80
C ASP N 59 -40.56 -2.54 29.40
N ILE N 60 -39.32 -2.09 29.27
CA ILE N 60 -38.48 -2.29 28.10
C ILE N 60 -37.34 -3.17 28.55
N TYR N 61 -36.85 -4.03 27.66
CA TYR N 61 -35.76 -4.95 27.96
C TYR N 61 -34.60 -4.63 27.06
N LEU N 62 -33.47 -4.28 27.67
CA LEU N 62 -32.26 -3.92 26.94
C LEU N 62 -31.22 -5.00 27.18
N TYR N 63 -30.98 -5.85 26.18
CA TYR N 63 -29.90 -6.81 26.27
C TYR N 63 -28.58 -6.16 25.91
N ILE N 64 -27.53 -6.48 26.68
CA ILE N 64 -26.23 -5.85 26.47
C ILE N 64 -25.17 -6.92 26.28
N ASN N 65 -24.54 -6.92 25.11
CA ASN N 65 -23.30 -7.66 24.82
C ASN N 65 -22.40 -6.67 24.08
N SER N 66 -21.54 -5.96 24.81
CA SER N 66 -20.83 -4.83 24.20
C SER N 66 -19.45 -4.62 24.79
N PRO N 67 -18.46 -4.36 23.96
CA PRO N 67 -17.12 -4.00 24.47
C PRO N 67 -17.02 -2.57 24.94
N GLY N 68 -18.08 -1.78 24.83
CA GLY N 68 -18.02 -0.40 25.24
C GLY N 68 -17.96 0.56 24.09
N GLY N 69 -17.39 1.73 24.30
CA GLY N 69 -17.29 2.65 23.20
C GLY N 69 -17.25 4.08 23.70
N SER N 70 -17.81 4.97 22.89
CA SER N 70 -17.75 6.40 23.13
C SER N 70 -18.52 6.77 24.40
N VAL N 71 -17.90 7.60 25.24
CA VAL N 71 -18.56 8.02 26.48
C VAL N 71 -19.78 8.90 26.18
N THR N 72 -19.66 9.86 25.25
CA THR N 72 -20.80 10.73 24.99
C THR N 72 -21.95 9.96 24.34
N ALA N 73 -21.62 9.01 23.46
CA ALA N 73 -22.65 8.16 22.88
C ALA N 73 -23.35 7.32 23.93
N GLY N 74 -22.59 6.79 24.89
CA GLY N 74 -23.21 6.06 25.98
C GLY N 74 -24.09 6.94 26.85
N PHE N 75 -23.71 8.21 27.04
CA PHE N 75 -24.56 9.08 27.85
C PHE N 75 -25.83 9.48 27.10
N ALA N 76 -25.80 9.51 25.78
CA ALA N 76 -27.06 9.71 25.06
C ALA N 76 -28.03 8.60 25.41
N ILE N 77 -27.54 7.36 25.48
CA ILE N 77 -28.38 6.24 25.87
C ILE N 77 -28.73 6.33 27.34
N TYR N 78 -27.72 6.58 28.21
CA TYR N 78 -27.96 6.64 29.65
C TYR N 78 -29.04 7.65 29.98
N ASP N 79 -28.92 8.88 29.46
CA ASP N 79 -29.91 9.91 29.80
C ASP N 79 -31.28 9.59 29.24
N THR N 80 -31.36 8.93 28.09
CA THR N 80 -32.68 8.59 27.57
C THR N 80 -33.34 7.55 28.47
N ILE N 81 -32.57 6.55 28.93
CA ILE N 81 -33.10 5.57 29.87
C ILE N 81 -33.67 6.25 31.11
N GLN N 82 -32.94 7.21 31.68
CA GLN N 82 -33.42 7.86 32.90
C GLN N 82 -34.57 8.81 32.61
N HIS N 83 -34.65 9.35 31.40
CA HIS N 83 -35.66 10.34 31.09
C HIS N 83 -37.03 9.71 30.86
N ILE N 84 -37.09 8.57 30.17
CA ILE N 84 -38.40 8.03 29.78
C ILE N 84 -39.11 7.42 30.97
N LYS N 85 -40.43 7.30 30.83
CA LYS N 85 -41.26 6.77 31.92
C LYS N 85 -41.08 5.26 32.14
N PRO N 86 -41.06 4.41 31.11
CA PRO N 86 -40.94 2.97 31.36
C PRO N 86 -39.66 2.61 32.10
N ASP N 87 -39.76 1.58 32.95
CA ASP N 87 -38.55 0.94 33.47
C ASP N 87 -37.81 0.25 32.34
N VAL N 88 -36.48 0.41 32.30
CA VAL N 88 -35.64 -0.28 31.32
C VAL N 88 -34.85 -1.34 32.06
N GLN N 89 -35.20 -2.60 31.85
CA GLN N 89 -34.44 -3.70 32.42
C GLN N 89 -33.19 -3.88 31.58
N THR N 90 -32.07 -4.15 32.24
CA THR N 90 -30.83 -4.44 31.55
C THR N 90 -30.42 -5.88 31.82
N ILE N 91 -29.96 -6.57 30.77
CA ILE N 91 -29.62 -7.98 30.85
C ILE N 91 -28.29 -8.14 30.12
N CYS N 92 -27.24 -8.47 30.87
CA CYS N 92 -25.92 -8.69 30.26
C CYS N 92 -25.81 -10.14 29.82
N ILE N 93 -25.50 -10.35 28.54
CA ILE N 93 -25.16 -11.65 28.00
C ILE N 93 -23.78 -11.52 27.37
N GLY N 94 -22.92 -12.51 27.59
CA GLY N 94 -21.60 -12.45 27.01
C GLY N 94 -20.67 -11.54 27.79
N MET N 95 -20.60 -10.27 27.42
CA MET N 95 -19.68 -9.33 28.06
C MET N 95 -20.30 -7.95 28.05
N ALA N 96 -20.23 -7.27 29.19
CA ALA N 96 -20.53 -5.83 29.28
C ALA N 96 -19.26 -5.19 29.81
N ALA N 97 -18.50 -4.56 28.92
CA ALA N 97 -17.23 -3.95 29.28
C ALA N 97 -17.29 -2.44 29.05
N SER N 98 -16.59 -1.70 29.90
CA SER N 98 -16.34 -0.27 29.73
C SER N 98 -17.71 0.41 29.70
N MET N 99 -18.02 1.23 28.69
CA MET N 99 -19.31 1.91 28.71
C MET N 99 -20.47 0.92 28.67
N GLY N 100 -20.20 -0.30 28.21
CA GLY N 100 -21.22 -1.34 28.27
C GLY N 100 -21.61 -1.72 29.69
N SER N 101 -20.64 -1.81 30.60
CA SER N 101 -21.00 -2.13 31.98
C SER N 101 -21.62 -0.93 32.67
N PHE N 102 -21.24 0.29 32.23
CA PHE N 102 -21.88 1.50 32.73
C PHE N 102 -23.36 1.51 32.40
N LEU N 103 -23.70 1.17 31.15
CA LEU N 103 -25.11 1.10 30.79
C LEU N 103 -25.82 -0.07 31.47
N LEU N 104 -25.14 -1.18 31.70
CA LEU N 104 -25.77 -2.28 32.45
C LEU N 104 -26.21 -1.82 33.84
N ALA N 105 -25.34 -1.09 34.54
CA ALA N 105 -25.66 -0.56 35.86
C ALA N 105 -26.72 0.54 35.82
N ALA N 106 -27.03 1.06 34.64
CA ALA N 106 -27.98 2.15 34.51
C ALA N 106 -29.44 1.67 34.40
N GLY N 107 -29.66 0.36 34.31
CA GLY N 107 -31.01 -0.17 34.21
C GLY N 107 -31.81 0.09 35.47
N ALA N 108 -33.13 -0.10 35.37
CA ALA N 108 -34.00 0.14 36.52
C ALA N 108 -33.54 -0.64 37.74
N LYS N 109 -33.46 0.04 38.88
CA LYS N 109 -33.00 -0.61 40.11
C LYS N 109 -33.93 -1.77 40.45
N GLY N 110 -33.33 -2.93 40.74
CA GLY N 110 -34.06 -4.17 40.88
C GLY N 110 -34.20 -4.96 39.60
N LYS N 111 -33.90 -4.38 38.44
CA LYS N 111 -34.13 -5.04 37.15
C LYS N 111 -32.86 -5.05 36.32
N ARG N 112 -31.71 -5.17 36.96
CA ARG N 112 -30.43 -5.29 36.27
C ARG N 112 -29.91 -6.70 36.49
N PHE N 113 -29.62 -7.38 35.39
CA PHE N 113 -29.33 -8.81 35.42
C PHE N 113 -28.10 -9.11 34.60
N ALA N 114 -27.48 -10.22 34.94
CA ALA N 114 -26.48 -10.86 34.09
C ALA N 114 -26.74 -12.36 34.10
N LEU N 115 -26.50 -12.99 32.97
CA LEU N 115 -26.55 -14.44 32.90
C LEU N 115 -25.31 -15.02 33.60
N PRO N 116 -25.37 -16.28 34.01
CA PRO N 116 -24.36 -16.77 34.98
C PRO N 116 -22.94 -16.69 34.49
N ASN N 117 -22.70 -16.89 33.19
CA ASN N 117 -21.34 -16.88 32.66
C ASN N 117 -20.99 -15.61 31.90
N ALA N 118 -21.83 -14.59 31.98
CA ALA N 118 -21.54 -13.29 31.40
C ALA N 118 -20.42 -12.62 32.19
N GLU N 119 -19.62 -11.82 31.51
CA GLU N 119 -18.51 -11.14 32.16
C GLU N 119 -18.75 -9.64 32.16
N VAL N 120 -18.27 -8.97 33.20
CA VAL N 120 -18.40 -7.53 33.32
C VAL N 120 -16.99 -6.98 33.52
N MET N 121 -16.65 -5.91 32.82
CA MET N 121 -15.33 -5.30 33.01
C MET N 121 -15.48 -3.81 33.20
N ILE N 122 -14.76 -3.25 34.18
CA ILE N 122 -14.80 -1.83 34.44
C ILE N 122 -13.37 -1.29 34.36
N HIS N 123 -13.24 -0.08 33.85
CA HIS N 123 -11.94 0.56 33.79
C HIS N 123 -12.12 2.05 33.52
N GLN N 124 -11.01 2.79 33.54
CA GLN N 124 -11.12 4.22 33.35
C GLN N 124 -11.17 4.59 31.88
N PRO N 125 -11.62 5.80 31.55
CA PRO N 125 -11.71 6.19 30.14
C PRO N 125 -10.35 6.31 29.46
N LEU N 126 -10.37 6.14 28.15
CA LEU N 126 -9.20 6.24 27.29
C LEU N 126 -9.42 7.34 26.27
N GLY N 127 -8.33 7.95 25.84
CA GLY N 127 -8.47 9.00 24.87
C GLY N 127 -7.12 9.37 24.32
N GLY N 128 -7.08 10.53 23.71
CA GLY N 128 -5.84 11.01 23.12
C GLY N 128 -5.85 12.51 23.08
N ALA N 129 -4.66 13.08 22.90
CA ALA N 129 -4.50 14.52 22.80
C ALA N 129 -3.27 14.77 21.96
N GLN N 130 -3.36 15.75 21.07
CA GLN N 130 -2.21 16.10 20.26
C GLN N 130 -2.23 17.59 19.98
N GLY N 131 -1.06 18.21 20.00
CA GLY N 131 -1.00 19.60 19.65
C GLY N 131 -0.18 20.38 20.65
N GLN N 132 -0.50 21.66 20.79
CA GLN N 132 0.23 22.52 21.73
C GLN N 132 -0.02 22.06 23.16
N ALA N 133 0.93 22.41 24.04
CA ALA N 133 0.77 22.10 25.47
C ALA N 133 -0.57 22.61 26.00
N THR N 134 -0.98 23.81 25.59
CA THR N 134 -2.26 24.36 26.03
C THR N 134 -3.43 23.46 25.58
N GLU N 135 -3.34 22.91 24.37
CA GLU N 135 -4.39 22.02 23.86
C GLU N 135 -4.36 20.69 24.59
N ILE N 136 -3.17 20.19 24.93
CA ILE N 136 -3.10 18.92 25.65
C ILE N 136 -3.68 19.10 27.05
N GLU N 137 -3.41 20.23 27.68
CA GLU N 137 -3.97 20.50 29.00
C GLU N 137 -5.49 20.54 28.95
N ILE N 138 -6.06 21.20 27.93
CA ILE N 138 -7.51 21.23 27.80
C ILE N 138 -8.06 19.83 27.60
N ALA N 139 -7.38 19.02 26.77
CA ALA N 139 -7.87 17.68 26.53
C ALA N 139 -7.72 16.81 27.78
N ALA N 140 -6.61 16.99 28.52
CA ALA N 140 -6.43 16.25 29.76
C ALA N 140 -7.50 16.62 30.79
N ASN N 141 -7.75 17.93 30.96
CA ASN N 141 -8.78 18.35 31.91
C ASN N 141 -10.15 17.80 31.52
N HIS N 142 -10.44 17.74 30.23
CA HIS N 142 -11.73 17.23 29.80
C HIS N 142 -11.89 15.74 30.13
N ILE N 143 -10.85 14.93 29.85
CA ILE N 143 -11.01 13.50 30.11
C ILE N 143 -11.00 13.23 31.62
N LEU N 144 -10.29 14.02 32.39
CA LEU N 144 -10.33 13.83 33.84
C LEU N 144 -11.70 14.20 34.39
N LYS N 145 -12.29 15.27 33.87
CA LYS N 145 -13.63 15.65 34.33
C LYS N 145 -14.65 14.61 33.90
N THR N 146 -14.45 14.03 32.72
CA THR N 146 -15.31 12.94 32.28
C THR N 146 -15.19 11.72 33.21
N ARG N 147 -13.97 11.39 33.65
CA ARG N 147 -13.85 10.28 34.59
C ARG N 147 -14.56 10.58 35.91
N GLU N 148 -14.40 11.80 36.42
CA GLU N 148 -15.09 12.16 37.66
C GLU N 148 -16.61 12.00 37.51
N LYS N 149 -17.16 12.42 36.36
CA LYS N 149 -18.59 12.30 36.12
C LYS N 149 -19.02 10.83 36.09
N LEU N 150 -18.26 10.00 35.36
CA LEU N 150 -18.58 8.57 35.33
C LEU N 150 -18.52 7.95 36.71
N ASN N 151 -17.49 8.28 37.49
CA ASN N 151 -17.33 7.69 38.81
C ASN N 151 -18.46 8.12 39.73
N ARG N 152 -18.87 9.39 39.63
CA ARG N 152 -19.95 9.87 40.51
C ARG N 152 -21.23 9.09 40.26
N ILE N 153 -21.57 8.89 38.99
CA ILE N 153 -22.79 8.16 38.65
C ILE N 153 -22.66 6.69 39.02
N LEU N 154 -21.53 6.05 38.71
CA LEU N 154 -21.38 4.65 39.07
C LEU N 154 -21.48 4.46 40.58
N SER N 155 -20.96 5.43 41.35
CA SER N 155 -21.12 5.40 42.81
C SER N 155 -22.59 5.39 43.21
N GLU N 156 -23.39 6.27 42.60
CA GLU N 156 -24.82 6.33 42.90
C GLU N 156 -25.55 5.04 42.51
N ARG N 157 -25.19 4.43 41.38
CA ARG N 157 -25.93 3.27 40.91
C ARG N 157 -25.47 1.98 41.60
N THR N 158 -24.24 1.94 42.14
CA THR N 158 -23.74 0.73 42.78
C THR N 158 -23.75 0.79 44.29
N GLY N 159 -23.74 1.98 44.88
CA GLY N 159 -23.54 2.10 46.31
C GLY N 159 -22.10 2.11 46.76
N GLN N 160 -21.13 1.98 45.85
CA GLN N 160 -19.73 2.05 46.24
C GLN N 160 -19.28 3.50 46.34
N SER N 161 -18.28 3.74 47.19
CA SER N 161 -17.75 5.09 47.29
C SER N 161 -17.01 5.46 46.00
N ILE N 162 -16.94 6.77 45.74
CA ILE N 162 -16.19 7.24 44.57
C ILE N 162 -14.73 6.83 44.66
N GLU N 163 -14.15 6.87 45.86
CA GLU N 163 -12.76 6.49 46.02
C GLU N 163 -12.53 5.02 45.69
N LYS N 164 -13.46 4.15 46.07
CA LYS N 164 -13.32 2.74 45.69
C LYS N 164 -13.48 2.56 44.19
N ILE N 165 -14.44 3.27 43.58
CA ILE N 165 -14.59 3.17 42.13
C ILE N 165 -13.31 3.62 41.44
N GLN N 166 -12.72 4.72 41.89
CA GLN N 166 -11.48 5.20 41.30
C GLN N 166 -10.39 4.13 41.36
N GLN N 167 -10.22 3.53 42.55
CA GLN N 167 -9.21 2.50 42.75
C GLN N 167 -9.47 1.28 41.87
N ASP N 168 -10.72 0.84 41.79
CA ASP N 168 -11.03 -0.38 41.08
C ASP N 168 -11.06 -0.21 39.57
N THR N 169 -10.97 1.01 39.07
CA THR N 169 -10.97 1.23 37.63
C THR N 169 -9.63 1.74 37.12
N ASP N 170 -8.61 1.75 37.96
CA ASP N 170 -7.30 2.24 37.54
C ASP N 170 -6.75 1.42 36.38
N ARG N 171 -6.98 0.11 36.41
CA ARG N 171 -6.64 -0.80 35.32
C ARG N 171 -7.86 -1.66 35.02
N ASP N 172 -7.77 -2.45 33.94
CA ASP N 172 -8.87 -3.35 33.59
C ASP N 172 -9.20 -4.25 34.76
N ASN N 173 -10.48 -4.27 35.12
CA ASN N 173 -10.98 -5.04 36.25
C ASN N 173 -12.10 -5.94 35.75
N PHE N 174 -11.82 -7.24 35.64
CA PHE N 174 -12.79 -8.22 35.16
C PHE N 174 -13.57 -8.81 36.32
N LEU N 175 -14.90 -8.85 36.19
CA LEU N 175 -15.79 -9.38 37.22
C LEU N 175 -16.65 -10.48 36.62
N THR N 176 -16.84 -11.55 37.39
CA THR N 176 -17.87 -12.52 37.05
C THR N 176 -19.25 -11.92 37.31
N ALA N 177 -20.29 -12.63 36.87
CA ALA N 177 -21.65 -12.15 37.15
C ALA N 177 -21.91 -12.06 38.65
N ALA N 178 -21.46 -13.06 39.41
CA ALA N 178 -21.67 -13.04 40.84
C ALA N 178 -20.90 -11.90 41.50
N GLU N 179 -19.67 -11.62 41.02
CA GLU N 179 -18.92 -10.48 41.54
C GLU N 179 -19.59 -9.16 41.16
N ALA N 180 -20.22 -9.11 39.98
CA ALA N 180 -20.90 -7.88 39.55
C ALA N 180 -22.08 -7.57 40.45
N LYS N 181 -22.81 -8.61 40.88
CA LYS N 181 -23.91 -8.44 41.82
C LYS N 181 -23.41 -7.97 43.18
N GLU N 182 -22.36 -8.62 43.70
CA GLU N 182 -21.77 -8.19 44.96
C GLU N 182 -21.29 -6.74 44.88
N TYR N 183 -20.78 -6.34 43.72
CA TYR N 183 -20.29 -4.98 43.54
C TYR N 183 -21.42 -3.96 43.48
N GLY N 184 -22.62 -4.37 43.11
CA GLY N 184 -23.73 -3.46 42.92
C GLY N 184 -23.99 -3.04 41.50
N LEU N 185 -23.30 -3.61 40.51
CA LEU N 185 -23.52 -3.27 39.10
C LEU N 185 -24.79 -3.89 38.55
N ILE N 186 -25.20 -5.04 39.10
CA ILE N 186 -26.47 -5.70 38.77
C ILE N 186 -27.17 -6.05 40.07
N ASP N 187 -28.43 -6.42 39.95
CA ASP N 187 -29.23 -6.82 41.09
C ASP N 187 -29.30 -8.32 41.25
N GLU N 188 -29.27 -9.10 40.15
CA GLU N 188 -29.40 -10.54 40.28
C GLU N 188 -28.69 -11.24 39.14
N VAL N 189 -28.16 -12.43 39.44
CA VAL N 189 -27.71 -13.35 38.42
C VAL N 189 -28.93 -14.16 38.00
N MET N 190 -29.30 -14.04 36.73
CA MET N 190 -30.51 -14.65 36.20
C MET N 190 -30.25 -16.14 35.95
N GLU N 191 -30.94 -16.99 36.71
CA GLU N 191 -30.80 -18.44 36.66
C GLU N 191 -31.85 -19.05 35.73
N PRO N 192 -31.58 -20.27 35.22
CA PRO N 192 -32.41 -20.92 34.18
C PRO N 192 -33.91 -21.15 34.48
#